data_3A9T
#
_entry.id   3A9T
#
_cell.length_a   144.858
_cell.length_b   127.672
_cell.length_c   110.202
_cell.angle_alpha   90.00
_cell.angle_beta   90.00
_cell.angle_gamma   90.00
#
_symmetry.space_group_name_H-M   'P 21 21 2'
#
loop_
_entity.id
_entity.type
_entity.pdbx_description
1 polymer 'D-arabinose isomerase'
2 non-polymer FUCITOL
3 non-polymer 'MANGANESE (II) ION'
4 water water
#
_entity_poly.entity_id   1
_entity_poly.type   'polypeptide(L)'
_entity_poly.pdbx_seq_one_letter_code
;MAKDPRYVGNLPKIGIRPTIDGRRKGVRESLEETTMNMAKAVAKLLEENVFYYNGQPVECVIADTCIGGVKEAAEAAEKF
AREGVGVSITVTPCWCYGTETMDMDPHIPKAVWGFNGTERPGAVYLAAVLAGYNQKGLPAFGIYGKDVQDAGDTNIPEDV
KEKLIRFAKAGLAVAMMKGKSYLSIGSVSMGIAGSVVQEDFFQNYLGMRNEYVDMSEFVRRIELGIYDKEEYERALKWVK
ENCKVGPDNNRDGFKRTEEQKEKDWEISVKMALIARDLMVGNKKLEEMGYGEEALGRNAIVAGFQGQRQWTDYFPNGDFM
ETILNSSFDWNGKRAPYIFATENDNLNGISMLFGYLLTNTAQIFADVRTYWSPEAVKRVTGYTLEGRAANGIIHLINSGA
AALDGTGEQTKDGKPVIKPYYELTDEDIKKCLEATQFRPASTEYFRGGGYSTDFLTKGGMPVTISRLNIVKGLGPVLQIA
EGYTVDLPEEVHDVLDKRTDPTWPTTWFVPNLTGEGAFKDVYSVMNNWGANHCSISYGHIGADLITLASILRIPVNMHNV
PEEKIFRPDAWSMFGTKDLEGADYRACKKLGPIYK
;
_entity_poly.pdbx_strand_id   A,B,C
#
# COMPACT_ATOMS: atom_id res chain seq x y z
N ALA A 2 -0.30 -15.08 40.75
CA ALA A 2 -1.58 -14.78 41.45
C ALA A 2 -2.77 -15.44 40.76
N LYS A 3 -3.77 -15.83 41.53
CA LYS A 3 -4.96 -16.48 41.00
C LYS A 3 -5.91 -15.45 40.42
N ASP A 4 -6.52 -15.76 39.28
CA ASP A 4 -7.47 -14.82 38.69
C ASP A 4 -8.71 -14.94 39.58
N PRO A 5 -9.15 -13.83 40.20
CA PRO A 5 -10.31 -13.78 41.08
C PRO A 5 -11.66 -14.17 40.51
N ARG A 6 -11.87 -13.96 39.21
CA ARG A 6 -13.15 -14.26 38.58
C ARG A 6 -13.14 -15.45 37.60
N TYR A 7 -12.03 -15.63 36.89
CA TYR A 7 -11.93 -16.69 35.89
C TYR A 7 -11.05 -17.88 36.26
N VAL A 8 -11.29 -19.01 35.62
CA VAL A 8 -10.52 -20.21 35.86
C VAL A 8 -9.03 -19.97 35.62
N GLY A 9 -8.19 -20.61 36.43
CA GLY A 9 -6.75 -20.46 36.28
C GLY A 9 -6.18 -19.23 36.98
N ASN A 10 -4.92 -18.94 36.66
CA ASN A 10 -4.22 -17.79 37.24
C ASN A 10 -4.10 -16.64 36.25
N LEU A 11 -3.54 -15.54 36.72
CA LEU A 11 -3.32 -14.37 35.88
C LEU A 11 -1.99 -14.55 35.13
N PRO A 12 -1.93 -14.10 33.87
CA PRO A 12 -0.70 -14.23 33.08
C PRO A 12 0.49 -13.56 33.75
N LYS A 13 1.65 -14.19 33.60
CA LYS A 13 2.90 -13.65 34.16
C LYS A 13 3.83 -13.26 33.02
N ILE A 14 4.74 -12.33 33.32
CA ILE A 14 5.71 -11.86 32.35
C ILE A 14 7.05 -12.53 32.65
N GLY A 15 7.66 -13.14 31.64
CA GLY A 15 8.93 -13.80 31.85
C GLY A 15 10.09 -12.98 31.30
N ILE A 16 11.17 -12.90 32.06
CA ILE A 16 12.35 -12.15 31.63
C ILE A 16 13.49 -13.13 31.30
N ARG A 17 14.04 -13.00 30.10
CA ARG A 17 15.11 -13.88 29.64
C ARG A 17 16.44 -13.11 29.53
N PRO A 18 17.37 -13.36 30.46
CA PRO A 18 18.68 -12.68 30.43
C PRO A 18 19.64 -13.43 29.51
N THR A 19 19.79 -12.96 28.28
CA THR A 19 20.70 -13.63 27.34
C THR A 19 22.13 -13.13 27.51
N ILE A 20 23.09 -14.01 27.30
CA ILE A 20 24.50 -13.67 27.49
C ILE A 20 25.39 -14.37 26.46
N ASP A 21 26.64 -13.96 26.41
CA ASP A 21 27.63 -14.56 25.50
C ASP A 21 28.01 -15.89 26.17
N GLY A 22 27.81 -16.99 25.47
CA GLY A 22 28.13 -18.30 26.02
C GLY A 22 29.61 -18.56 26.30
N ARG A 23 30.48 -17.77 25.68
CA ARG A 23 31.93 -17.92 25.84
C ARG A 23 32.43 -17.71 27.26
N ARG A 24 32.98 -18.77 27.86
CA ARG A 24 33.53 -18.67 29.20
C ARG A 24 34.98 -18.24 29.02
N LYS A 25 35.84 -18.53 30.00
CA LYS A 25 37.25 -18.16 29.92
C LYS A 25 37.42 -16.66 30.05
N GLY A 26 36.37 -15.96 30.45
CA GLY A 26 36.47 -14.53 30.61
C GLY A 26 35.24 -13.69 30.32
N VAL A 27 34.65 -13.87 29.15
CA VAL A 27 33.49 -13.08 28.77
C VAL A 27 32.26 -13.24 29.66
N ARG A 28 31.66 -14.44 29.64
CA ARG A 28 30.47 -14.67 30.44
C ARG A 28 30.62 -14.44 31.94
N GLU A 29 31.73 -14.89 32.51
CA GLU A 29 31.97 -14.74 33.94
C GLU A 29 31.85 -13.29 34.37
N SER A 30 32.18 -12.38 33.47
CA SER A 30 32.14 -10.96 33.77
C SER A 30 30.82 -10.26 33.42
N LEU A 31 29.87 -11.00 32.84
CA LEU A 31 28.60 -10.41 32.44
C LEU A 31 27.33 -10.94 33.14
N GLU A 32 27.44 -12.02 33.89
CA GLU A 32 26.26 -12.57 34.56
C GLU A 32 25.56 -11.59 35.49
N GLU A 33 26.33 -10.94 36.36
CA GLU A 33 25.77 -9.98 37.31
C GLU A 33 25.04 -8.84 36.61
N THR A 34 25.72 -8.23 35.65
CA THR A 34 25.14 -7.12 34.89
C THR A 34 23.85 -7.51 34.17
N THR A 35 23.87 -8.70 33.55
CA THR A 35 22.72 -9.18 32.79
C THR A 35 21.53 -9.41 33.72
N MET A 36 21.77 -10.16 34.78
CA MET A 36 20.74 -10.43 35.76
C MET A 36 20.16 -9.12 36.29
N ASN A 37 21.02 -8.12 36.49
CA ASN A 37 20.61 -6.82 36.97
C ASN A 37 19.64 -6.13 36.00
N MET A 38 19.83 -6.35 34.71
CA MET A 38 18.93 -5.77 33.71
C MET A 38 17.55 -6.42 33.92
N ALA A 39 17.57 -7.73 34.04
CA ALA A 39 16.35 -8.49 34.24
C ALA A 39 15.64 -8.00 35.49
N LYS A 40 16.39 -7.87 36.58
CA LYS A 40 15.84 -7.40 37.84
C LYS A 40 15.27 -5.99 37.68
N ALA A 41 15.99 -5.14 36.95
CA ALA A 41 15.55 -3.77 36.73
C ALA A 41 14.23 -3.72 35.95
N VAL A 42 14.13 -4.58 34.94
CA VAL A 42 12.92 -4.64 34.12
C VAL A 42 11.73 -5.17 34.92
N ALA A 43 11.97 -6.15 35.79
CA ALA A 43 10.91 -6.71 36.60
C ALA A 43 10.41 -5.65 37.58
N LYS A 44 11.34 -4.95 38.23
CA LYS A 44 10.98 -3.89 39.18
C LYS A 44 10.19 -2.80 38.47
N LEU A 45 10.62 -2.43 37.27
CA LEU A 45 9.92 -1.39 36.52
C LEU A 45 8.48 -1.78 36.24
N LEU A 46 8.30 -3.00 35.72
CA LEU A 46 6.98 -3.51 35.37
C LEU A 46 6.03 -3.69 36.55
N GLU A 47 6.55 -4.19 37.66
CA GLU A 47 5.73 -4.43 38.84
C GLU A 47 5.20 -3.13 39.44
N GLU A 48 5.88 -2.03 39.14
CA GLU A 48 5.47 -0.73 39.65
C GLU A 48 4.58 0.04 38.68
N ASN A 49 4.48 -0.43 37.44
CA ASN A 49 3.69 0.26 36.44
C ASN A 49 2.56 -0.47 35.74
N VAL A 50 2.58 -1.81 35.79
CA VAL A 50 1.55 -2.61 35.14
C VAL A 50 0.75 -3.39 36.19
N PHE A 51 -0.57 -3.33 36.09
CA PHE A 51 -1.42 -4.00 37.06
C PHE A 51 -2.56 -4.81 36.46
N TYR A 52 -2.84 -5.95 37.08
CA TYR A 52 -3.94 -6.81 36.64
C TYR A 52 -5.22 -6.02 36.86
N TYR A 53 -6.32 -6.50 36.32
CA TYR A 53 -7.58 -5.78 36.47
C TYR A 53 -8.12 -5.70 37.90
N ASN A 54 -7.41 -6.33 38.85
CA ASN A 54 -7.87 -6.29 40.23
C ASN A 54 -6.98 -5.39 41.08
N GLY A 55 -6.09 -4.67 40.41
CA GLY A 55 -5.21 -3.76 41.09
C GLY A 55 -3.89 -4.39 41.52
N GLN A 56 -3.80 -5.71 41.46
CA GLN A 56 -2.57 -6.40 41.85
C GLN A 56 -1.49 -6.19 40.80
N PRO A 57 -0.26 -5.89 41.23
CA PRO A 57 0.83 -5.67 40.29
C PRO A 57 1.15 -6.94 39.51
N VAL A 58 1.49 -6.79 38.23
CA VAL A 58 1.82 -7.94 37.40
C VAL A 58 3.00 -8.69 38.02
N GLU A 59 2.97 -10.02 37.94
CA GLU A 59 4.05 -10.84 38.49
C GLU A 59 5.03 -11.31 37.42
N CYS A 60 6.32 -11.08 37.67
CA CYS A 60 7.35 -11.48 36.72
C CYS A 60 8.09 -12.72 37.17
N VAL A 61 8.71 -13.41 36.21
CA VAL A 61 9.49 -14.62 36.43
C VAL A 61 10.79 -14.47 35.65
N ILE A 62 11.93 -14.64 36.32
CA ILE A 62 13.21 -14.53 35.62
C ILE A 62 13.81 -15.91 35.47
N ALA A 63 14.48 -16.15 34.33
CA ALA A 63 15.10 -17.45 34.08
C ALA A 63 16.07 -17.79 35.22
N ASP A 64 16.20 -19.07 35.52
CA ASP A 64 17.08 -19.51 36.60
C ASP A 64 18.55 -19.22 36.36
N THR A 65 18.94 -19.08 35.11
CA THR A 65 20.32 -18.76 34.78
C THR A 65 20.32 -17.85 33.57
N CYS A 66 21.48 -17.33 33.22
CA CYS A 66 21.58 -16.49 32.03
C CYS A 66 21.43 -17.44 30.86
N ILE A 67 21.05 -16.93 29.70
CA ILE A 67 20.83 -17.76 28.53
C ILE A 67 21.87 -17.51 27.45
N GLY A 68 22.82 -18.43 27.31
CA GLY A 68 23.85 -18.28 26.30
C GLY A 68 23.83 -19.35 25.23
N GLY A 69 22.84 -20.25 25.31
CA GLY A 69 22.73 -21.31 24.34
C GLY A 69 21.35 -21.93 24.31
N VAL A 70 21.17 -22.98 23.53
CA VAL A 70 19.86 -23.63 23.39
C VAL A 70 19.41 -24.39 24.65
N LYS A 71 20.36 -25.02 25.34
CA LYS A 71 20.03 -25.77 26.55
C LYS A 71 19.40 -24.84 27.58
N GLU A 72 20.08 -23.73 27.86
CA GLU A 72 19.56 -22.77 28.82
C GLU A 72 18.26 -22.15 28.33
N ALA A 73 18.13 -22.01 27.02
CA ALA A 73 16.91 -21.45 26.43
C ALA A 73 15.75 -22.41 26.66
N ALA A 74 16.01 -23.71 26.47
CA ALA A 74 14.98 -24.72 26.67
C ALA A 74 14.57 -24.71 28.13
N GLU A 75 15.56 -24.57 29.01
CA GLU A 75 15.34 -24.53 30.46
C GLU A 75 14.40 -23.39 30.80
N ALA A 76 14.62 -22.24 30.17
CA ALA A 76 13.80 -21.07 30.40
C ALA A 76 12.37 -21.34 29.94
N ALA A 77 12.23 -21.88 28.73
CA ALA A 77 10.91 -22.18 28.19
C ALA A 77 10.15 -23.08 29.17
N GLU A 78 10.82 -24.13 29.63
CA GLU A 78 10.24 -25.09 30.56
C GLU A 78 9.71 -24.41 31.81
N LYS A 79 10.54 -23.56 32.42
CA LYS A 79 10.16 -22.84 33.63
C LYS A 79 8.99 -21.89 33.41
N PHE A 80 9.08 -21.09 32.36
CA PHE A 80 8.02 -20.14 32.04
C PHE A 80 6.70 -20.85 31.84
N ALA A 81 6.73 -21.97 31.13
CA ALA A 81 5.51 -22.72 30.88
C ALA A 81 4.87 -23.19 32.19
N ARG A 82 5.69 -23.67 33.12
CA ARG A 82 5.15 -24.15 34.40
C ARG A 82 4.75 -22.99 35.31
N GLU A 83 5.34 -21.83 35.10
CA GLU A 83 5.04 -20.67 35.92
C GLU A 83 3.89 -19.87 35.33
N GLY A 84 3.31 -20.36 34.22
CA GLY A 84 2.21 -19.67 33.60
C GLY A 84 2.52 -18.32 32.97
N VAL A 85 3.66 -18.23 32.27
CA VAL A 85 4.06 -16.99 31.61
C VAL A 85 3.33 -16.89 30.27
N GLY A 86 2.88 -15.69 29.93
CA GLY A 86 2.19 -15.49 28.68
C GLY A 86 2.76 -14.34 27.88
N VAL A 87 3.84 -13.75 28.39
CA VAL A 87 4.51 -12.62 27.74
C VAL A 87 5.99 -12.71 28.09
N SER A 88 6.86 -12.56 27.10
CA SER A 88 8.31 -12.63 27.40
C SER A 88 9.12 -11.43 26.90
N ILE A 89 10.12 -11.07 27.70
CA ILE A 89 11.00 -9.97 27.39
C ILE A 89 12.42 -10.45 27.54
N THR A 90 13.21 -10.33 26.48
CA THR A 90 14.60 -10.75 26.53
C THR A 90 15.44 -9.52 26.78
N VAL A 91 16.46 -9.66 27.62
CA VAL A 91 17.34 -8.54 27.93
C VAL A 91 18.80 -8.93 27.86
N THR A 92 19.64 -7.99 27.43
CA THR A 92 21.06 -8.27 27.33
C THR A 92 21.91 -7.02 27.11
N PRO A 93 23.14 -7.05 27.62
CA PRO A 93 24.09 -5.95 27.50
C PRO A 93 25.22 -6.32 26.56
N CYS A 94 25.18 -7.53 26.02
CA CYS A 94 26.24 -8.02 25.16
C CYS A 94 25.76 -8.84 23.97
N TRP A 95 26.72 -9.41 23.26
CA TRP A 95 26.41 -10.24 22.12
C TRP A 95 26.05 -11.64 22.61
N CYS A 96 25.10 -12.26 21.93
CA CYS A 96 24.64 -13.61 22.26
C CYS A 96 24.45 -14.31 20.92
N TYR A 97 24.27 -15.63 20.94
CA TYR A 97 24.14 -16.37 19.70
C TYR A 97 22.76 -16.51 19.08
N GLY A 98 22.28 -15.41 18.49
CA GLY A 98 20.99 -15.37 17.83
C GLY A 98 20.02 -16.50 18.14
N THR A 99 19.68 -17.27 17.12
CA THR A 99 18.74 -18.39 17.24
C THR A 99 18.97 -19.34 18.43
N GLU A 100 20.22 -19.49 18.86
CA GLU A 100 20.49 -20.38 19.99
C GLU A 100 19.86 -19.88 21.29
N THR A 101 19.59 -18.59 21.36
CA THR A 101 19.01 -17.96 22.55
C THR A 101 17.57 -17.51 22.40
N MET A 102 17.01 -17.67 21.20
CA MET A 102 15.65 -17.26 20.91
C MET A 102 14.54 -17.92 21.72
N ASP A 103 13.46 -17.17 21.90
CA ASP A 103 12.27 -17.68 22.56
C ASP A 103 11.46 -18.15 21.35
N MET A 104 11.33 -19.45 21.21
CA MET A 104 10.63 -20.01 20.05
C MET A 104 9.13 -20.20 20.18
N ASP A 105 8.56 -19.82 21.31
CA ASP A 105 7.11 -19.96 21.51
C ASP A 105 6.39 -18.99 20.57
N PRO A 106 5.56 -19.51 19.65
CA PRO A 106 4.84 -18.66 18.70
C PRO A 106 3.60 -17.97 19.28
N HIS A 107 3.06 -18.51 20.36
CA HIS A 107 1.84 -17.99 20.98
C HIS A 107 2.06 -17.06 22.17
N ILE A 108 3.18 -16.36 22.19
CA ILE A 108 3.47 -15.47 23.30
C ILE A 108 4.10 -14.17 22.82
N PRO A 109 3.49 -13.03 23.16
CA PRO A 109 4.01 -11.72 22.76
C PRO A 109 5.44 -11.59 23.31
N LYS A 110 6.38 -11.24 22.44
CA LYS A 110 7.76 -11.12 22.88
C LYS A 110 8.46 -9.83 22.44
N ALA A 111 9.32 -9.32 23.32
CA ALA A 111 10.09 -8.12 23.07
C ALA A 111 11.52 -8.39 23.49
N VAL A 112 12.45 -7.67 22.89
CA VAL A 112 13.87 -7.82 23.18
C VAL A 112 14.48 -6.45 23.44
N TRP A 113 15.12 -6.30 24.59
CA TRP A 113 15.75 -5.03 24.92
C TRP A 113 17.28 -5.17 24.97
N GLY A 114 17.94 -4.50 24.03
CA GLY A 114 19.38 -4.54 23.98
C GLY A 114 19.94 -3.29 24.62
N PHE A 115 20.86 -3.47 25.56
CA PHE A 115 21.47 -2.35 26.25
C PHE A 115 22.25 -1.48 25.27
N ASN A 116 22.12 -0.16 25.40
CA ASN A 116 22.86 0.73 24.54
C ASN A 116 24.15 1.10 25.24
N GLY A 117 25.05 0.12 25.30
CA GLY A 117 26.34 0.34 25.92
C GLY A 117 27.40 0.13 24.85
N THR A 118 28.58 0.68 25.07
CA THR A 118 29.66 0.56 24.09
C THR A 118 30.54 -0.66 24.31
N GLU A 119 30.75 -1.04 25.57
CA GLU A 119 31.62 -2.16 25.90
C GLU A 119 31.34 -3.46 25.15
N ARG A 120 30.08 -3.85 25.08
CA ARG A 120 29.69 -5.08 24.39
C ARG A 120 28.70 -4.84 23.26
N PRO A 121 28.55 -5.82 22.35
CA PRO A 121 27.63 -5.73 21.20
C PRO A 121 26.15 -5.95 21.51
N GLY A 122 25.65 -5.32 22.57
CA GLY A 122 24.25 -5.48 22.94
C GLY A 122 23.30 -5.15 21.81
N ALA A 123 23.49 -4.00 21.19
CA ALA A 123 22.62 -3.56 20.08
C ALA A 123 22.80 -4.45 18.88
N VAL A 124 23.96 -5.11 18.80
CA VAL A 124 24.26 -6.00 17.70
C VAL A 124 23.45 -7.30 17.87
N TYR A 125 23.25 -7.71 19.11
CA TYR A 125 22.45 -8.93 19.36
C TYR A 125 21.00 -8.61 19.03
N LEU A 126 20.56 -7.42 19.44
CA LEU A 126 19.20 -6.99 19.20
C LEU A 126 18.82 -7.15 17.73
N ALA A 127 19.57 -6.49 16.87
CA ALA A 127 19.31 -6.55 15.44
C ALA A 127 19.48 -7.96 14.88
N ALA A 128 20.49 -8.69 15.36
CA ALA A 128 20.74 -10.04 14.88
C ALA A 128 19.62 -11.01 15.19
N VAL A 129 19.09 -10.94 16.41
CA VAL A 129 18.01 -11.85 16.81
C VAL A 129 16.65 -11.41 16.26
N LEU A 130 16.47 -10.12 16.06
CA LEU A 130 15.21 -9.65 15.50
C LEU A 130 15.16 -10.14 14.06
N ALA A 131 16.29 -10.09 13.38
CA ALA A 131 16.34 -10.56 12.01
C ALA A 131 15.94 -12.04 12.03
N GLY A 132 16.37 -12.75 13.06
CA GLY A 132 16.04 -14.15 13.19
C GLY A 132 14.54 -14.32 13.33
N TYR A 133 13.94 -13.58 14.26
CA TYR A 133 12.49 -13.65 14.46
C TYR A 133 11.76 -13.29 13.17
N ASN A 134 12.30 -12.34 12.40
CA ASN A 134 11.66 -11.95 11.14
C ASN A 134 11.79 -13.04 10.08
N GLN A 135 12.89 -13.77 10.12
CA GLN A 135 13.13 -14.83 9.15
C GLN A 135 12.28 -16.05 9.47
N LYS A 136 12.08 -16.31 10.76
CA LYS A 136 11.30 -17.45 11.20
C LYS A 136 9.81 -17.17 11.26
N GLY A 137 9.43 -15.90 11.10
CA GLY A 137 8.04 -15.54 11.13
C GLY A 137 7.44 -15.44 12.53
N LEU A 138 8.24 -15.02 13.51
CA LEU A 138 7.78 -14.86 14.88
C LEU A 138 7.93 -13.39 15.28
N PRO A 139 6.82 -12.62 15.19
CA PRO A 139 6.84 -11.21 15.55
C PRO A 139 7.48 -10.95 16.91
N ALA A 140 8.30 -9.91 16.99
CA ALA A 140 8.97 -9.56 18.23
C ALA A 140 9.24 -8.06 18.22
N PHE A 141 9.03 -7.43 19.36
CA PHE A 141 9.26 -6.00 19.48
C PHE A 141 10.72 -5.73 19.80
N GLY A 142 11.28 -4.70 19.18
CA GLY A 142 12.67 -4.36 19.41
C GLY A 142 12.78 -3.06 20.20
N ILE A 143 13.53 -3.08 21.29
CA ILE A 143 13.69 -1.90 22.12
C ILE A 143 15.13 -1.47 22.24
N TYR A 144 15.45 -0.32 21.64
CA TYR A 144 16.80 0.24 21.66
C TYR A 144 16.80 1.67 22.19
N GLY A 145 17.60 1.92 23.22
CA GLY A 145 17.66 3.25 23.79
C GLY A 145 18.48 4.18 22.91
N LYS A 146 18.06 5.45 22.85
CA LYS A 146 18.76 6.43 22.02
C LYS A 146 20.02 7.02 22.62
N ASP A 147 20.17 6.97 23.94
CA ASP A 147 21.37 7.52 24.56
C ASP A 147 22.29 6.47 25.16
N VAL A 148 23.57 6.50 24.77
CA VAL A 148 24.54 5.55 25.27
C VAL A 148 24.65 5.62 26.79
N GLN A 149 24.57 4.46 27.43
CA GLN A 149 24.69 4.38 28.89
C GLN A 149 25.99 3.70 29.28
N ASP A 150 26.53 4.06 30.44
CA ASP A 150 27.76 3.45 30.92
C ASP A 150 27.48 2.04 31.43
N ALA A 151 28.40 1.12 31.15
CA ALA A 151 28.25 -0.26 31.58
C ALA A 151 27.83 -0.35 33.05
N GLY A 152 26.82 -1.17 33.33
CA GLY A 152 26.38 -1.34 34.69
C GLY A 152 25.20 -0.46 35.10
N ASP A 153 24.98 0.63 34.36
CA ASP A 153 23.88 1.53 34.68
C ASP A 153 22.57 0.75 34.63
N THR A 154 21.85 0.71 35.75
CA THR A 154 20.58 0.00 35.80
C THR A 154 19.40 0.96 35.70
N ASN A 155 19.69 2.25 35.57
CA ASN A 155 18.62 3.24 35.44
C ASN A 155 18.05 3.11 34.03
N ILE A 156 16.81 2.64 33.92
CA ILE A 156 16.22 2.49 32.60
C ILE A 156 15.80 3.84 32.04
N PRO A 157 16.39 4.25 30.90
CA PRO A 157 16.07 5.54 30.28
C PRO A 157 14.58 5.70 30.05
N GLU A 158 14.16 6.94 29.89
CA GLU A 158 12.75 7.24 29.70
C GLU A 158 12.15 6.65 28.41
N ASP A 159 12.85 6.75 27.28
CA ASP A 159 12.31 6.22 26.04
C ASP A 159 12.18 4.69 26.05
N VAL A 160 13.05 4.04 26.80
CA VAL A 160 13.02 2.58 26.91
C VAL A 160 11.88 2.18 27.85
N LYS A 161 11.69 2.94 28.93
CA LYS A 161 10.62 2.65 29.87
C LYS A 161 9.28 2.63 29.16
N GLU A 162 9.03 3.64 28.34
CA GLU A 162 7.77 3.75 27.62
C GLU A 162 7.45 2.51 26.79
N LYS A 163 8.41 2.07 25.98
CA LYS A 163 8.22 0.90 25.15
C LYS A 163 8.07 -0.37 25.98
N LEU A 164 8.90 -0.53 27.00
CA LEU A 164 8.79 -1.71 27.86
C LEU A 164 7.39 -1.78 28.45
N ILE A 165 6.90 -0.67 28.99
CA ILE A 165 5.57 -0.63 29.59
C ILE A 165 4.47 -0.80 28.54
N ARG A 166 4.62 -0.13 27.41
CA ARG A 166 3.62 -0.25 26.35
C ARG A 166 3.51 -1.71 25.90
N PHE A 167 4.66 -2.34 25.68
CA PHE A 167 4.67 -3.73 25.26
C PHE A 167 4.04 -4.62 26.33
N ALA A 168 4.47 -4.42 27.57
CA ALA A 168 3.97 -5.19 28.69
C ALA A 168 2.45 -5.11 28.82
N LYS A 169 1.90 -3.91 28.70
CA LYS A 169 0.45 -3.75 28.82
C LYS A 169 -0.32 -4.40 27.68
N ALA A 170 0.14 -4.21 26.45
CA ALA A 170 -0.54 -4.79 25.31
C ALA A 170 -0.45 -6.31 25.39
N GLY A 171 0.75 -6.80 25.71
CA GLY A 171 0.95 -8.23 25.83
C GLY A 171 0.07 -8.84 26.90
N LEU A 172 -0.03 -8.15 28.04
CA LEU A 172 -0.84 -8.63 29.14
C LEU A 172 -2.30 -8.72 28.73
N ALA A 173 -2.79 -7.67 28.08
CA ALA A 173 -4.17 -7.63 27.62
C ALA A 173 -4.44 -8.80 26.68
N VAL A 174 -3.49 -9.07 25.80
CA VAL A 174 -3.63 -10.17 24.86
C VAL A 174 -3.67 -11.49 25.61
N ALA A 175 -2.75 -11.68 26.55
CA ALA A 175 -2.70 -12.92 27.32
C ALA A 175 -3.93 -13.09 28.22
N MET A 176 -4.54 -11.97 28.62
CA MET A 176 -5.73 -12.02 29.48
C MET A 176 -6.95 -12.66 28.83
N MET A 177 -7.11 -12.44 27.53
CA MET A 177 -8.25 -12.97 26.81
C MET A 177 -8.22 -14.46 26.50
N LYS A 178 -7.05 -14.99 26.16
CA LYS A 178 -6.93 -16.41 25.83
C LYS A 178 -7.58 -17.29 26.90
N GLY A 179 -8.39 -18.25 26.42
CA GLY A 179 -9.07 -19.17 27.31
C GLY A 179 -10.40 -18.69 27.87
N LYS A 180 -10.63 -17.38 27.84
CA LYS A 180 -11.87 -16.81 28.36
C LYS A 180 -13.01 -16.95 27.34
N SER A 181 -14.25 -16.81 27.79
CA SER A 181 -15.41 -16.95 26.91
C SER A 181 -16.14 -15.64 26.62
N TYR A 182 -16.85 -15.62 25.48
CA TYR A 182 -17.69 -14.47 25.15
C TYR A 182 -19.07 -15.06 25.26
N LEU A 183 -19.88 -14.53 26.16
CA LEU A 183 -21.23 -15.04 26.33
C LEU A 183 -22.21 -14.25 25.48
N SER A 184 -22.93 -14.95 24.63
CA SER A 184 -23.92 -14.35 23.76
C SER A 184 -25.31 -14.65 24.33
N ILE A 185 -25.98 -13.62 24.83
CA ILE A 185 -27.32 -13.78 25.38
C ILE A 185 -28.28 -13.26 24.31
N GLY A 186 -29.09 -14.14 23.76
CA GLY A 186 -30.00 -13.74 22.71
C GLY A 186 -29.25 -13.89 21.39
N SER A 187 -29.87 -13.47 20.29
CA SER A 187 -29.21 -13.60 19.00
C SER A 187 -28.97 -12.24 18.37
N VAL A 188 -29.09 -12.18 17.06
CA VAL A 188 -28.89 -10.94 16.31
C VAL A 188 -29.93 -9.91 16.73
N SER A 189 -29.49 -8.66 16.87
CA SER A 189 -30.41 -7.59 17.25
C SER A 189 -30.65 -6.61 16.12
N MET A 190 -31.92 -6.52 15.71
CA MET A 190 -32.33 -5.60 14.65
C MET A 190 -31.35 -5.53 13.49
N GLY A 191 -30.93 -6.70 12.99
CA GLY A 191 -30.02 -6.76 11.86
C GLY A 191 -28.68 -6.06 11.96
N ILE A 192 -28.19 -5.83 13.18
CA ILE A 192 -26.90 -5.18 13.39
C ILE A 192 -25.78 -6.19 13.11
N ALA A 193 -24.97 -5.90 12.09
CA ALA A 193 -23.87 -6.77 11.68
C ALA A 193 -23.01 -7.31 12.81
N GLY A 194 -22.70 -6.43 13.77
CA GLY A 194 -21.89 -6.79 14.91
C GLY A 194 -22.53 -7.73 15.94
N SER A 195 -23.82 -8.00 15.80
CA SER A 195 -24.47 -8.90 16.74
C SER A 195 -24.41 -10.33 16.20
N VAL A 196 -23.83 -10.48 15.01
CA VAL A 196 -23.66 -11.79 14.42
C VAL A 196 -22.35 -12.31 15.00
N VAL A 197 -22.32 -13.56 15.44
CA VAL A 197 -21.10 -14.07 16.04
C VAL A 197 -20.28 -14.87 15.05
N GLN A 198 -19.04 -14.42 14.82
CA GLN A 198 -18.13 -15.13 13.91
C GLN A 198 -17.07 -15.84 14.77
N GLU A 199 -17.40 -17.06 15.17
CA GLU A 199 -16.51 -17.86 16.01
C GLU A 199 -15.07 -17.86 15.54
N ASP A 200 -14.90 -17.87 14.23
CA ASP A 200 -13.56 -17.89 13.66
C ASP A 200 -12.70 -16.80 14.28
N PHE A 201 -13.25 -15.59 14.37
CA PHE A 201 -12.51 -14.48 14.95
C PHE A 201 -12.10 -14.73 16.41
N PHE A 202 -13.08 -15.06 17.24
CA PHE A 202 -12.84 -15.31 18.66
C PHE A 202 -11.81 -16.41 18.90
N GLN A 203 -11.95 -17.52 18.19
CA GLN A 203 -11.03 -18.63 18.33
C GLN A 203 -9.62 -18.37 17.79
N ASN A 204 -9.52 -17.88 16.56
CA ASN A 204 -8.23 -17.65 15.91
C ASN A 204 -7.46 -16.38 16.23
N TYR A 205 -8.15 -15.28 16.49
CA TYR A 205 -7.42 -14.05 16.80
C TYR A 205 -7.22 -13.85 18.29
N LEU A 206 -8.27 -14.07 19.07
CA LEU A 206 -8.23 -13.88 20.52
C LEU A 206 -8.07 -15.16 21.35
N GLY A 207 -8.24 -16.31 20.73
CA GLY A 207 -8.11 -17.56 21.45
C GLY A 207 -9.18 -17.72 22.52
N MET A 208 -10.37 -17.22 22.22
CA MET A 208 -11.50 -17.27 23.14
C MET A 208 -12.54 -18.31 22.77
N ARG A 209 -13.40 -18.63 23.73
CA ARG A 209 -14.46 -19.59 23.53
C ARG A 209 -15.76 -18.83 23.27
N ASN A 210 -16.73 -19.50 22.64
CA ASN A 210 -18.01 -18.89 22.36
C ASN A 210 -19.14 -19.62 23.06
N GLU A 211 -19.79 -18.94 23.99
CA GLU A 211 -20.92 -19.53 24.70
C GLU A 211 -22.19 -18.81 24.26
N TYR A 212 -23.30 -19.54 24.26
CA TYR A 212 -24.59 -18.99 23.82
C TYR A 212 -25.74 -19.37 24.75
N VAL A 213 -26.67 -18.45 24.95
CA VAL A 213 -27.83 -18.69 25.80
C VAL A 213 -28.99 -17.80 25.36
N ASP A 214 -30.12 -18.42 25.04
CA ASP A 214 -31.33 -17.71 24.61
C ASP A 214 -31.85 -16.84 25.75
N MET A 215 -32.38 -15.67 25.41
CA MET A 215 -32.89 -14.78 26.44
C MET A 215 -34.01 -15.40 27.27
N SER A 216 -34.65 -16.45 26.74
CA SER A 216 -35.72 -17.12 27.47
C SER A 216 -35.20 -17.65 28.81
N GLU A 217 -33.87 -17.77 28.93
CA GLU A 217 -33.24 -18.24 30.15
C GLU A 217 -33.56 -17.26 31.28
N PHE A 218 -33.58 -15.96 30.95
CA PHE A 218 -33.89 -14.94 31.95
C PHE A 218 -35.31 -15.12 32.46
N VAL A 219 -36.20 -15.58 31.59
CA VAL A 219 -37.58 -15.80 32.01
C VAL A 219 -37.59 -16.92 33.04
N ARG A 220 -36.95 -18.04 32.71
CA ARG A 220 -36.90 -19.17 33.62
C ARG A 220 -36.38 -18.76 34.99
N ARG A 221 -35.21 -18.13 35.01
CA ARG A 221 -34.60 -17.70 36.27
C ARG A 221 -35.42 -16.66 37.03
N ILE A 222 -36.08 -15.76 36.32
CA ILE A 222 -36.90 -14.78 37.02
C ILE A 222 -38.13 -15.49 37.61
N GLU A 223 -38.84 -16.26 36.78
CA GLU A 223 -40.03 -16.98 37.23
C GLU A 223 -39.74 -17.95 38.37
N LEU A 224 -38.65 -18.72 38.23
CA LEU A 224 -38.28 -19.70 39.25
C LEU A 224 -37.33 -19.17 40.32
N GLY A 225 -37.19 -17.85 40.39
CA GLY A 225 -36.31 -17.27 41.40
C GLY A 225 -34.92 -17.88 41.49
N ILE A 226 -34.30 -18.12 40.34
CA ILE A 226 -32.96 -18.67 40.32
C ILE A 226 -31.97 -17.52 40.35
N TYR A 227 -31.70 -17.05 41.56
CA TYR A 227 -30.78 -15.96 41.82
C TYR A 227 -30.76 -15.72 43.32
N ASP A 228 -29.73 -15.03 43.81
CA ASP A 228 -29.58 -14.75 45.24
C ASP A 228 -30.68 -13.82 45.74
N LYS A 229 -31.73 -14.39 46.32
CA LYS A 229 -32.84 -13.57 46.82
C LYS A 229 -32.45 -12.56 47.89
N GLU A 230 -31.44 -12.88 48.69
CA GLU A 230 -31.01 -11.94 49.72
C GLU A 230 -30.26 -10.76 49.11
N GLU A 231 -29.52 -11.02 48.03
CA GLU A 231 -28.78 -9.95 47.35
C GLU A 231 -29.78 -9.09 46.60
N TYR A 232 -30.78 -9.74 46.01
CA TYR A 232 -31.81 -9.04 45.27
C TYR A 232 -32.44 -7.95 46.12
N GLU A 233 -32.82 -8.31 47.35
CA GLU A 233 -33.43 -7.34 48.26
C GLU A 233 -32.47 -6.18 48.51
N ARG A 234 -31.24 -6.48 48.91
CA ARG A 234 -30.27 -5.43 49.16
C ARG A 234 -30.14 -4.55 47.92
N ALA A 235 -30.07 -5.19 46.76
CA ALA A 235 -29.94 -4.48 45.49
C ALA A 235 -31.12 -3.55 45.22
N LEU A 236 -32.33 -4.03 45.51
CA LEU A 236 -33.54 -3.24 45.30
C LEU A 236 -33.56 -2.03 46.23
N LYS A 237 -33.10 -2.25 47.45
CA LYS A 237 -33.07 -1.21 48.46
C LYS A 237 -32.00 -0.17 48.12
N TRP A 238 -30.89 -0.63 47.55
CA TRP A 238 -29.82 0.26 47.16
C TRP A 238 -30.28 1.15 46.00
N VAL A 239 -30.96 0.55 45.03
CA VAL A 239 -31.44 1.30 43.88
C VAL A 239 -32.36 2.43 44.33
N LYS A 240 -33.29 2.13 45.24
CA LYS A 240 -34.23 3.14 45.73
C LYS A 240 -33.60 4.30 46.49
N GLU A 241 -32.49 4.03 47.17
CA GLU A 241 -31.82 5.07 47.93
C GLU A 241 -30.82 5.88 47.14
N ASN A 242 -30.33 5.34 46.02
CA ASN A 242 -29.31 6.02 45.24
C ASN A 242 -29.63 6.32 43.79
N CYS A 243 -30.69 5.73 43.27
CA CYS A 243 -31.04 5.97 41.87
C CYS A 243 -32.23 6.91 41.77
N LYS A 244 -31.98 8.12 41.31
CA LYS A 244 -33.02 9.12 41.17
C LYS A 244 -33.81 8.87 39.90
N VAL A 245 -35.12 8.94 40.00
CA VAL A 245 -35.97 8.75 38.83
C VAL A 245 -36.35 10.10 38.27
N GLY A 246 -35.93 10.37 37.05
CA GLY A 246 -36.23 11.65 36.43
C GLY A 246 -37.61 11.67 35.79
N PRO A 247 -37.99 12.79 35.15
CA PRO A 247 -39.29 12.97 34.49
C PRO A 247 -39.59 11.93 33.42
N ASP A 248 -40.87 11.58 33.28
CA ASP A 248 -41.31 10.61 32.28
C ASP A 248 -41.66 11.38 30.99
N ASN A 249 -40.95 11.09 29.90
CA ASN A 249 -41.19 11.78 28.64
C ASN A 249 -42.23 11.16 27.72
N ASN A 250 -42.72 9.97 28.07
CA ASN A 250 -43.76 9.31 27.29
C ASN A 250 -45.03 10.14 27.44
N ARG A 251 -45.70 10.43 26.34
CA ARG A 251 -46.91 11.24 26.38
C ARG A 251 -48.20 10.47 26.64
N ASP A 252 -48.71 10.63 27.86
CA ASP A 252 -49.96 10.00 28.32
C ASP A 252 -50.38 8.71 27.61
N GLY A 253 -50.66 8.80 26.32
CA GLY A 253 -51.05 7.61 25.59
C GLY A 253 -49.97 6.54 25.64
N PHE A 254 -48.77 6.90 26.10
CA PHE A 254 -47.66 5.95 26.16
C PHE A 254 -47.04 5.73 27.55
N LYS A 255 -47.64 6.32 28.58
CA LYS A 255 -47.12 6.17 29.93
C LYS A 255 -47.52 4.86 30.59
N ARG A 256 -46.57 4.25 31.30
CA ARG A 256 -46.83 3.01 32.01
C ARG A 256 -47.32 3.38 33.40
N THR A 257 -48.23 2.58 33.95
CA THR A 257 -48.79 2.86 35.27
C THR A 257 -47.69 2.80 36.33
N GLU A 258 -48.08 3.07 37.57
CA GLU A 258 -47.15 3.06 38.69
C GLU A 258 -46.76 1.63 39.05
N GLU A 259 -47.72 0.71 38.95
CA GLU A 259 -47.46 -0.69 39.27
C GLU A 259 -46.39 -1.23 38.32
N GLN A 260 -46.56 -0.96 37.03
CA GLN A 260 -45.61 -1.42 36.02
C GLN A 260 -44.21 -0.87 36.29
N LYS A 261 -44.12 0.43 36.51
CA LYS A 261 -42.83 1.06 36.78
C LYS A 261 -42.10 0.43 37.95
N GLU A 262 -42.84 -0.03 38.95
CA GLU A 262 -42.21 -0.68 40.10
C GLU A 262 -41.73 -2.06 39.71
N LYS A 263 -42.52 -2.76 38.91
CA LYS A 263 -42.14 -4.09 38.47
C LYS A 263 -40.93 -3.97 37.56
N ASP A 264 -40.92 -2.91 36.75
CA ASP A 264 -39.82 -2.65 35.84
C ASP A 264 -38.51 -2.60 36.62
N TRP A 265 -38.53 -1.95 37.77
CA TRP A 265 -37.35 -1.84 38.63
C TRP A 265 -36.91 -3.21 39.15
N GLU A 266 -37.88 -3.98 39.65
CA GLU A 266 -37.62 -5.30 40.18
C GLU A 266 -36.94 -6.19 39.15
N ILE A 267 -37.59 -6.34 38.00
CA ILE A 267 -37.07 -7.18 36.93
C ILE A 267 -35.73 -6.66 36.42
N SER A 268 -35.56 -5.34 36.41
CA SER A 268 -34.31 -4.75 35.95
C SER A 268 -33.15 -5.15 36.85
N VAL A 269 -33.41 -5.18 38.16
CA VAL A 269 -32.40 -5.55 39.14
C VAL A 269 -32.10 -7.05 39.04
N LYS A 270 -33.13 -7.84 38.79
CA LYS A 270 -32.97 -9.28 38.68
C LYS A 270 -32.17 -9.57 37.42
N MET A 271 -32.48 -8.85 36.35
CA MET A 271 -31.77 -9.01 35.09
C MET A 271 -30.28 -8.81 35.33
N ALA A 272 -29.92 -7.81 36.13
CA ALA A 272 -28.51 -7.54 36.42
C ALA A 272 -27.85 -8.74 37.08
N LEU A 273 -28.51 -9.29 38.10
CA LEU A 273 -27.99 -10.43 38.83
C LEU A 273 -27.85 -11.68 37.96
N ILE A 274 -28.88 -11.96 37.17
CA ILE A 274 -28.89 -13.13 36.29
C ILE A 274 -27.79 -13.03 35.25
N ALA A 275 -27.63 -11.85 34.65
CA ALA A 275 -26.61 -11.64 33.64
C ALA A 275 -25.24 -11.90 34.25
N ARG A 276 -25.00 -11.32 35.42
CA ARG A 276 -23.71 -11.50 36.08
C ARG A 276 -23.50 -12.96 36.49
N ASP A 277 -24.55 -13.62 36.97
CA ASP A 277 -24.41 -15.02 37.37
C ASP A 277 -24.04 -15.89 36.17
N LEU A 278 -24.52 -15.51 35.00
CA LEU A 278 -24.23 -16.24 33.78
C LEU A 278 -22.78 -16.08 33.36
N MET A 279 -22.23 -14.89 33.55
CA MET A 279 -20.85 -14.60 33.16
C MET A 279 -19.78 -15.23 34.04
N VAL A 280 -19.97 -15.16 35.35
CA VAL A 280 -18.97 -15.69 36.27
C VAL A 280 -19.49 -16.69 37.29
N GLY A 281 -20.73 -17.16 37.09
CA GLY A 281 -21.30 -18.12 38.02
C GLY A 281 -21.68 -17.47 39.35
N ASN A 282 -22.13 -18.28 40.29
CA ASN A 282 -22.50 -17.77 41.61
C ASN A 282 -22.62 -18.94 42.56
N LYS A 283 -21.65 -19.07 43.47
CA LYS A 283 -21.63 -20.15 44.44
C LYS A 283 -22.95 -20.23 45.20
N LYS A 284 -23.65 -19.11 45.32
CA LYS A 284 -24.93 -19.09 46.03
C LYS A 284 -25.97 -19.96 45.34
N LEU A 285 -25.90 -20.03 44.01
CA LEU A 285 -26.83 -20.84 43.26
C LEU A 285 -26.70 -22.32 43.57
N GLU A 286 -25.47 -22.77 43.83
CA GLU A 286 -25.25 -24.16 44.15
C GLU A 286 -25.98 -24.55 45.43
N GLU A 287 -25.83 -23.71 46.46
CA GLU A 287 -26.47 -23.94 47.74
C GLU A 287 -27.98 -24.06 47.55
N MET A 288 -28.51 -23.27 46.62
CA MET A 288 -29.94 -23.26 46.33
C MET A 288 -30.41 -24.47 45.52
N GLY A 289 -29.47 -25.35 45.15
CA GLY A 289 -29.83 -26.52 44.38
C GLY A 289 -29.66 -26.42 42.87
N TYR A 290 -29.01 -25.36 42.41
CA TYR A 290 -28.78 -25.16 40.99
C TYR A 290 -27.30 -25.20 40.65
N GLY A 291 -26.69 -26.36 40.87
CA GLY A 291 -25.27 -26.57 40.63
C GLY A 291 -24.73 -26.29 39.23
N GLU A 292 -25.49 -26.62 38.20
CA GLU A 292 -25.04 -26.35 36.84
C GLU A 292 -24.99 -24.83 36.65
N GLU A 293 -26.05 -24.15 37.05
CA GLU A 293 -26.15 -22.71 36.93
C GLU A 293 -25.03 -22.02 37.72
N ALA A 294 -24.65 -22.61 38.84
CA ALA A 294 -23.61 -22.05 39.70
C ALA A 294 -22.27 -21.85 38.99
N LEU A 295 -21.91 -22.79 38.14
CA LEU A 295 -20.65 -22.76 37.43
C LEU A 295 -20.32 -21.50 36.61
N GLY A 296 -21.29 -20.96 35.88
CA GLY A 296 -21.02 -19.78 35.09
C GLY A 296 -20.46 -20.17 33.73
N ARG A 297 -20.22 -19.18 32.87
CA ARG A 297 -19.71 -19.45 31.54
C ARG A 297 -18.28 -18.94 31.35
N ASN A 298 -17.61 -18.66 32.46
CA ASN A 298 -16.23 -18.18 32.43
C ASN A 298 -16.06 -17.11 31.34
N ALA A 299 -16.98 -16.15 31.32
CA ALA A 299 -16.97 -15.09 30.32
C ALA A 299 -16.41 -13.77 30.85
N ILE A 300 -15.42 -13.24 30.15
CA ILE A 300 -14.79 -11.99 30.53
C ILE A 300 -15.44 -10.85 29.72
N VAL A 301 -16.42 -11.21 28.91
CA VAL A 301 -17.16 -10.26 28.09
C VAL A 301 -18.44 -10.93 27.58
N ALA A 302 -19.54 -10.19 27.58
CA ALA A 302 -20.82 -10.73 27.10
C ALA A 302 -21.66 -9.66 26.42
N GLY A 303 -22.83 -10.07 25.95
CA GLY A 303 -23.74 -9.16 25.29
C GLY A 303 -25.20 -9.57 25.50
N PHE A 304 -26.10 -8.60 25.39
CA PHE A 304 -27.53 -8.87 25.57
C PHE A 304 -28.34 -8.30 24.40
N GLN A 305 -28.93 -9.20 23.61
CA GLN A 305 -29.73 -8.76 22.48
C GLN A 305 -30.71 -7.64 22.84
N GLY A 306 -31.74 -7.94 23.63
CA GLY A 306 -32.70 -6.92 23.98
C GLY A 306 -33.78 -6.74 22.91
N GLN A 307 -33.67 -5.68 22.14
CA GLN A 307 -34.62 -5.42 21.08
C GLN A 307 -34.38 -6.47 19.98
N ARG A 308 -35.41 -6.92 19.29
CA ARG A 308 -36.77 -6.47 19.50
C ARG A 308 -37.55 -7.41 20.42
N GLN A 309 -37.35 -8.71 20.23
CA GLN A 309 -38.00 -9.77 20.99
C GLN A 309 -38.21 -9.52 22.48
N TRP A 310 -37.14 -9.32 23.23
CA TRP A 310 -37.26 -9.11 24.67
C TRP A 310 -37.92 -7.80 25.11
N THR A 311 -37.45 -6.69 24.55
CA THR A 311 -38.00 -5.40 24.93
C THR A 311 -39.45 -5.18 24.53
N ASP A 312 -39.95 -5.99 23.60
CA ASP A 312 -41.35 -5.87 23.16
C ASP A 312 -42.32 -6.38 24.20
N TYR A 313 -41.79 -6.94 25.29
CA TYR A 313 -42.65 -7.48 26.32
C TYR A 313 -42.15 -7.23 27.74
N PHE A 314 -40.83 -7.36 27.94
CA PHE A 314 -40.23 -7.17 29.25
C PHE A 314 -39.47 -5.85 29.32
N PRO A 315 -39.05 -5.43 30.54
CA PRO A 315 -38.30 -4.19 30.74
C PRO A 315 -36.96 -4.29 30.01
N ASN A 316 -36.54 -3.22 29.32
CA ASN A 316 -35.28 -3.30 28.58
C ASN A 316 -34.06 -3.49 29.49
N GLY A 317 -32.90 -3.72 28.87
CA GLY A 317 -31.69 -3.95 29.64
C GLY A 317 -30.84 -2.76 30.00
N ASP A 318 -31.39 -1.55 29.89
CA ASP A 318 -30.61 -0.36 30.21
C ASP A 318 -29.95 -0.41 31.60
N PHE A 319 -30.75 -0.62 32.64
CA PHE A 319 -30.18 -0.67 33.98
C PHE A 319 -29.11 -1.77 34.09
N MET A 320 -29.44 -2.95 33.59
CA MET A 320 -28.52 -4.08 33.61
C MET A 320 -27.20 -3.73 32.92
N GLU A 321 -27.30 -3.21 31.69
CA GLU A 321 -26.13 -2.85 30.89
C GLU A 321 -25.37 -1.68 31.51
N THR A 322 -26.09 -0.82 32.23
CA THR A 322 -25.48 0.34 32.87
C THR A 322 -24.72 -0.06 34.14
N ILE A 323 -25.39 -0.80 35.03
CA ILE A 323 -24.76 -1.19 36.27
C ILE A 323 -23.60 -2.19 36.10
N LEU A 324 -23.76 -3.18 35.21
CA LEU A 324 -22.70 -4.16 35.01
C LEU A 324 -21.39 -3.53 34.56
N ASN A 325 -21.48 -2.61 33.61
CA ASN A 325 -20.29 -1.93 33.07
C ASN A 325 -19.69 -0.92 34.04
N SER A 326 -20.47 -0.51 35.03
CA SER A 326 -19.98 0.46 36.01
C SER A 326 -18.95 -0.16 36.94
N SER A 327 -18.22 0.71 37.64
CA SER A 327 -17.19 0.28 38.56
C SER A 327 -17.72 0.21 39.99
N PHE A 328 -19.02 -0.02 40.14
CA PHE A 328 -19.61 -0.10 41.47
C PHE A 328 -21.11 -0.34 41.44
N ASP A 329 -21.63 -0.90 42.53
CA ASP A 329 -23.06 -1.16 42.67
C ASP A 329 -23.39 -1.41 44.14
N TRP A 330 -24.56 -1.97 44.41
CA TRP A 330 -25.00 -2.25 45.77
C TRP A 330 -24.01 -3.07 46.60
N ASN A 331 -23.01 -3.65 45.94
CA ASN A 331 -22.00 -4.43 46.64
C ASN A 331 -20.70 -3.66 46.75
N GLY A 332 -20.76 -2.36 46.46
CA GLY A 332 -19.58 -1.52 46.55
C GLY A 332 -18.77 -1.45 45.27
N LYS A 333 -17.56 -0.92 45.39
CA LYS A 333 -16.68 -0.80 44.23
C LYS A 333 -16.19 -2.19 43.81
N ARG A 334 -16.09 -2.41 42.50
CA ARG A 334 -15.65 -3.68 41.95
C ARG A 334 -15.22 -3.52 40.50
N ALA A 335 -14.51 -4.51 39.98
CA ALA A 335 -14.10 -4.46 38.59
C ALA A 335 -15.38 -4.44 37.78
N PRO A 336 -15.34 -3.91 36.55
CA PRO A 336 -16.55 -3.90 35.74
C PRO A 336 -16.78 -5.26 35.10
N TYR A 337 -17.90 -5.40 34.42
CA TYR A 337 -18.25 -6.61 33.69
C TYR A 337 -18.51 -6.06 32.29
N ILE A 338 -17.55 -6.23 31.39
CA ILE A 338 -17.70 -5.72 30.03
C ILE A 338 -18.98 -6.32 29.45
N PHE A 339 -19.98 -5.48 29.24
CA PHE A 339 -21.25 -5.95 28.74
C PHE A 339 -21.74 -5.16 27.51
N ALA A 340 -22.01 -5.90 26.44
CA ALA A 340 -22.43 -5.28 25.20
C ALA A 340 -23.94 -5.13 24.98
N THR A 341 -24.34 -3.90 24.65
CA THR A 341 -25.73 -3.57 24.38
C THR A 341 -26.10 -4.21 23.03
N GLU A 342 -27.35 -4.65 22.90
CA GLU A 342 -27.84 -5.24 21.66
C GLU A 342 -27.00 -6.40 21.15
N ASN A 343 -26.34 -7.08 22.07
CA ASN A 343 -25.49 -8.24 21.77
C ASN A 343 -24.47 -7.95 20.65
N ASP A 344 -23.99 -6.72 20.58
CA ASP A 344 -23.00 -6.32 19.59
C ASP A 344 -21.65 -6.79 20.13
N ASN A 345 -21.29 -8.04 19.83
CA ASN A 345 -20.05 -8.63 20.32
C ASN A 345 -18.79 -7.89 19.86
N LEU A 346 -18.85 -7.28 18.68
CA LEU A 346 -17.68 -6.55 18.18
C LEU A 346 -17.40 -5.32 19.03
N ASN A 347 -18.45 -4.66 19.52
CA ASN A 347 -18.27 -3.48 20.37
C ASN A 347 -17.87 -4.00 21.76
N GLY A 348 -18.32 -5.21 22.09
CA GLY A 348 -17.96 -5.80 23.37
C GLY A 348 -16.45 -5.99 23.40
N ILE A 349 -15.90 -6.51 22.31
CA ILE A 349 -14.46 -6.72 22.23
C ILE A 349 -13.74 -5.37 22.21
N SER A 350 -14.36 -4.38 21.56
CA SER A 350 -13.77 -3.04 21.48
C SER A 350 -13.59 -2.52 22.90
N MET A 351 -14.64 -2.65 23.70
CA MET A 351 -14.62 -2.22 25.09
C MET A 351 -13.62 -3.06 25.87
N LEU A 352 -13.64 -4.38 25.67
CA LEU A 352 -12.72 -5.27 26.38
C LEU A 352 -11.27 -4.89 26.10
N PHE A 353 -10.99 -4.46 24.87
CA PHE A 353 -9.64 -4.05 24.54
C PHE A 353 -9.20 -2.92 25.47
N GLY A 354 -9.90 -1.79 25.39
CA GLY A 354 -9.56 -0.66 26.23
C GLY A 354 -9.62 -0.94 27.72
N TYR A 355 -10.49 -1.85 28.13
CA TYR A 355 -10.60 -2.19 29.55
C TYR A 355 -9.37 -2.92 30.03
N LEU A 356 -8.88 -3.86 29.23
CA LEU A 356 -7.70 -4.63 29.61
C LEU A 356 -6.42 -3.81 29.52
N LEU A 357 -6.49 -2.65 28.87
CA LEU A 357 -5.32 -1.79 28.74
C LEU A 357 -5.33 -0.67 29.79
N THR A 358 -6.46 -0.46 30.46
CA THR A 358 -6.57 0.60 31.43
C THR A 358 -7.19 0.23 32.78
N ASN A 359 -7.89 -0.90 32.83
CA ASN A 359 -8.57 -1.34 34.05
C ASN A 359 -9.75 -0.42 34.40
N THR A 360 -10.24 0.33 33.42
CA THR A 360 -11.36 1.24 33.68
C THR A 360 -12.62 0.93 32.88
N ALA A 361 -13.76 1.38 33.41
CA ALA A 361 -15.05 1.18 32.76
C ALA A 361 -15.01 1.79 31.35
N GLN A 362 -15.67 1.13 30.42
CA GLN A 362 -15.72 1.60 29.04
C GLN A 362 -17.15 2.03 28.72
N ILE A 363 -17.29 3.07 27.91
CA ILE A 363 -18.61 3.57 27.56
C ILE A 363 -19.09 3.10 26.19
N PHE A 364 -20.23 2.40 26.19
CA PHE A 364 -20.85 1.90 24.96
C PHE A 364 -21.71 3.05 24.41
N ALA A 365 -21.62 3.33 23.13
CA ALA A 365 -22.41 4.42 22.58
C ALA A 365 -22.60 4.44 21.07
N ASP A 366 -23.63 5.18 20.65
CA ASP A 366 -23.96 5.34 19.25
C ASP A 366 -23.29 6.61 18.76
N VAL A 367 -22.87 6.59 17.50
CA VAL A 367 -22.30 7.79 16.89
C VAL A 367 -23.55 8.37 16.24
N ARG A 368 -24.27 9.16 17.02
CA ARG A 368 -25.55 9.71 16.62
C ARG A 368 -25.65 10.90 15.67
N THR A 369 -24.94 11.98 15.95
CA THR A 369 -25.04 13.16 15.10
C THR A 369 -23.75 13.95 14.98
N TYR A 370 -23.49 14.48 13.78
CA TYR A 370 -22.33 15.33 13.60
C TYR A 370 -22.90 16.72 13.56
N TRP A 371 -22.47 17.57 14.50
CA TRP A 371 -22.95 18.94 14.56
C TRP A 371 -21.91 19.90 14.04
N SER A 372 -22.19 20.49 12.89
CA SER A 372 -21.27 21.45 12.30
C SER A 372 -21.46 22.78 13.00
N PRO A 373 -20.48 23.69 12.88
CA PRO A 373 -20.65 24.97 13.53
C PRO A 373 -21.84 25.72 12.90
N GLU A 374 -22.01 25.56 11.58
CA GLU A 374 -23.10 26.22 10.85
C GLU A 374 -24.45 25.71 11.38
N ALA A 375 -24.52 24.42 11.65
CA ALA A 375 -25.74 23.80 12.14
C ALA A 375 -26.10 24.27 13.55
N VAL A 376 -25.11 24.32 14.43
CA VAL A 376 -25.34 24.75 15.80
C VAL A 376 -25.70 26.24 15.84
N LYS A 377 -25.14 27.00 14.92
CA LYS A 377 -25.42 28.43 14.86
C LYS A 377 -26.86 28.65 14.42
N ARG A 378 -27.34 27.81 13.50
CA ARG A 378 -28.70 27.94 13.02
C ARG A 378 -29.70 27.53 14.11
N VAL A 379 -29.47 26.36 14.71
CA VAL A 379 -30.37 25.84 15.73
C VAL A 379 -30.31 26.55 17.10
N THR A 380 -29.18 27.15 17.45
CA THR A 380 -29.08 27.81 18.75
C THR A 380 -28.68 29.27 18.71
N GLY A 381 -28.07 29.70 17.61
CA GLY A 381 -27.61 31.07 17.51
C GLY A 381 -26.30 31.24 18.25
N TYR A 382 -25.76 30.13 18.74
CA TYR A 382 -24.49 30.13 19.47
C TYR A 382 -23.33 29.66 18.59
N THR A 383 -22.19 30.34 18.72
CA THR A 383 -21.00 30.00 17.94
C THR A 383 -20.07 29.10 18.75
N LEU A 384 -19.77 27.90 18.22
CA LEU A 384 -18.88 26.96 18.90
C LEU A 384 -17.48 27.53 19.08
N GLU A 385 -16.94 27.43 20.30
CA GLU A 385 -15.60 27.94 20.61
C GLU A 385 -14.70 26.80 21.04
N GLY A 386 -13.46 27.13 21.36
CA GLY A 386 -12.50 26.14 21.82
C GLY A 386 -12.39 24.92 20.94
N ARG A 387 -12.19 23.76 21.56
CA ARG A 387 -12.07 22.51 20.83
C ARG A 387 -13.31 22.22 20.00
N ALA A 388 -14.41 22.87 20.34
CA ALA A 388 -15.67 22.68 19.65
C ALA A 388 -15.83 23.55 18.40
N ALA A 389 -14.93 24.52 18.24
CA ALA A 389 -15.00 25.44 17.11
C ALA A 389 -15.10 24.82 15.72
N ASN A 390 -14.57 23.61 15.55
CA ASN A 390 -14.62 22.95 14.24
C ASN A 390 -15.72 21.91 14.14
N GLY A 391 -16.60 21.87 15.14
CA GLY A 391 -17.67 20.89 15.11
C GLY A 391 -17.53 19.84 16.19
N ILE A 392 -18.65 19.21 16.52
CA ILE A 392 -18.70 18.18 17.55
C ILE A 392 -19.51 16.98 17.10
N ILE A 393 -19.27 15.83 17.74
CA ILE A 393 -19.98 14.60 17.43
C ILE A 393 -20.77 14.14 18.66
N HIS A 394 -22.05 13.86 18.46
CA HIS A 394 -22.91 13.42 19.55
C HIS A 394 -22.79 11.91 19.76
N LEU A 395 -22.18 11.51 20.87
CA LEU A 395 -22.02 10.10 21.21
C LEU A 395 -23.04 9.82 22.30
N ILE A 396 -24.03 8.99 21.97
CA ILE A 396 -25.10 8.68 22.91
C ILE A 396 -25.77 7.33 22.62
N ASN A 397 -25.50 6.35 23.49
CA ASN A 397 -26.09 5.02 23.33
C ASN A 397 -27.60 5.09 23.58
N SER A 398 -28.32 4.14 22.99
CA SER A 398 -29.76 4.07 23.11
C SER A 398 -30.35 3.88 24.50
N GLY A 399 -29.65 4.32 25.55
CA GLY A 399 -30.20 4.20 26.89
C GLY A 399 -29.34 3.63 28.00
N ALA A 400 -28.20 3.03 27.64
CA ALA A 400 -27.32 2.45 28.64
C ALA A 400 -25.89 2.98 28.54
N ALA A 401 -25.24 3.13 29.69
CA ALA A 401 -23.87 3.62 29.75
C ALA A 401 -23.36 3.56 31.19
N ALA A 402 -22.14 3.08 31.37
CA ALA A 402 -21.57 3.00 32.71
C ALA A 402 -21.71 4.35 33.41
N LEU A 403 -22.04 4.34 34.70
CA LEU A 403 -22.18 5.59 35.43
C LEU A 403 -20.85 6.33 35.48
N ASP A 404 -19.76 5.62 35.20
CA ASP A 404 -18.44 6.24 35.19
C ASP A 404 -18.46 7.32 34.12
N GLY A 405 -19.31 7.10 33.11
CA GLY A 405 -19.44 8.03 32.00
C GLY A 405 -19.85 9.45 32.36
N THR A 406 -20.16 9.70 33.61
CA THR A 406 -20.54 11.05 34.01
C THR A 406 -19.31 11.96 33.97
N GLY A 407 -18.16 11.39 34.34
CA GLY A 407 -16.95 12.19 34.36
C GLY A 407 -16.86 12.90 35.71
N GLU A 408 -17.72 12.49 36.63
CA GLU A 408 -17.77 13.06 37.97
C GLU A 408 -16.59 12.61 38.84
N GLN A 409 -15.91 11.54 38.43
CA GLN A 409 -14.75 11.06 39.17
C GLN A 409 -13.65 12.08 38.94
N THR A 410 -12.84 12.34 39.96
CA THR A 410 -11.81 13.35 39.83
C THR A 410 -10.43 12.96 40.33
N LYS A 411 -9.42 13.57 39.69
CA LYS A 411 -8.01 13.38 40.02
C LYS A 411 -7.32 14.69 39.68
N ASP A 412 -6.73 15.33 40.68
CA ASP A 412 -6.04 16.60 40.48
C ASP A 412 -6.99 17.64 39.89
N GLY A 413 -8.22 17.64 40.38
CA GLY A 413 -9.20 18.59 39.91
C GLY A 413 -9.61 18.44 38.46
N LYS A 414 -9.39 17.26 37.89
CA LYS A 414 -9.76 17.03 36.49
C LYS A 414 -10.71 15.85 36.40
N PRO A 415 -11.60 15.86 35.40
CA PRO A 415 -12.55 14.76 35.25
C PRO A 415 -11.84 13.55 34.64
N VAL A 416 -12.06 12.37 35.22
CA VAL A 416 -11.44 11.14 34.72
C VAL A 416 -12.31 9.94 35.06
N ILE A 417 -11.89 8.78 34.59
CA ILE A 417 -12.56 7.54 34.93
C ILE A 417 -11.39 6.75 35.49
N LYS A 418 -11.47 6.33 36.74
CA LYS A 418 -10.37 5.63 37.36
C LYS A 418 -10.64 4.16 37.50
N PRO A 419 -9.60 3.38 37.79
CA PRO A 419 -9.79 1.94 37.97
C PRO A 419 -10.59 1.85 39.27
N TYR A 420 -11.54 0.93 39.35
CA TYR A 420 -12.37 0.81 40.54
C TYR A 420 -11.61 0.86 41.86
N TYR A 421 -10.41 0.29 41.89
CA TYR A 421 -9.63 0.27 43.13
C TYR A 421 -9.08 1.61 43.58
N GLU A 422 -9.22 2.65 42.76
CA GLU A 422 -8.72 3.98 43.12
C GLU A 422 -9.88 4.92 43.46
N LEU A 423 -11.10 4.41 43.40
CA LEU A 423 -12.32 5.18 43.69
C LEU A 423 -12.48 5.59 45.15
N THR A 424 -12.91 6.84 45.37
CA THR A 424 -13.18 7.33 46.73
C THR A 424 -14.70 7.29 46.83
N ASP A 425 -15.23 7.33 48.06
CA ASP A 425 -16.68 7.30 48.24
C ASP A 425 -17.32 8.52 47.58
N GLU A 426 -16.60 9.63 47.54
CA GLU A 426 -17.12 10.85 46.94
C GLU A 426 -17.33 10.60 45.45
N ASP A 427 -16.32 10.03 44.78
CA ASP A 427 -16.38 9.71 43.35
C ASP A 427 -17.69 9.00 43.02
N ILE A 428 -17.93 7.93 43.75
CA ILE A 428 -19.13 7.11 43.57
C ILE A 428 -20.39 7.95 43.77
N LYS A 429 -20.48 8.58 44.93
CA LYS A 429 -21.62 9.41 45.30
C LYS A 429 -22.00 10.42 44.20
N LYS A 430 -21.00 11.12 43.67
CA LYS A 430 -21.22 12.11 42.63
C LYS A 430 -21.63 11.53 41.28
N CYS A 431 -21.17 10.32 40.98
CA CYS A 431 -21.53 9.70 39.71
C CYS A 431 -23.04 9.45 39.73
N LEU A 432 -23.53 8.98 40.88
CA LEU A 432 -24.95 8.71 41.04
C LEU A 432 -25.76 10.01 41.05
N GLU A 433 -25.22 11.03 41.71
CA GLU A 433 -25.87 12.33 41.79
C GLU A 433 -26.10 12.97 40.44
N ALA A 434 -25.10 12.87 39.56
CA ALA A 434 -25.19 13.46 38.23
C ALA A 434 -26.00 12.63 37.25
N THR A 435 -26.54 11.51 37.72
CA THR A 435 -27.33 10.63 36.86
C THR A 435 -28.82 10.60 37.18
N GLN A 436 -29.63 10.48 36.15
CA GLN A 436 -31.09 10.39 36.29
C GLN A 436 -31.59 9.17 35.53
N PHE A 437 -32.41 8.36 36.19
CA PHE A 437 -32.97 7.19 35.53
C PHE A 437 -34.37 7.56 35.05
N ARG A 438 -34.52 7.54 33.73
CA ARG A 438 -35.78 7.93 33.09
C ARG A 438 -36.58 6.74 32.57
N PRO A 439 -37.92 6.78 32.73
CA PRO A 439 -38.76 5.68 32.25
C PRO A 439 -38.52 5.47 30.75
N ALA A 440 -38.30 4.22 30.36
CA ALA A 440 -38.04 3.90 28.96
C ALA A 440 -39.12 4.43 28.02
N SER A 441 -38.73 4.80 26.81
CA SER A 441 -39.67 5.30 25.82
C SER A 441 -40.46 4.10 25.30
N THR A 442 -41.72 3.98 25.70
CA THR A 442 -42.53 2.83 25.30
C THR A 442 -42.74 2.64 23.79
N GLU A 443 -42.65 3.71 23.01
CA GLU A 443 -42.83 3.60 21.56
C GLU A 443 -41.71 2.72 20.98
N TYR A 444 -40.55 2.74 21.64
CA TYR A 444 -39.40 1.93 21.24
C TYR A 444 -39.30 0.66 22.08
N PHE A 445 -39.40 0.82 23.40
CA PHE A 445 -39.29 -0.29 24.35
C PHE A 445 -40.62 -0.45 25.08
N ARG A 446 -41.53 -1.18 24.45
CA ARG A 446 -42.87 -1.42 24.99
C ARG A 446 -42.95 -2.02 26.38
N GLY A 447 -41.98 -2.86 26.74
CA GLY A 447 -41.99 -3.49 28.05
C GLY A 447 -41.49 -2.67 29.22
N GLY A 448 -41.25 -1.38 29.01
CA GLY A 448 -40.76 -0.54 30.09
C GLY A 448 -39.26 -0.57 30.31
N GLY A 449 -38.83 -0.07 31.46
CA GLY A 449 -37.41 -0.03 31.79
C GLY A 449 -36.98 1.35 32.25
N TYR A 450 -35.68 1.52 32.46
CA TYR A 450 -35.14 2.79 32.92
C TYR A 450 -33.80 3.10 32.23
N SER A 451 -33.82 4.05 31.31
CA SER A 451 -32.61 4.46 30.60
C SER A 451 -31.76 5.34 31.52
N THR A 452 -30.47 5.43 31.20
CA THR A 452 -29.52 6.22 31.99
C THR A 452 -29.37 7.59 31.35
N ASP A 453 -29.58 8.65 32.13
CA ASP A 453 -29.47 10.02 31.63
C ASP A 453 -28.43 10.86 32.36
N PHE A 454 -27.33 11.13 31.68
CA PHE A 454 -26.28 11.97 32.26
C PHE A 454 -25.59 12.77 31.16
N LEU A 455 -24.73 13.69 31.58
CA LEU A 455 -23.98 14.53 30.66
C LEU A 455 -22.51 14.49 31.06
N THR A 456 -21.70 13.80 30.27
CA THR A 456 -20.27 13.68 30.57
C THR A 456 -19.63 15.06 30.63
N LYS A 457 -18.82 15.28 31.65
CA LYS A 457 -18.13 16.55 31.82
C LYS A 457 -17.06 16.72 30.74
N GLY A 458 -16.85 17.97 30.32
CA GLY A 458 -15.87 18.23 29.27
C GLY A 458 -14.42 18.34 29.72
N GLY A 459 -13.54 18.53 28.74
CA GLY A 459 -12.12 18.68 29.01
C GLY A 459 -11.41 17.38 29.35
N MET A 460 -12.13 16.26 29.27
CA MET A 460 -11.56 14.97 29.60
C MET A 460 -11.03 14.24 28.37
N PRO A 461 -9.73 13.91 28.37
CA PRO A 461 -9.12 13.20 27.23
C PRO A 461 -9.76 11.82 27.11
N VAL A 462 -10.11 11.42 25.89
CA VAL A 462 -10.73 10.12 25.67
C VAL A 462 -10.29 9.55 24.33
N THR A 463 -10.57 8.28 24.12
CA THR A 463 -10.24 7.60 22.87
C THR A 463 -11.42 6.73 22.50
N ILE A 464 -11.99 6.93 21.32
CA ILE A 464 -13.11 6.09 20.90
C ILE A 464 -12.55 5.10 19.89
N SER A 465 -13.10 3.89 19.89
CA SER A 465 -12.61 2.86 18.98
C SER A 465 -13.69 1.90 18.51
N ARG A 466 -13.44 1.26 17.36
CA ARG A 466 -14.37 0.29 16.82
C ARG A 466 -13.68 -0.84 16.08
N LEU A 467 -14.09 -2.06 16.37
CA LEU A 467 -13.55 -3.22 15.68
C LEU A 467 -14.64 -3.65 14.70
N ASN A 468 -14.25 -3.89 13.45
CA ASN A 468 -15.19 -4.31 12.43
C ASN A 468 -14.61 -5.52 11.72
N ILE A 469 -15.48 -6.31 11.10
CA ILE A 469 -15.06 -7.49 10.35
C ILE A 469 -15.57 -7.27 8.93
N VAL A 470 -14.63 -7.12 8.00
CA VAL A 470 -14.95 -6.88 6.60
C VAL A 470 -14.61 -8.08 5.73
N LYS A 471 -15.56 -8.48 4.90
CA LYS A 471 -15.36 -9.62 4.02
C LYS A 471 -14.17 -9.40 3.10
N GLY A 472 -13.25 -10.35 3.11
CA GLY A 472 -12.07 -10.24 2.27
C GLY A 472 -10.89 -9.65 3.01
N LEU A 473 -11.10 -9.32 4.28
CA LEU A 473 -10.04 -8.73 5.10
C LEU A 473 -9.99 -9.33 6.50
N GLY A 474 -11.16 -9.53 7.10
CA GLY A 474 -11.21 -10.08 8.44
C GLY A 474 -11.38 -8.95 9.44
N PRO A 475 -10.78 -9.06 10.63
CA PRO A 475 -10.91 -7.99 11.63
C PRO A 475 -10.07 -6.76 11.31
N VAL A 476 -10.65 -5.60 11.57
CA VAL A 476 -9.95 -4.33 11.33
C VAL A 476 -10.38 -3.33 12.41
N LEU A 477 -9.41 -2.62 12.97
CA LEU A 477 -9.67 -1.66 14.04
C LEU A 477 -9.49 -0.21 13.64
N GLN A 478 -10.32 0.67 14.22
CA GLN A 478 -10.24 2.10 13.96
C GLN A 478 -10.20 2.83 15.29
N ILE A 479 -9.34 3.85 15.36
CA ILE A 479 -9.16 4.61 16.58
C ILE A 479 -9.28 6.12 16.36
N ALA A 480 -9.77 6.82 17.38
CA ALA A 480 -9.89 8.27 17.30
C ALA A 480 -9.74 8.88 18.69
N GLU A 481 -8.58 9.46 18.96
CA GLU A 481 -8.32 10.11 20.24
C GLU A 481 -8.94 11.51 20.16
N GLY A 482 -9.35 12.03 21.32
CA GLY A 482 -9.93 13.35 21.34
C GLY A 482 -10.28 13.81 22.75
N TYR A 483 -11.29 14.67 22.85
CA TYR A 483 -11.72 15.18 24.13
C TYR A 483 -13.23 15.35 24.20
N THR A 484 -13.74 15.35 25.42
CA THR A 484 -15.16 15.57 25.67
C THR A 484 -15.21 17.08 25.86
N VAL A 485 -16.32 17.71 25.49
CA VAL A 485 -16.42 19.15 25.68
C VAL A 485 -17.69 19.54 26.44
N ASP A 486 -17.68 20.76 26.98
CA ASP A 486 -18.83 21.30 27.70
C ASP A 486 -19.46 22.32 26.75
N LEU A 487 -20.79 22.36 26.73
CA LEU A 487 -21.50 23.33 25.91
C LEU A 487 -22.29 24.20 26.87
N PRO A 488 -22.57 25.46 26.48
CA PRO A 488 -23.34 26.33 27.39
C PRO A 488 -24.56 25.52 27.79
N GLU A 489 -24.99 25.67 29.04
CA GLU A 489 -26.12 24.90 29.53
C GLU A 489 -27.33 24.96 28.63
N GLU A 490 -27.67 26.17 28.18
CA GLU A 490 -28.83 26.38 27.32
C GLU A 490 -28.61 25.86 25.90
N VAL A 491 -27.36 25.90 25.42
CA VAL A 491 -27.07 25.40 24.08
C VAL A 491 -27.27 23.88 24.08
N HIS A 492 -26.74 23.23 25.12
CA HIS A 492 -26.88 21.79 25.27
C HIS A 492 -28.34 21.34 25.30
N ASP A 493 -29.17 22.01 26.11
CA ASP A 493 -30.58 21.65 26.19
C ASP A 493 -31.27 21.60 24.84
N VAL A 494 -31.08 22.62 24.03
CA VAL A 494 -31.73 22.63 22.72
C VAL A 494 -31.28 21.45 21.88
N LEU A 495 -29.96 21.27 21.76
CA LEU A 495 -29.43 20.16 20.97
C LEU A 495 -29.88 18.81 21.50
N ASP A 496 -29.93 18.68 22.83
CA ASP A 496 -30.33 17.46 23.50
C ASP A 496 -31.81 17.12 23.37
N LYS A 497 -32.66 18.12 23.59
CA LYS A 497 -34.11 17.91 23.52
C LYS A 497 -34.64 17.39 22.19
N ARG A 498 -34.03 17.82 21.09
CA ARG A 498 -34.48 17.40 19.76
C ARG A 498 -33.81 16.09 19.29
N THR A 499 -33.06 15.46 20.17
CA THR A 499 -32.39 14.20 19.84
C THR A 499 -33.02 13.08 20.65
N ASP A 500 -32.57 12.93 21.88
CA ASP A 500 -33.08 11.90 22.80
C ASP A 500 -32.56 12.24 24.18
N PRO A 501 -33.25 13.16 24.87
CA PRO A 501 -32.96 13.67 26.22
C PRO A 501 -32.91 12.66 27.35
N THR A 502 -33.52 11.49 27.18
CA THR A 502 -33.51 10.49 28.25
C THR A 502 -32.36 9.49 28.10
N TRP A 503 -31.45 9.75 27.15
CA TRP A 503 -30.31 8.88 26.93
C TRP A 503 -29.02 9.61 27.36
N PRO A 504 -27.95 8.86 27.66
CA PRO A 504 -26.68 9.47 28.09
C PRO A 504 -25.94 10.22 26.98
N THR A 505 -25.50 11.44 27.27
CA THR A 505 -24.79 12.25 26.27
C THR A 505 -23.34 12.59 26.58
N THR A 506 -22.52 12.48 25.55
CA THR A 506 -21.10 12.79 25.63
C THR A 506 -20.78 13.57 24.35
N TRP A 507 -20.35 14.82 24.52
CA TRP A 507 -19.98 15.66 23.40
C TRP A 507 -18.52 15.38 23.10
N PHE A 508 -18.28 14.84 21.91
CA PHE A 508 -16.93 14.45 21.49
C PHE A 508 -16.29 15.28 20.37
N VAL A 509 -15.01 15.59 20.55
CA VAL A 509 -14.25 16.32 19.54
C VAL A 509 -12.94 15.55 19.33
N PRO A 510 -12.76 14.93 18.15
CA PRO A 510 -11.55 14.16 17.84
C PRO A 510 -10.38 15.07 17.46
N ASN A 511 -9.17 14.59 17.70
CA ASN A 511 -7.99 15.37 17.33
C ASN A 511 -7.89 15.28 15.82
N LEU A 512 -7.58 16.39 15.16
CA LEU A 512 -7.45 16.37 13.72
C LEU A 512 -5.99 16.38 13.31
N THR A 513 -5.69 15.78 12.17
CA THR A 513 -4.32 15.72 11.66
C THR A 513 -4.21 16.53 10.38
N GLY A 514 -5.36 16.87 9.79
CA GLY A 514 -5.37 17.64 8.56
C GLY A 514 -5.27 16.74 7.35
N GLU A 515 -5.09 15.44 7.59
CA GLU A 515 -4.99 14.46 6.51
C GLU A 515 -5.87 13.25 6.77
N GLY A 516 -5.96 12.37 5.78
CA GLY A 516 -6.76 11.17 5.90
C GLY A 516 -8.19 11.36 6.38
N ALA A 517 -8.61 10.48 7.27
CA ALA A 517 -9.95 10.54 7.81
C ALA A 517 -10.06 11.59 8.89
N PHE A 518 -9.00 12.37 9.07
CA PHE A 518 -8.99 13.39 10.10
C PHE A 518 -8.71 14.81 9.59
N LYS A 519 -9.19 15.12 8.39
CA LYS A 519 -9.00 16.47 7.84
C LYS A 519 -9.97 17.41 8.57
N ASP A 520 -11.09 16.87 9.02
CA ASP A 520 -12.10 17.65 9.73
C ASP A 520 -13.00 16.74 10.56
N VAL A 521 -13.69 17.30 11.54
CA VAL A 521 -14.57 16.53 12.42
C VAL A 521 -15.54 15.63 11.66
N TYR A 522 -16.17 16.18 10.62
CA TYR A 522 -17.11 15.43 9.80
C TYR A 522 -16.49 14.15 9.23
N SER A 523 -15.30 14.27 8.66
CA SER A 523 -14.61 13.13 8.07
C SER A 523 -14.44 11.98 9.06
N VAL A 524 -14.20 12.31 10.32
CA VAL A 524 -14.03 11.29 11.34
C VAL A 524 -15.30 10.45 11.46
N MET A 525 -16.46 11.10 11.46
CA MET A 525 -17.72 10.37 11.56
C MET A 525 -18.10 9.67 10.26
N ASN A 526 -17.80 10.30 9.13
CA ASN A 526 -18.15 9.72 7.84
C ASN A 526 -17.29 8.48 7.57
N ASN A 527 -16.18 8.37 8.27
CA ASN A 527 -15.30 7.22 8.10
C ASN A 527 -15.48 6.18 9.20
N TRP A 528 -16.43 6.38 10.09
CA TRP A 528 -16.63 5.39 11.13
C TRP A 528 -17.35 4.22 10.44
N GLY A 529 -16.82 3.02 10.62
CA GLY A 529 -17.37 1.86 9.96
C GLY A 529 -18.57 1.18 10.60
N ALA A 530 -19.14 1.79 11.63
CA ALA A 530 -20.29 1.20 12.28
C ALA A 530 -21.04 2.26 13.07
N ASN A 531 -22.21 1.90 13.58
CA ASN A 531 -23.04 2.80 14.35
C ASN A 531 -22.60 2.92 15.81
N HIS A 532 -21.79 1.97 16.27
CA HIS A 532 -21.31 1.98 17.65
C HIS A 532 -19.82 2.27 17.79
N CYS A 533 -19.41 2.51 19.03
CA CYS A 533 -18.01 2.76 19.36
C CYS A 533 -17.84 2.55 20.85
N SER A 534 -16.60 2.47 21.29
CA SER A 534 -16.33 2.31 22.70
C SER A 534 -15.52 3.54 23.09
N ILE A 535 -15.93 4.18 24.18
CA ILE A 535 -15.25 5.37 24.67
C ILE A 535 -14.42 4.99 25.89
N SER A 536 -13.14 5.30 25.87
CA SER A 536 -12.28 5.02 27.02
C SER A 536 -11.63 6.31 27.47
N TYR A 537 -11.48 6.49 28.77
CA TYR A 537 -10.83 7.68 29.30
C TYR A 537 -9.35 7.64 28.92
N GLY A 538 -8.79 8.80 28.62
CA GLY A 538 -7.39 8.88 28.28
C GLY A 538 -7.07 8.71 26.80
N HIS A 539 -5.80 8.89 26.45
CA HIS A 539 -5.36 8.73 25.07
C HIS A 539 -4.59 7.42 25.00
N ILE A 540 -5.29 6.37 24.56
CA ILE A 540 -4.72 5.05 24.49
C ILE A 540 -4.57 4.50 23.08
N GLY A 541 -4.54 5.38 22.08
CA GLY A 541 -4.40 4.94 20.71
C GLY A 541 -3.14 4.11 20.50
N ALA A 542 -2.01 4.62 20.97
CA ALA A 542 -0.73 3.92 20.82
C ALA A 542 -0.81 2.53 21.45
N ASP A 543 -1.38 2.45 22.65
CA ASP A 543 -1.50 1.16 23.33
C ASP A 543 -2.37 0.22 22.49
N LEU A 544 -3.44 0.76 21.90
CA LEU A 544 -4.33 -0.05 21.07
C LEU A 544 -3.62 -0.55 19.83
N ILE A 545 -2.81 0.33 19.24
CA ILE A 545 -2.06 -0.01 18.03
C ILE A 545 -1.12 -1.17 18.32
N THR A 546 -0.39 -1.07 19.43
CA THR A 546 0.54 -2.12 19.79
C THR A 546 -0.22 -3.42 20.06
N LEU A 547 -1.39 -3.31 20.70
CA LEU A 547 -2.19 -4.49 20.99
C LEU A 547 -2.68 -5.13 19.70
N ALA A 548 -3.15 -4.31 18.77
CA ALA A 548 -3.65 -4.79 17.49
C ALA A 548 -2.55 -5.45 16.67
N SER A 549 -1.35 -4.92 16.73
CA SER A 549 -0.24 -5.50 15.96
C SER A 549 0.08 -6.90 16.50
N ILE A 550 -0.09 -7.09 17.81
CA ILE A 550 0.17 -8.39 18.43
C ILE A 550 -0.90 -9.38 18.00
N LEU A 551 -2.12 -8.88 17.81
CA LEU A 551 -3.25 -9.71 17.39
C LEU A 551 -3.31 -9.85 15.88
N ARG A 552 -2.39 -9.17 15.19
CA ARG A 552 -2.35 -9.20 13.74
C ARG A 552 -3.64 -8.68 13.14
N ILE A 553 -4.15 -7.61 13.75
CA ILE A 553 -5.37 -6.95 13.30
C ILE A 553 -4.97 -5.54 12.80
N PRO A 554 -5.10 -5.30 11.49
CA PRO A 554 -4.75 -4.02 10.89
C PRO A 554 -5.61 -2.84 11.37
N VAL A 555 -5.01 -1.66 11.44
CA VAL A 555 -5.69 -0.45 11.87
C VAL A 555 -5.93 0.47 10.67
N ASN A 556 -7.14 0.44 10.13
CA ASN A 556 -7.49 1.26 8.97
C ASN A 556 -7.57 2.76 9.22
N MET A 557 -7.75 3.15 10.46
CA MET A 557 -7.91 4.57 10.76
C MET A 557 -7.53 4.92 12.18
N HIS A 558 -6.64 5.90 12.33
CA HIS A 558 -6.21 6.36 13.65
C HIS A 558 -5.48 7.70 13.55
N ASN A 559 -5.58 8.51 14.60
CA ASN A 559 -4.92 9.82 14.65
C ASN A 559 -3.80 9.83 15.68
N VAL A 560 -3.09 8.71 15.81
CA VAL A 560 -1.98 8.63 16.76
C VAL A 560 -0.72 9.09 16.06
N PRO A 561 0.04 9.99 16.69
CA PRO A 561 1.29 10.51 16.11
C PRO A 561 2.15 9.33 15.69
N GLU A 562 2.65 9.35 14.46
CA GLU A 562 3.46 8.23 13.99
C GLU A 562 4.67 7.87 14.84
N GLU A 563 5.25 8.84 15.54
CA GLU A 563 6.42 8.57 16.38
C GLU A 563 6.04 7.64 17.53
N LYS A 564 4.77 7.65 17.92
CA LYS A 564 4.29 6.82 19.01
C LYS A 564 3.91 5.40 18.60
N ILE A 565 3.91 5.12 17.30
CA ILE A 565 3.57 3.78 16.80
C ILE A 565 4.63 2.75 17.15
N PHE A 566 4.23 1.74 17.92
CA PHE A 566 5.16 0.69 18.35
C PHE A 566 4.66 -0.69 17.88
N ARG A 567 5.26 -1.19 16.81
CA ARG A 567 4.88 -2.48 16.24
C ARG A 567 6.05 -3.46 16.16
N PRO A 568 5.77 -4.76 15.98
CA PRO A 568 6.85 -5.76 15.89
C PRO A 568 7.86 -5.35 14.83
N ASP A 569 9.12 -5.68 15.08
CA ASP A 569 10.19 -5.33 14.15
C ASP A 569 9.91 -5.68 12.68
N ALA A 570 9.35 -6.86 12.44
CA ALA A 570 9.06 -7.31 11.08
C ALA A 570 8.15 -6.37 10.30
N TRP A 571 7.37 -5.56 11.00
CA TRP A 571 6.47 -4.64 10.32
C TRP A 571 7.20 -3.69 9.37
N SER A 572 8.35 -3.19 9.81
CA SER A 572 9.11 -2.26 8.99
C SER A 572 9.70 -2.94 7.76
N MET A 573 9.73 -4.27 7.76
CA MET A 573 10.25 -5.01 6.62
C MET A 573 9.22 -4.97 5.49
N PHE A 574 8.00 -4.61 5.86
CA PHE A 574 6.92 -4.51 4.88
C PHE A 574 6.73 -3.06 4.45
N GLY A 575 7.65 -2.19 4.86
CA GLY A 575 7.56 -0.79 4.49
C GLY A 575 7.81 0.20 5.61
N THR A 576 8.47 1.31 5.28
CA THR A 576 8.77 2.35 6.26
C THR A 576 8.13 3.69 5.86
N LYS A 577 7.94 3.88 4.57
CA LYS A 577 7.35 5.12 4.05
C LYS A 577 5.83 5.17 4.25
N ASP A 578 5.16 4.03 4.20
CA ASP A 578 3.71 3.97 4.40
C ASP A 578 3.36 2.89 5.42
N LEU A 579 3.30 3.28 6.69
CA LEU A 579 3.00 2.36 7.76
C LEU A 579 1.63 1.69 7.63
N GLU A 580 0.64 2.41 7.10
CA GLU A 580 -0.69 1.82 6.93
C GLU A 580 -0.59 0.63 5.96
N GLY A 581 -0.05 0.89 4.78
CA GLY A 581 0.13 -0.18 3.81
C GLY A 581 0.95 -1.33 4.39
N ALA A 582 2.00 -1.00 5.14
CA ALA A 582 2.86 -2.02 5.75
C ALA A 582 2.12 -2.85 6.80
N ASP A 583 1.22 -2.19 7.53
CA ASP A 583 0.43 -2.85 8.57
C ASP A 583 -0.39 -3.96 7.91
N TYR A 584 -1.09 -3.61 6.83
CA TYR A 584 -1.89 -4.58 6.10
C TYR A 584 -1.06 -5.72 5.53
N ARG A 585 0.07 -5.38 4.90
CA ARG A 585 0.92 -6.42 4.33
C ARG A 585 1.47 -7.34 5.40
N ALA A 586 1.90 -6.77 6.52
CA ALA A 586 2.45 -7.54 7.62
C ALA A 586 1.39 -8.40 8.32
N CYS A 587 0.18 -7.86 8.50
CA CYS A 587 -0.89 -8.61 9.15
C CYS A 587 -1.31 -9.81 8.31
N LYS A 588 -1.37 -9.61 7.00
CA LYS A 588 -1.77 -10.64 6.05
C LYS A 588 -0.78 -11.79 5.92
N LYS A 589 0.49 -11.47 5.65
CA LYS A 589 1.53 -12.47 5.47
C LYS A 589 2.01 -13.18 6.73
N LEU A 590 2.09 -12.45 7.84
CA LEU A 590 2.54 -13.03 9.11
C LEU A 590 1.39 -13.71 9.86
N ALA B 2 -38.37 2.97 -20.22
CA ALA B 2 -38.12 3.49 -21.60
C ALA B 2 -37.33 2.49 -22.42
N LYS B 3 -37.83 2.16 -23.61
CA LYS B 3 -37.17 1.23 -24.51
C LYS B 3 -35.84 1.81 -24.97
N ASP B 4 -34.79 1.00 -24.97
CA ASP B 4 -33.50 1.49 -25.45
C ASP B 4 -33.69 1.60 -26.97
N PRO B 5 -33.53 2.81 -27.52
CA PRO B 5 -33.69 3.08 -28.97
C PRO B 5 -32.79 2.32 -29.94
N ARG B 6 -31.69 1.78 -29.44
CA ARG B 6 -30.75 1.07 -30.30
C ARG B 6 -30.51 -0.39 -29.92
N TYR B 7 -30.50 -0.66 -28.61
CA TYR B 7 -30.23 -2.00 -28.11
C TYR B 7 -31.42 -2.76 -27.56
N VAL B 8 -31.28 -4.09 -27.52
CA VAL B 8 -32.32 -4.96 -26.99
C VAL B 8 -32.72 -4.51 -25.59
N GLY B 9 -33.98 -4.73 -25.24
CA GLY B 9 -34.45 -4.40 -23.91
C GLY B 9 -34.66 -2.94 -23.58
N ASN B 10 -34.78 -2.66 -22.29
CA ASN B 10 -34.99 -1.30 -21.81
C ASN B 10 -33.80 -0.71 -21.10
N LEU B 11 -33.82 0.61 -20.97
CA LEU B 11 -32.76 1.35 -20.31
C LEU B 11 -32.86 1.09 -18.81
N PRO B 12 -31.71 0.97 -18.13
CA PRO B 12 -31.72 0.73 -16.69
C PRO B 12 -32.49 1.80 -15.93
N LYS B 13 -33.21 1.36 -14.90
CA LYS B 13 -33.97 2.27 -14.07
C LYS B 13 -33.30 2.31 -12.70
N ILE B 14 -33.59 3.36 -11.93
CA ILE B 14 -33.03 3.49 -10.59
C ILE B 14 -34.14 3.25 -9.58
N GLY B 15 -33.95 2.26 -8.70
CA GLY B 15 -34.94 1.94 -7.69
C GLY B 15 -34.61 2.62 -6.37
N ILE B 16 -35.60 3.25 -5.74
CA ILE B 16 -35.39 3.93 -4.47
C ILE B 16 -36.05 3.10 -3.39
N ARG B 17 -35.28 2.73 -2.38
CA ARG B 17 -35.78 1.92 -1.28
C ARG B 17 -35.87 2.72 0.02
N PRO B 18 -37.06 3.19 0.38
CA PRO B 18 -37.18 3.95 1.62
C PRO B 18 -37.34 2.98 2.78
N THR B 19 -36.37 2.95 3.70
CA THR B 19 -36.45 2.06 4.86
C THR B 19 -37.02 2.81 6.05
N ILE B 20 -37.66 2.08 6.95
CA ILE B 20 -38.29 2.70 8.12
C ILE B 20 -38.23 1.78 9.36
N ASP B 21 -38.42 2.36 10.53
CA ASP B 21 -38.44 1.56 11.76
C ASP B 21 -39.66 0.66 11.71
N GLY B 22 -39.48 -0.62 12.02
CA GLY B 22 -40.58 -1.57 11.98
C GLY B 22 -41.67 -1.44 13.03
N ARG B 23 -41.36 -0.78 14.14
CA ARG B 23 -42.31 -0.61 15.24
C ARG B 23 -43.56 0.18 14.90
N ARG B 24 -44.71 -0.47 15.01
CA ARG B 24 -45.97 0.21 14.71
C ARG B 24 -46.64 0.70 15.99
N LYS B 25 -47.82 1.30 15.84
CA LYS B 25 -48.56 1.85 16.96
C LYS B 25 -47.70 2.90 17.64
N GLY B 26 -47.06 3.72 16.83
CA GLY B 26 -46.21 4.78 17.36
C GLY B 26 -45.18 5.27 16.36
N VAL B 27 -44.02 4.63 16.35
CA VAL B 27 -42.91 5.03 15.49
C VAL B 27 -43.14 5.01 13.97
N ARG B 28 -43.48 3.85 13.41
CA ARG B 28 -43.67 3.78 11.96
C ARG B 28 -44.67 4.78 11.39
N GLU B 29 -45.85 4.86 11.99
CA GLU B 29 -46.88 5.77 11.52
C GLU B 29 -46.43 7.23 11.47
N SER B 30 -45.54 7.61 12.38
CA SER B 30 -45.06 8.99 12.43
C SER B 30 -43.98 9.30 11.41
N LEU B 31 -43.48 8.28 10.72
CA LEU B 31 -42.42 8.47 9.73
C LEU B 31 -42.78 7.98 8.33
N GLU B 32 -43.96 7.39 8.19
CA GLU B 32 -44.42 6.86 6.90
C GLU B 32 -44.41 7.90 5.80
N GLU B 33 -44.86 9.11 6.10
CA GLU B 33 -44.91 10.16 5.10
C GLU B 33 -43.56 10.85 4.88
N THR B 34 -42.82 11.07 5.95
CA THR B 34 -41.52 11.73 5.85
C THR B 34 -40.53 10.89 5.07
N THR B 35 -40.56 9.57 5.29
CA THR B 35 -39.65 8.65 4.63
C THR B 35 -39.99 8.51 3.14
N MET B 36 -41.27 8.37 2.84
CA MET B 36 -41.70 8.23 1.46
C MET B 36 -41.42 9.53 0.70
N ASN B 37 -41.57 10.67 1.37
CA ASN B 37 -41.30 11.95 0.72
C ASN B 37 -39.82 12.12 0.43
N MET B 38 -38.98 11.46 1.22
CA MET B 38 -37.53 11.52 1.05
C MET B 38 -37.20 10.79 -0.26
N ALA B 39 -37.87 9.67 -0.49
CA ALA B 39 -37.66 8.88 -1.69
C ALA B 39 -38.12 9.66 -2.93
N LYS B 40 -39.25 10.34 -2.83
CA LYS B 40 -39.75 11.11 -3.97
C LYS B 40 -38.79 12.26 -4.32
N ALA B 41 -38.24 12.91 -3.30
CA ALA B 41 -37.32 14.02 -3.51
C ALA B 41 -36.11 13.56 -4.32
N VAL B 42 -35.60 12.38 -3.99
CA VAL B 42 -34.47 11.82 -4.68
C VAL B 42 -34.86 11.53 -6.13
N ALA B 43 -36.00 10.89 -6.31
CA ALA B 43 -36.47 10.57 -7.65
C ALA B 43 -36.55 11.86 -8.48
N LYS B 44 -37.12 12.89 -7.90
CA LYS B 44 -37.26 14.17 -8.58
C LYS B 44 -35.89 14.76 -8.93
N LEU B 45 -34.94 14.61 -8.01
CA LEU B 45 -33.60 15.12 -8.22
C LEU B 45 -32.90 14.42 -9.39
N LEU B 46 -32.92 13.09 -9.37
CA LEU B 46 -32.27 12.31 -10.42
C LEU B 46 -32.91 12.55 -11.78
N GLU B 47 -34.23 12.60 -11.80
CA GLU B 47 -34.96 12.83 -13.05
C GLU B 47 -34.61 14.18 -13.68
N GLU B 48 -34.16 15.12 -12.85
CA GLU B 48 -33.81 16.44 -13.35
C GLU B 48 -32.31 16.64 -13.54
N ASN B 49 -31.52 15.63 -13.26
CA ASN B 49 -30.07 15.77 -13.40
C ASN B 49 -29.36 14.61 -14.11
N VAL B 50 -30.04 13.48 -14.25
CA VAL B 50 -29.45 12.31 -14.91
C VAL B 50 -30.27 11.93 -16.15
N PHE B 51 -29.61 11.86 -17.30
CA PHE B 51 -30.29 11.54 -18.55
C PHE B 51 -29.67 10.38 -19.34
N TYR B 52 -30.54 9.55 -19.93
CA TYR B 52 -30.11 8.42 -20.76
C TYR B 52 -29.38 9.00 -21.96
N TYR B 53 -28.57 8.17 -22.62
CA TYR B 53 -27.82 8.65 -23.77
C TYR B 53 -28.66 9.28 -24.88
N ASN B 54 -29.97 9.10 -24.81
CA ASN B 54 -30.85 9.65 -25.83
C ASN B 54 -31.54 10.96 -25.42
N GLY B 55 -31.19 11.47 -24.24
CA GLY B 55 -31.79 12.72 -23.79
C GLY B 55 -32.95 12.54 -22.82
N GLN B 56 -33.54 11.35 -22.80
CA GLN B 56 -34.65 11.09 -21.90
C GLN B 56 -34.16 11.09 -20.45
N PRO B 57 -35.01 11.53 -19.52
CA PRO B 57 -34.66 11.57 -18.09
C PRO B 57 -34.65 10.16 -17.51
N VAL B 58 -33.68 9.86 -16.64
CA VAL B 58 -33.61 8.54 -16.03
C VAL B 58 -34.94 8.29 -15.33
N GLU B 59 -35.41 7.06 -15.42
CA GLU B 59 -36.67 6.71 -14.78
C GLU B 59 -36.42 6.02 -13.44
N CYS B 60 -37.12 6.46 -12.40
CA CYS B 60 -36.97 5.88 -11.08
C CYS B 60 -38.18 5.04 -10.70
N VAL B 61 -37.94 4.07 -9.83
CA VAL B 61 -39.00 3.19 -9.35
C VAL B 61 -38.93 3.23 -7.83
N ILE B 62 -40.05 3.54 -7.19
CA ILE B 62 -40.08 3.60 -5.74
C ILE B 62 -40.79 2.37 -5.20
N ALA B 63 -40.31 1.81 -4.09
CA ALA B 63 -40.92 0.62 -3.51
C ALA B 63 -42.37 0.90 -3.16
N ASP B 64 -43.24 -0.10 -3.34
CA ASP B 64 -44.65 0.10 -3.05
C ASP B 64 -44.91 0.51 -1.60
N THR B 65 -43.99 0.17 -0.71
CA THR B 65 -44.16 0.53 0.69
C THR B 65 -42.80 0.80 1.32
N CYS B 66 -42.81 1.36 2.52
CA CYS B 66 -41.57 1.62 3.23
C CYS B 66 -41.11 0.25 3.72
N ILE B 67 -39.81 -0.01 3.57
CA ILE B 67 -39.23 -1.29 3.97
C ILE B 67 -38.79 -1.25 5.43
N GLY B 68 -39.47 -2.04 6.26
CA GLY B 68 -39.14 -2.09 7.67
C GLY B 68 -38.69 -3.46 8.14
N GLY B 69 -38.86 -4.44 7.27
CA GLY B 69 -38.48 -5.81 7.59
C GLY B 69 -38.06 -6.58 6.34
N VAL B 70 -37.85 -7.89 6.48
CA VAL B 70 -37.43 -8.70 5.36
C VAL B 70 -38.54 -8.92 4.33
N LYS B 71 -39.78 -9.05 4.81
CA LYS B 71 -40.92 -9.27 3.92
C LYS B 71 -41.02 -8.14 2.90
N GLU B 72 -41.06 -6.91 3.39
CA GLU B 72 -41.16 -5.73 2.55
C GLU B 72 -39.91 -5.54 1.69
N ALA B 73 -38.77 -6.01 2.18
CA ALA B 73 -37.54 -5.87 1.43
C ALA B 73 -37.60 -6.80 0.22
N ALA B 74 -38.14 -8.00 0.43
CA ALA B 74 -38.27 -8.98 -0.64
C ALA B 74 -39.29 -8.55 -1.68
N GLU B 75 -40.33 -7.85 -1.24
CA GLU B 75 -41.34 -7.38 -2.17
C GLU B 75 -40.74 -6.28 -3.05
N ALA B 76 -39.83 -5.50 -2.48
CA ALA B 76 -39.15 -4.45 -3.22
C ALA B 76 -38.29 -5.09 -4.31
N ALA B 77 -37.47 -6.06 -3.92
CA ALA B 77 -36.60 -6.73 -4.88
C ALA B 77 -37.42 -7.29 -6.04
N GLU B 78 -38.53 -7.94 -5.71
CA GLU B 78 -39.40 -8.50 -6.74
C GLU B 78 -39.89 -7.41 -7.68
N LYS B 79 -40.27 -6.27 -7.11
CA LYS B 79 -40.76 -5.16 -7.91
C LYS B 79 -39.67 -4.53 -8.77
N PHE B 80 -38.50 -4.32 -8.18
CA PHE B 80 -37.38 -3.72 -8.92
C PHE B 80 -36.91 -4.63 -10.03
N ALA B 81 -36.79 -5.92 -9.73
CA ALA B 81 -36.35 -6.90 -10.71
C ALA B 81 -37.36 -7.00 -11.85
N ARG B 82 -38.63 -6.87 -11.50
CA ARG B 82 -39.69 -6.95 -12.48
C ARG B 82 -39.76 -5.71 -13.36
N GLU B 83 -39.33 -4.57 -12.82
CA GLU B 83 -39.36 -3.32 -13.55
C GLU B 83 -38.02 -2.91 -14.15
N GLY B 84 -37.07 -3.84 -14.17
CA GLY B 84 -35.77 -3.54 -14.74
C GLY B 84 -34.96 -2.46 -14.05
N VAL B 85 -34.77 -2.61 -12.75
CA VAL B 85 -33.98 -1.66 -12.00
C VAL B 85 -32.54 -2.13 -12.09
N GLY B 86 -31.62 -1.19 -12.34
CA GLY B 86 -30.23 -1.55 -12.45
C GLY B 86 -29.34 -0.83 -11.46
N VAL B 87 -29.95 0.06 -10.68
CA VAL B 87 -29.24 0.84 -9.67
C VAL B 87 -30.21 1.03 -8.50
N SER B 88 -29.70 0.90 -7.28
CA SER B 88 -30.55 1.06 -6.11
C SER B 88 -30.00 2.08 -5.12
N ILE B 89 -30.92 2.83 -4.52
CA ILE B 89 -30.58 3.85 -3.54
C ILE B 89 -31.55 3.75 -2.36
N THR B 90 -31.01 3.56 -1.17
CA THR B 90 -31.83 3.45 0.03
C THR B 90 -31.83 4.78 0.75
N VAL B 91 -33.01 5.21 1.20
CA VAL B 91 -33.11 6.48 1.93
C VAL B 91 -33.90 6.26 3.21
N THR B 92 -33.54 6.98 4.25
CA THR B 92 -34.25 6.86 5.52
C THR B 92 -33.90 7.97 6.47
N PRO B 93 -34.84 8.33 7.35
CA PRO B 93 -34.61 9.38 8.33
C PRO B 93 -34.55 8.80 9.73
N CYS B 94 -34.84 7.50 9.86
CA CYS B 94 -34.84 6.88 11.17
C CYS B 94 -33.97 5.63 11.27
N TRP B 95 -34.11 4.92 12.38
CA TRP B 95 -33.37 3.67 12.58
C TRP B 95 -34.15 2.52 11.93
N CYS B 96 -33.43 1.64 11.23
CA CYS B 96 -34.04 0.49 10.57
C CYS B 96 -33.24 -0.75 10.94
N TYR B 97 -33.87 -1.92 10.88
CA TYR B 97 -33.20 -3.16 11.28
C TYR B 97 -32.17 -3.76 10.33
N GLY B 98 -31.07 -3.04 10.17
CA GLY B 98 -29.96 -3.46 9.33
C GLY B 98 -30.18 -4.51 8.25
N THR B 99 -29.56 -5.67 8.43
CA THR B 99 -29.65 -6.76 7.48
C THR B 99 -31.08 -7.10 7.04
N GLU B 100 -32.05 -6.89 7.94
CA GLU B 100 -33.45 -7.18 7.64
C GLU B 100 -33.98 -6.32 6.48
N THR B 101 -33.37 -5.16 6.27
CA THR B 101 -33.80 -4.23 5.23
C THR B 101 -32.81 -4.02 4.10
N MET B 102 -31.74 -4.82 4.07
CA MET B 102 -30.72 -4.68 3.03
C MET B 102 -31.17 -5.09 1.64
N ASP B 103 -30.56 -4.47 0.65
CA ASP B 103 -30.80 -4.83 -0.73
C ASP B 103 -29.72 -5.90 -0.84
N MET B 104 -30.11 -7.16 -1.06
CA MET B 104 -29.13 -8.23 -1.13
C MET B 104 -28.65 -8.59 -2.53
N ASP B 105 -29.11 -7.84 -3.53
CA ASP B 105 -28.71 -8.10 -4.89
C ASP B 105 -27.23 -7.70 -5.03
N PRO B 106 -26.34 -8.67 -5.24
CA PRO B 106 -24.93 -8.35 -5.39
C PRO B 106 -24.57 -7.80 -6.76
N HIS B 107 -25.50 -7.89 -7.70
CA HIS B 107 -25.25 -7.46 -9.07
C HIS B 107 -25.68 -6.04 -9.47
N ILE B 108 -25.92 -5.17 -8.51
CA ILE B 108 -26.28 -3.80 -8.88
C ILE B 108 -25.66 -2.76 -7.94
N PRO B 109 -25.25 -1.62 -8.51
CA PRO B 109 -24.65 -0.55 -7.70
C PRO B 109 -25.69 -0.11 -6.68
N LYS B 110 -25.28 0.04 -5.43
CA LYS B 110 -26.20 0.47 -4.38
C LYS B 110 -25.61 1.55 -3.46
N ALA B 111 -26.46 2.47 -3.05
CA ALA B 111 -26.06 3.57 -2.19
C ALA B 111 -27.11 3.78 -1.09
N VAL B 112 -26.67 4.30 0.05
CA VAL B 112 -27.58 4.51 1.16
C VAL B 112 -27.49 5.98 1.61
N TRP B 113 -28.63 6.67 1.65
CA TRP B 113 -28.62 8.06 2.08
C TRP B 113 -29.32 8.19 3.41
N GLY B 114 -28.54 8.53 4.44
CA GLY B 114 -29.07 8.70 5.77
C GLY B 114 -29.29 10.17 6.06
N PHE B 115 -30.52 10.52 6.39
CA PHE B 115 -30.89 11.91 6.69
C PHE B 115 -30.16 12.36 7.95
N ASN B 116 -29.55 13.54 7.89
CA ASN B 116 -28.87 14.06 9.04
C ASN B 116 -29.87 14.87 9.87
N GLY B 117 -30.69 14.14 10.62
CA GLY B 117 -31.70 14.76 11.46
C GLY B 117 -31.43 14.36 12.90
N THR B 118 -32.01 15.10 13.84
CA THR B 118 -31.80 14.81 15.25
C THR B 118 -32.84 13.87 15.87
N GLU B 119 -34.10 14.07 15.51
CA GLU B 119 -35.21 13.29 16.05
C GLU B 119 -35.09 11.76 16.01
N ARG B 120 -34.50 11.21 14.94
CA ARG B 120 -34.37 9.74 14.83
C ARG B 120 -32.96 9.34 14.40
N PRO B 121 -32.53 8.12 14.73
CA PRO B 121 -31.20 7.59 14.39
C PRO B 121 -30.91 7.25 12.91
N GLY B 122 -31.26 8.18 12.02
CA GLY B 122 -31.01 7.96 10.60
C GLY B 122 -29.55 7.70 10.27
N ALA B 123 -28.65 8.51 10.82
CA ALA B 123 -27.23 8.34 10.57
C ALA B 123 -26.72 7.06 11.22
N VAL B 124 -27.44 6.59 12.24
CA VAL B 124 -27.08 5.36 12.93
C VAL B 124 -27.37 4.15 12.04
N TYR B 125 -28.45 4.22 11.26
CA TYR B 125 -28.79 3.12 10.36
C TYR B 125 -27.80 3.13 9.20
N LEU B 126 -27.42 4.33 8.75
CA LEU B 126 -26.47 4.46 7.67
C LEU B 126 -25.20 3.68 7.99
N ALA B 127 -24.61 3.95 9.17
CA ALA B 127 -23.38 3.26 9.57
C ALA B 127 -23.63 1.78 9.90
N ALA B 128 -24.82 1.49 10.40
CA ALA B 128 -25.16 0.10 10.76
C ALA B 128 -25.29 -0.79 9.52
N VAL B 129 -26.08 -0.35 8.56
CA VAL B 129 -26.30 -1.14 7.35
C VAL B 129 -25.04 -1.21 6.50
N LEU B 130 -24.22 -0.15 6.53
CA LEU B 130 -22.99 -0.17 5.77
C LEU B 130 -22.03 -1.16 6.43
N ALA B 131 -22.06 -1.24 7.76
CA ALA B 131 -21.22 -2.18 8.46
C ALA B 131 -21.66 -3.55 7.97
N GLY B 132 -22.97 -3.69 7.77
CA GLY B 132 -23.49 -4.95 7.26
C GLY B 132 -22.96 -5.22 5.87
N TYR B 133 -23.10 -4.24 4.98
CA TYR B 133 -22.63 -4.38 3.60
C TYR B 133 -21.16 -4.76 3.55
N ASN B 134 -20.32 -4.04 4.30
CA ASN B 134 -18.90 -4.33 4.31
C ASN B 134 -18.64 -5.75 4.82
N GLN B 135 -19.38 -6.16 5.85
CA GLN B 135 -19.22 -7.48 6.44
C GLN B 135 -19.67 -8.61 5.52
N LYS B 136 -20.66 -8.36 4.67
CA LYS B 136 -21.14 -9.40 3.77
C LYS B 136 -20.39 -9.36 2.46
N GLY B 137 -19.67 -8.27 2.23
CA GLY B 137 -18.91 -8.13 1.00
C GLY B 137 -19.76 -7.64 -0.17
N LEU B 138 -20.76 -6.81 0.12
CA LEU B 138 -21.62 -6.23 -0.90
C LEU B 138 -21.38 -4.73 -0.79
N PRO B 139 -20.49 -4.19 -1.63
CA PRO B 139 -20.15 -2.76 -1.63
C PRO B 139 -21.37 -1.84 -1.73
N ALA B 140 -21.33 -0.74 -0.98
CA ALA B 140 -22.40 0.23 -0.99
C ALA B 140 -21.82 1.59 -0.71
N PHE B 141 -22.42 2.63 -1.29
CA PHE B 141 -21.94 3.98 -1.06
C PHE B 141 -22.72 4.56 0.11
N GLY B 142 -22.05 5.38 0.92
CA GLY B 142 -22.71 6.00 2.04
C GLY B 142 -22.85 7.48 1.82
N ILE B 143 -24.05 8.01 1.99
CA ILE B 143 -24.30 9.44 1.80
C ILE B 143 -24.80 10.07 3.08
N TYR B 144 -24.03 11.01 3.61
CA TYR B 144 -24.35 11.69 4.86
C TYR B 144 -24.01 13.18 4.78
N GLY B 145 -25.03 14.03 4.87
CA GLY B 145 -24.82 15.48 4.79
C GLY B 145 -24.11 16.06 5.99
N LYS B 146 -23.29 17.09 5.77
CA LYS B 146 -22.53 17.70 6.86
C LYS B 146 -23.34 18.57 7.83
N ASP B 147 -24.42 19.17 7.34
CA ASP B 147 -25.26 20.03 8.17
C ASP B 147 -26.61 19.39 8.54
N VAL B 148 -27.00 19.55 9.80
CA VAL B 148 -28.27 19.02 10.30
C VAL B 148 -29.45 19.75 9.69
N GLN B 149 -30.45 19.00 9.24
CA GLN B 149 -31.66 19.58 8.65
C GLN B 149 -32.82 19.21 9.57
N ASP B 150 -33.88 20.01 9.57
CA ASP B 150 -35.02 19.70 10.42
C ASP B 150 -35.86 18.59 9.83
N ALA B 151 -36.53 17.83 10.69
CA ALA B 151 -37.38 16.73 10.28
C ALA B 151 -38.24 17.07 9.06
N GLY B 152 -38.28 16.16 8.09
CA GLY B 152 -39.09 16.35 6.90
C GLY B 152 -38.59 17.27 5.81
N ASP B 153 -37.45 17.91 6.02
CA ASP B 153 -36.91 18.82 5.02
C ASP B 153 -36.71 18.11 3.68
N THR B 154 -37.63 18.32 2.75
CA THR B 154 -37.54 17.69 1.45
C THR B 154 -36.52 18.36 0.54
N ASN B 155 -35.86 19.40 1.03
CA ASN B 155 -34.84 20.08 0.23
C ASN B 155 -33.49 19.43 0.48
N ILE B 156 -32.97 18.76 -0.53
CA ILE B 156 -31.69 18.07 -0.44
C ILE B 156 -30.52 19.04 -0.53
N PRO B 157 -29.64 19.03 0.49
CA PRO B 157 -28.47 19.91 0.55
C PRO B 157 -27.44 19.62 -0.57
N GLU B 158 -26.66 20.65 -0.90
CA GLU B 158 -25.68 20.54 -1.98
C GLU B 158 -24.65 19.40 -1.92
N ASP B 159 -24.11 19.09 -0.74
CA ASP B 159 -23.13 18.01 -0.64
C ASP B 159 -23.78 16.65 -0.90
N VAL B 160 -25.02 16.51 -0.45
CA VAL B 160 -25.76 15.29 -0.65
C VAL B 160 -26.09 15.13 -2.12
N LYS B 161 -26.54 16.22 -2.76
CA LYS B 161 -26.88 16.21 -4.19
C LYS B 161 -25.76 15.68 -5.06
N GLU B 162 -24.58 16.27 -4.89
CA GLU B 162 -23.41 15.89 -5.67
C GLU B 162 -23.10 14.40 -5.59
N LYS B 163 -23.29 13.81 -4.41
CA LYS B 163 -23.03 12.38 -4.24
C LYS B 163 -24.09 11.51 -4.87
N LEU B 164 -25.35 11.89 -4.72
CA LEU B 164 -26.46 11.13 -5.30
C LEU B 164 -26.34 11.10 -6.81
N ILE B 165 -26.00 12.25 -7.38
CA ILE B 165 -25.87 12.36 -8.83
C ILE B 165 -24.64 11.63 -9.35
N ARG B 166 -23.52 11.78 -8.66
CA ARG B 166 -22.31 11.11 -9.09
C ARG B 166 -22.55 9.60 -9.02
N PHE B 167 -23.16 9.14 -7.94
CA PHE B 167 -23.46 7.73 -7.78
C PHE B 167 -24.40 7.26 -8.90
N ALA B 168 -25.48 8.00 -9.10
CA ALA B 168 -26.47 7.67 -10.12
C ALA B 168 -25.87 7.57 -11.53
N LYS B 169 -25.10 8.57 -11.94
CA LYS B 169 -24.50 8.55 -13.28
C LYS B 169 -23.52 7.39 -13.44
N ALA B 170 -22.66 7.19 -12.44
CA ALA B 170 -21.69 6.11 -12.49
C ALA B 170 -22.42 4.78 -12.55
N GLY B 171 -23.40 4.60 -11.66
CA GLY B 171 -24.18 3.38 -11.64
C GLY B 171 -24.93 3.15 -12.94
N LEU B 172 -25.58 4.19 -13.45
CA LEU B 172 -26.32 4.07 -14.70
C LEU B 172 -25.37 3.63 -15.82
N ALA B 173 -24.18 4.23 -15.87
CA ALA B 173 -23.21 3.89 -16.91
C ALA B 173 -22.86 2.41 -16.83
N VAL B 174 -22.64 1.93 -15.62
CA VAL B 174 -22.29 0.53 -15.40
C VAL B 174 -23.45 -0.38 -15.82
N ALA B 175 -24.67 0.00 -15.45
CA ALA B 175 -25.83 -0.80 -15.80
C ALA B 175 -26.07 -0.82 -17.31
N MET B 176 -25.68 0.26 -17.99
CA MET B 176 -25.84 0.40 -19.44
C MET B 176 -25.00 -0.57 -20.27
N MET B 177 -23.81 -0.92 -19.77
CA MET B 177 -22.94 -1.83 -20.50
C MET B 177 -23.36 -3.29 -20.43
N LYS B 178 -23.95 -3.69 -19.31
CA LYS B 178 -24.38 -5.07 -19.12
C LYS B 178 -25.31 -5.59 -20.21
N GLY B 179 -24.98 -6.76 -20.74
CA GLY B 179 -25.78 -7.38 -21.78
C GLY B 179 -25.45 -6.95 -23.20
N LYS B 180 -24.73 -5.85 -23.33
CA LYS B 180 -24.34 -5.32 -24.64
C LYS B 180 -23.10 -6.04 -25.19
N SER B 181 -22.83 -5.82 -26.48
CA SER B 181 -21.68 -6.44 -27.12
C SER B 181 -20.58 -5.45 -27.49
N TYR B 182 -19.38 -5.98 -27.69
CA TYR B 182 -18.25 -5.17 -28.16
C TYR B 182 -17.93 -5.88 -29.46
N LEU B 183 -18.08 -5.17 -30.58
CA LEU B 183 -17.80 -5.79 -31.87
C LEU B 183 -16.35 -5.56 -32.29
N SER B 184 -15.66 -6.65 -32.56
CA SER B 184 -14.27 -6.59 -33.01
C SER B 184 -14.26 -6.80 -34.52
N ILE B 185 -13.98 -5.73 -35.25
CA ILE B 185 -13.93 -5.82 -36.71
C ILE B 185 -12.45 -5.93 -37.09
N GLY B 186 -12.05 -7.12 -37.49
CA GLY B 186 -10.65 -7.34 -37.83
C GLY B 186 -9.99 -8.03 -36.66
N SER B 187 -8.66 -8.04 -36.64
CA SER B 187 -7.93 -8.70 -35.57
C SER B 187 -6.99 -7.72 -34.89
N VAL B 188 -5.87 -8.22 -34.40
CA VAL B 188 -4.87 -7.38 -33.75
C VAL B 188 -4.31 -6.41 -34.78
N SER B 189 -4.10 -5.16 -34.36
CA SER B 189 -3.55 -4.15 -35.27
C SER B 189 -2.12 -3.76 -34.94
N MET B 190 -1.22 -4.00 -35.89
CA MET B 190 0.19 -3.69 -35.76
C MET B 190 0.78 -4.01 -34.39
N GLY B 191 0.41 -5.16 -33.85
CA GLY B 191 0.92 -5.58 -32.55
C GLY B 191 0.49 -4.77 -31.34
N ILE B 192 -0.46 -3.86 -31.52
CA ILE B 192 -0.96 -3.03 -30.43
C ILE B 192 -1.66 -3.90 -29.38
N ALA B 193 -1.11 -3.92 -28.17
CA ALA B 193 -1.63 -4.71 -27.06
C ALA B 193 -3.12 -4.61 -26.83
N GLY B 194 -3.62 -3.38 -26.78
CA GLY B 194 -5.04 -3.17 -26.55
C GLY B 194 -5.98 -3.66 -27.65
N SER B 195 -5.41 -4.12 -28.77
CA SER B 195 -6.26 -4.61 -29.85
C SER B 195 -6.49 -6.10 -29.69
N VAL B 196 -5.79 -6.70 -28.73
CA VAL B 196 -5.97 -8.12 -28.43
C VAL B 196 -7.21 -8.13 -27.54
N VAL B 197 -8.12 -9.06 -27.77
CA VAL B 197 -9.34 -9.13 -26.98
C VAL B 197 -9.29 -10.15 -25.83
N GLN B 198 -9.42 -9.65 -24.60
CA GLN B 198 -9.42 -10.53 -23.42
C GLN B 198 -10.86 -10.63 -22.95
N GLU B 199 -11.54 -11.67 -23.40
CA GLU B 199 -12.95 -11.87 -23.05
C GLU B 199 -13.24 -11.85 -21.55
N ASP B 200 -12.29 -12.35 -20.76
CA ASP B 200 -12.46 -12.38 -19.30
C ASP B 200 -12.83 -11.00 -18.78
N PHE B 201 -12.21 -9.98 -19.34
CA PHE B 201 -12.48 -8.61 -18.92
C PHE B 201 -13.91 -8.17 -19.21
N PHE B 202 -14.34 -8.34 -20.46
CA PHE B 202 -15.67 -7.94 -20.86
C PHE B 202 -16.76 -8.69 -20.10
N GLN B 203 -16.59 -9.99 -19.99
CA GLN B 203 -17.56 -10.84 -19.32
C GLN B 203 -17.65 -10.62 -17.82
N ASN B 204 -16.52 -10.74 -17.13
CA ASN B 204 -16.52 -10.58 -15.69
C ASN B 204 -16.54 -9.14 -15.18
N TYR B 205 -15.81 -8.24 -15.81
CA TYR B 205 -15.79 -6.86 -15.35
C TYR B 205 -16.93 -5.96 -15.83
N LEU B 206 -17.42 -6.17 -17.04
CA LEU B 206 -18.47 -5.31 -17.57
C LEU B 206 -19.76 -6.04 -17.89
N GLY B 207 -19.74 -7.37 -17.83
CA GLY B 207 -20.93 -8.13 -18.15
C GLY B 207 -21.32 -7.98 -19.61
N MET B 208 -20.31 -7.82 -20.46
CA MET B 208 -20.54 -7.64 -21.90
C MET B 208 -20.23 -8.89 -22.71
N ARG B 209 -20.71 -8.90 -23.96
CA ARG B 209 -20.46 -10.02 -24.86
C ARG B 209 -19.39 -9.56 -25.85
N ASN B 210 -18.76 -10.53 -26.52
CA ASN B 210 -17.73 -10.24 -27.52
C ASN B 210 -18.09 -10.86 -28.87
N GLU B 211 -18.27 -10.00 -29.86
CA GLU B 211 -18.61 -10.42 -31.21
C GLU B 211 -17.42 -10.21 -32.14
N TYR B 212 -17.25 -11.10 -33.11
CA TYR B 212 -16.13 -10.99 -34.04
C TYR B 212 -16.51 -11.09 -35.51
N VAL B 213 -15.89 -10.24 -36.33
CA VAL B 213 -16.15 -10.24 -37.77
C VAL B 213 -14.90 -9.79 -38.53
N ASP B 214 -14.44 -10.63 -39.45
CA ASP B 214 -13.25 -10.32 -40.26
C ASP B 214 -13.55 -9.15 -41.21
N MET B 215 -12.55 -8.33 -41.51
CA MET B 215 -12.75 -7.18 -42.39
C MET B 215 -13.17 -7.55 -43.81
N SER B 216 -12.95 -8.81 -44.21
CA SER B 216 -13.33 -9.25 -45.54
C SER B 216 -14.84 -9.08 -45.72
N GLU B 217 -15.55 -8.97 -44.60
CA GLU B 217 -17.00 -8.77 -44.60
C GLU B 217 -17.31 -7.44 -45.28
N PHE B 218 -16.44 -6.45 -45.10
CA PHE B 218 -16.64 -5.16 -45.71
C PHE B 218 -16.49 -5.27 -47.22
N VAL B 219 -15.70 -6.25 -47.67
CA VAL B 219 -15.51 -6.46 -49.10
C VAL B 219 -16.80 -7.04 -49.67
N ARG B 220 -17.32 -8.06 -49.00
CA ARG B 220 -18.56 -8.69 -49.46
C ARG B 220 -19.72 -7.69 -49.50
N ARG B 221 -19.91 -6.93 -48.42
CA ARG B 221 -21.02 -5.99 -48.40
C ARG B 221 -20.90 -4.85 -49.40
N ILE B 222 -19.67 -4.50 -49.76
CA ILE B 222 -19.49 -3.44 -50.74
C ILE B 222 -19.71 -4.00 -52.16
N GLU B 223 -19.20 -5.20 -52.41
CA GLU B 223 -19.34 -5.85 -53.71
C GLU B 223 -20.79 -6.24 -54.01
N LEU B 224 -21.46 -6.87 -53.05
CA LEU B 224 -22.84 -7.30 -53.22
C LEU B 224 -23.84 -6.21 -52.94
N GLY B 225 -23.36 -5.06 -52.49
CA GLY B 225 -24.24 -3.94 -52.20
C GLY B 225 -25.15 -4.19 -51.00
N ILE B 226 -24.58 -4.76 -49.93
CA ILE B 226 -25.34 -5.05 -48.71
C ILE B 226 -25.37 -3.83 -47.79
N TYR B 227 -26.25 -2.89 -48.13
CA TYR B 227 -26.42 -1.65 -47.37
C TYR B 227 -27.53 -0.83 -48.03
N ASP B 228 -28.02 0.18 -47.31
CA ASP B 228 -29.08 1.02 -47.82
C ASP B 228 -28.54 1.90 -48.95
N LYS B 229 -28.83 1.52 -50.20
CA LYS B 229 -28.35 2.29 -51.34
C LYS B 229 -29.01 3.69 -51.40
N GLU B 230 -30.23 3.78 -50.91
CA GLU B 230 -30.94 5.05 -50.90
C GLU B 230 -30.18 5.99 -49.95
N GLU B 231 -29.89 5.49 -48.76
CA GLU B 231 -29.16 6.28 -47.78
C GLU B 231 -27.75 6.62 -48.31
N TYR B 232 -27.10 5.66 -48.94
CA TYR B 232 -25.77 5.89 -49.47
C TYR B 232 -25.73 7.13 -50.37
N GLU B 233 -26.57 7.16 -51.40
CA GLU B 233 -26.61 8.29 -52.32
C GLU B 233 -26.82 9.60 -51.56
N ARG B 234 -27.66 9.58 -50.53
CA ARG B 234 -27.94 10.76 -49.74
C ARG B 234 -26.70 11.21 -48.96
N ALA B 235 -25.95 10.24 -48.45
CA ALA B 235 -24.74 10.51 -47.67
C ALA B 235 -23.60 10.95 -48.58
N LEU B 236 -23.54 10.39 -49.78
CA LEU B 236 -22.49 10.75 -50.72
C LEU B 236 -22.72 12.20 -51.12
N LYS B 237 -23.98 12.59 -51.26
CA LYS B 237 -24.31 13.96 -51.65
C LYS B 237 -24.04 14.93 -50.51
N TRP B 238 -24.26 14.48 -49.28
CA TRP B 238 -24.04 15.32 -48.10
C TRP B 238 -22.54 15.60 -47.96
N VAL B 239 -21.74 14.55 -48.12
CA VAL B 239 -20.28 14.69 -48.01
C VAL B 239 -19.75 15.69 -49.02
N LYS B 240 -20.27 15.65 -50.23
CA LYS B 240 -19.83 16.57 -51.26
C LYS B 240 -20.29 18.00 -50.93
N GLU B 241 -21.38 18.14 -50.19
CA GLU B 241 -21.87 19.47 -49.86
C GLU B 241 -21.32 20.08 -48.57
N ASN B 242 -20.85 19.24 -47.65
CA ASN B 242 -20.36 19.73 -46.37
C ASN B 242 -18.92 19.41 -45.96
N CYS B 243 -18.29 18.42 -46.58
CA CYS B 243 -16.92 18.07 -46.23
C CYS B 243 -15.90 18.72 -47.16
N LYS B 244 -15.20 19.74 -46.66
CA LYS B 244 -14.20 20.43 -47.46
C LYS B 244 -12.88 19.66 -47.59
N VAL B 245 -12.48 19.36 -48.82
CA VAL B 245 -11.25 18.64 -49.06
C VAL B 245 -10.05 19.59 -49.00
N GLY B 246 -9.09 19.27 -48.15
CA GLY B 246 -7.92 20.11 -48.02
C GLY B 246 -6.83 19.74 -49.01
N PRO B 247 -5.68 20.41 -48.95
CA PRO B 247 -4.55 20.14 -49.84
C PRO B 247 -4.01 18.73 -49.69
N ASP B 248 -3.54 18.16 -50.79
CA ASP B 248 -2.96 16.82 -50.78
C ASP B 248 -1.48 16.96 -50.46
N ASN B 249 -1.03 16.30 -49.40
CA ASN B 249 0.37 16.41 -49.01
C ASN B 249 1.29 15.34 -49.59
N ASN B 250 0.71 14.27 -50.14
CA ASN B 250 1.52 13.24 -50.75
C ASN B 250 2.26 13.92 -51.89
N ARG B 251 3.53 13.58 -52.09
CA ARG B 251 4.26 14.17 -53.21
C ARG B 251 4.26 13.16 -54.34
N ASP B 252 4.42 13.65 -55.57
CA ASP B 252 4.41 12.77 -56.73
C ASP B 252 4.96 11.39 -56.46
N GLY B 253 4.26 10.39 -56.97
CA GLY B 253 4.66 9.02 -56.76
C GLY B 253 3.80 8.50 -55.63
N PHE B 254 3.30 9.41 -54.82
CA PHE B 254 2.45 9.06 -53.69
C PHE B 254 1.06 9.69 -53.82
N LYS B 255 0.83 10.40 -54.92
CA LYS B 255 -0.47 11.04 -55.16
C LYS B 255 -1.40 10.13 -55.93
N ARG B 256 -2.59 9.89 -55.37
CA ARG B 256 -3.58 9.05 -56.04
C ARG B 256 -4.27 9.95 -57.06
N THR B 257 -4.79 9.34 -58.12
CA THR B 257 -5.46 10.10 -59.17
C THR B 257 -6.79 10.63 -58.72
N GLU B 258 -7.39 11.44 -59.59
CA GLU B 258 -8.68 12.03 -59.32
C GLU B 258 -9.72 10.91 -59.21
N GLU B 259 -9.67 9.99 -60.17
CA GLU B 259 -10.59 8.87 -60.19
C GLU B 259 -10.44 8.07 -58.90
N GLN B 260 -9.20 7.81 -58.50
CA GLN B 260 -8.95 7.07 -57.28
C GLN B 260 -9.55 7.77 -56.07
N LYS B 261 -9.39 9.09 -56.02
CA LYS B 261 -9.91 9.88 -54.92
C LYS B 261 -11.43 9.92 -54.85
N GLU B 262 -12.10 9.70 -55.99
CA GLU B 262 -13.55 9.69 -56.01
C GLU B 262 -14.06 8.35 -55.46
N LYS B 263 -13.35 7.27 -55.79
CA LYS B 263 -13.71 5.95 -55.31
C LYS B 263 -13.36 5.87 -53.84
N ASP B 264 -12.35 6.64 -53.44
CA ASP B 264 -11.92 6.68 -52.06
C ASP B 264 -13.04 7.23 -51.18
N TRP B 265 -13.74 8.25 -51.67
CA TRP B 265 -14.86 8.84 -50.94
C TRP B 265 -16.07 7.91 -50.93
N GLU B 266 -16.26 7.16 -52.01
CA GLU B 266 -17.39 6.25 -52.11
C GLU B 266 -17.27 5.10 -51.13
N ILE B 267 -16.12 4.43 -51.17
CA ILE B 267 -15.88 3.30 -50.29
C ILE B 267 -15.93 3.76 -48.85
N SER B 268 -15.23 4.85 -48.54
CA SER B 268 -15.22 5.40 -47.18
C SER B 268 -16.63 5.59 -46.65
N VAL B 269 -17.52 6.14 -47.47
CA VAL B 269 -18.91 6.35 -47.07
C VAL B 269 -19.58 4.99 -46.83
N LYS B 270 -19.39 4.06 -47.76
CA LYS B 270 -19.98 2.73 -47.61
C LYS B 270 -19.47 2.06 -46.34
N MET B 271 -18.20 2.30 -46.03
CA MET B 271 -17.60 1.74 -44.84
C MET B 271 -18.33 2.25 -43.60
N ALA B 272 -18.66 3.52 -43.59
CA ALA B 272 -19.37 4.09 -42.45
C ALA B 272 -20.73 3.42 -42.30
N LEU B 273 -21.42 3.22 -43.42
CA LEU B 273 -22.74 2.60 -43.39
C LEU B 273 -22.70 1.16 -42.90
N ILE B 274 -21.74 0.39 -43.38
CA ILE B 274 -21.61 -1.02 -43.01
C ILE B 274 -21.18 -1.21 -41.55
N ALA B 275 -20.26 -0.38 -41.08
CA ALA B 275 -19.80 -0.48 -39.70
C ALA B 275 -20.97 -0.21 -38.75
N ARG B 276 -21.82 0.75 -39.12
CA ARG B 276 -22.96 1.09 -38.30
C ARG B 276 -24.04 -0.01 -38.38
N ASP B 277 -24.23 -0.57 -39.58
CA ASP B 277 -25.22 -1.64 -39.76
C ASP B 277 -24.81 -2.87 -38.94
N LEU B 278 -23.50 -3.11 -38.88
CA LEU B 278 -22.98 -4.25 -38.11
C LEU B 278 -23.23 -4.05 -36.62
N MET B 279 -22.97 -2.84 -36.14
CA MET B 279 -23.14 -2.51 -34.74
C MET B 279 -24.57 -2.57 -34.22
N VAL B 280 -25.50 -1.87 -34.87
CA VAL B 280 -26.88 -1.83 -34.41
C VAL B 280 -27.91 -2.44 -35.36
N GLY B 281 -27.46 -3.02 -36.47
CA GLY B 281 -28.39 -3.62 -37.41
C GLY B 281 -29.07 -2.60 -38.30
N ASN B 282 -29.92 -3.08 -39.20
CA ASN B 282 -30.65 -2.21 -40.12
C ASN B 282 -31.82 -2.97 -40.71
N LYS B 283 -33.03 -2.62 -40.30
CA LYS B 283 -34.23 -3.29 -40.78
C LYS B 283 -34.42 -3.21 -42.30
N LYS B 284 -33.81 -2.22 -42.91
CA LYS B 284 -33.92 -2.06 -44.36
C LYS B 284 -33.35 -3.28 -45.08
N LEU B 285 -32.37 -3.94 -44.47
CA LEU B 285 -31.75 -5.11 -45.04
C LEU B 285 -32.67 -6.32 -45.12
N GLU B 286 -33.76 -6.31 -44.37
CA GLU B 286 -34.68 -7.43 -44.39
C GLU B 286 -35.39 -7.55 -45.74
N GLU B 287 -36.03 -6.47 -46.19
CA GLU B 287 -36.73 -6.49 -47.47
C GLU B 287 -35.76 -6.70 -48.63
N MET B 288 -34.47 -6.44 -48.41
CA MET B 288 -33.46 -6.59 -49.46
C MET B 288 -32.99 -8.04 -49.58
N GLY B 289 -33.46 -8.89 -48.68
CA GLY B 289 -33.07 -10.29 -48.72
C GLY B 289 -31.89 -10.63 -47.83
N TYR B 290 -31.55 -9.73 -46.90
CA TYR B 290 -30.44 -9.96 -45.98
C TYR B 290 -30.88 -9.88 -44.51
N GLY B 291 -31.75 -10.82 -44.13
CA GLY B 291 -32.29 -10.89 -42.79
C GLY B 291 -31.28 -11.09 -41.68
N GLU B 292 -30.30 -11.98 -41.88
CA GLU B 292 -29.30 -12.20 -40.85
C GLU B 292 -28.48 -10.93 -40.62
N GLU B 293 -28.09 -10.27 -41.71
CA GLU B 293 -27.30 -9.04 -41.61
C GLU B 293 -28.12 -7.94 -40.96
N ALA B 294 -29.42 -7.91 -41.25
CA ALA B 294 -30.31 -6.90 -40.69
C ALA B 294 -30.27 -6.90 -39.17
N LEU B 295 -30.10 -8.08 -38.59
CA LEU B 295 -30.08 -8.24 -37.14
C LEU B 295 -29.11 -7.34 -36.36
N GLY B 296 -27.85 -7.28 -36.79
CA GLY B 296 -26.88 -6.47 -36.07
C GLY B 296 -26.20 -7.29 -34.99
N ARG B 297 -25.22 -6.69 -34.31
CA ARG B 297 -24.50 -7.41 -33.26
C ARG B 297 -24.74 -6.84 -31.87
N ASN B 298 -25.77 -6.01 -31.75
CA ASN B 298 -26.13 -5.39 -30.49
C ASN B 298 -24.90 -4.82 -29.78
N ALA B 299 -24.03 -4.15 -30.54
CA ALA B 299 -22.80 -3.59 -29.99
C ALA B 299 -22.90 -2.11 -29.60
N ILE B 300 -22.60 -1.81 -28.36
CA ILE B 300 -22.63 -0.43 -27.87
C ILE B 300 -21.23 0.17 -28.02
N VAL B 301 -20.31 -0.63 -28.56
CA VAL B 301 -18.95 -0.18 -28.80
C VAL B 301 -18.32 -1.16 -29.78
N ALA B 302 -17.49 -0.64 -30.68
CA ALA B 302 -16.84 -1.49 -31.68
C ALA B 302 -15.48 -0.95 -32.06
N GLY B 303 -14.73 -1.75 -32.81
CA GLY B 303 -13.41 -1.34 -33.27
C GLY B 303 -13.12 -1.84 -34.67
N PHE B 304 -12.25 -1.14 -35.38
CA PHE B 304 -11.88 -1.53 -36.75
C PHE B 304 -10.35 -1.60 -36.82
N GLN B 305 -9.82 -2.78 -37.15
CA GLN B 305 -8.37 -2.98 -37.23
C GLN B 305 -7.73 -2.02 -38.27
N GLY B 306 -8.06 -2.13 -39.57
CA GLY B 306 -7.46 -1.21 -40.56
C GLY B 306 -6.06 -1.62 -40.99
N GLN B 307 -5.06 -0.95 -40.41
CA GLN B 307 -3.66 -1.27 -40.72
C GLN B 307 -3.35 -2.65 -40.12
N ARG B 308 -2.57 -3.47 -40.81
CA ARG B 308 -1.99 -3.13 -42.11
C ARG B 308 -2.77 -3.71 -43.29
N GLN B 309 -3.28 -4.92 -43.10
CA GLN B 309 -4.04 -5.66 -44.10
C GLN B 309 -5.06 -4.88 -44.94
N TRP B 310 -5.98 -4.19 -44.28
CA TRP B 310 -7.00 -3.45 -45.02
C TRP B 310 -6.45 -2.21 -45.72
N THR B 311 -5.83 -1.31 -44.97
CA THR B 311 -5.28 -0.10 -45.53
C THR B 311 -4.28 -0.28 -46.66
N ASP B 312 -3.54 -1.38 -46.67
CA ASP B 312 -2.56 -1.62 -47.73
C ASP B 312 -3.23 -1.77 -49.10
N TYR B 313 -4.56 -1.87 -49.13
CA TYR B 313 -5.26 -2.03 -50.39
C TYR B 313 -6.50 -1.17 -50.56
N PHE B 314 -7.29 -1.04 -49.50
CA PHE B 314 -8.52 -0.27 -49.55
C PHE B 314 -8.34 1.08 -48.84
N PRO B 315 -9.33 1.99 -49.00
CA PRO B 315 -9.24 3.30 -48.35
C PRO B 315 -9.26 3.07 -46.84
N ASN B 316 -8.55 3.90 -46.08
CA ASN B 316 -8.52 3.71 -44.64
C ASN B 316 -9.86 4.03 -43.99
N GLY B 317 -9.91 3.89 -42.67
CA GLY B 317 -11.15 4.13 -41.96
C GLY B 317 -11.21 5.46 -41.24
N ASP B 318 -10.43 6.43 -41.67
CA ASP B 318 -10.44 7.74 -41.00
C ASP B 318 -11.85 8.36 -41.02
N PHE B 319 -12.47 8.44 -42.20
CA PHE B 319 -13.80 9.03 -42.30
C PHE B 319 -14.82 8.27 -41.47
N MET B 320 -14.87 6.96 -41.67
CA MET B 320 -15.79 6.09 -40.94
C MET B 320 -15.60 6.29 -39.44
N GLU B 321 -14.37 6.18 -38.98
CA GLU B 321 -14.05 6.33 -37.56
C GLU B 321 -14.34 7.74 -37.03
N THR B 322 -14.28 8.71 -37.93
CA THR B 322 -14.53 10.10 -37.56
C THR B 322 -16.02 10.38 -37.49
N ILE B 323 -16.74 9.94 -38.52
CA ILE B 323 -18.17 10.19 -38.58
C ILE B 323 -18.97 9.44 -37.51
N LEU B 324 -18.70 8.16 -37.35
CA LEU B 324 -19.42 7.37 -36.35
C LEU B 324 -19.32 7.99 -34.96
N ASN B 325 -18.12 8.42 -34.58
CA ASN B 325 -17.92 9.02 -33.27
C ASN B 325 -18.50 10.43 -33.15
N SER B 326 -18.71 11.11 -34.27
CA SER B 326 -19.28 12.46 -34.25
C SER B 326 -20.71 12.40 -33.74
N SER B 327 -21.33 13.56 -33.54
CA SER B 327 -22.70 13.62 -33.05
C SER B 327 -23.66 14.04 -34.14
N PHE B 328 -23.25 13.85 -35.39
CA PHE B 328 -24.09 14.21 -36.52
C PHE B 328 -23.51 13.71 -37.84
N ASP B 329 -24.38 13.58 -38.83
CA ASP B 329 -23.97 13.15 -40.16
C ASP B 329 -25.07 13.56 -41.15
N TRP B 330 -25.19 12.81 -42.24
CA TRP B 330 -26.19 13.10 -43.25
C TRP B 330 -27.61 12.86 -42.76
N ASN B 331 -27.75 12.10 -41.66
CA ASN B 331 -29.09 11.84 -41.12
C ASN B 331 -29.45 12.80 -39.99
N GLY B 332 -28.61 13.81 -39.78
CA GLY B 332 -28.86 14.77 -38.73
C GLY B 332 -28.18 14.44 -37.42
N LYS B 333 -28.44 15.24 -36.39
CA LYS B 333 -27.84 15.01 -35.09
C LYS B 333 -28.32 13.68 -34.53
N ARG B 334 -27.42 12.97 -33.85
CA ARG B 334 -27.71 11.68 -33.27
C ARG B 334 -26.66 11.35 -32.23
N ALA B 335 -26.88 10.28 -31.48
CA ALA B 335 -25.90 9.89 -30.47
C ALA B 335 -24.72 9.31 -31.24
N PRO B 336 -23.52 9.40 -30.66
CA PRO B 336 -22.34 8.87 -31.34
C PRO B 336 -22.37 7.34 -31.29
N TYR B 337 -21.51 6.71 -32.08
CA TYR B 337 -21.37 5.26 -32.09
C TYR B 337 -19.92 5.09 -31.67
N ILE B 338 -19.70 4.74 -30.40
CA ILE B 338 -18.35 4.57 -29.87
C ILE B 338 -17.53 3.57 -30.69
N PHE B 339 -16.70 4.10 -31.57
CA PHE B 339 -15.90 3.29 -32.48
C PHE B 339 -14.39 3.46 -32.23
N ALA B 340 -13.69 2.36 -32.00
CA ALA B 340 -12.26 2.41 -31.73
C ALA B 340 -11.39 2.18 -32.94
N THR B 341 -10.43 3.10 -33.13
CA THR B 341 -9.47 3.05 -34.22
C THR B 341 -8.50 1.92 -33.95
N GLU B 342 -8.02 1.27 -35.00
CA GLU B 342 -7.05 0.19 -34.88
C GLU B 342 -7.51 -0.93 -33.96
N ASN B 343 -8.82 -1.08 -33.86
CA ASN B 343 -9.45 -2.11 -33.03
C ASN B 343 -8.87 -2.14 -31.61
N ASP B 344 -8.52 -0.96 -31.10
CA ASP B 344 -8.00 -0.85 -29.74
C ASP B 344 -9.21 -0.96 -28.81
N ASN B 345 -9.69 -2.18 -28.57
CA ASN B 345 -10.86 -2.40 -27.73
C ASN B 345 -10.72 -1.73 -26.38
N LEU B 346 -9.51 -1.71 -25.82
CA LEU B 346 -9.33 -1.07 -24.52
C LEU B 346 -9.58 0.43 -24.61
N ASN B 347 -9.12 1.07 -25.68
CA ASN B 347 -9.35 2.50 -25.82
C ASN B 347 -10.84 2.71 -26.11
N GLY B 348 -11.47 1.69 -26.67
CA GLY B 348 -12.90 1.77 -26.98
C GLY B 348 -13.68 1.83 -25.68
N ILE B 349 -13.23 1.08 -24.69
CA ILE B 349 -13.90 1.07 -23.39
C ILE B 349 -13.64 2.38 -22.66
N SER B 350 -12.41 2.88 -22.76
CA SER B 350 -12.05 4.14 -22.12
C SER B 350 -13.04 5.20 -22.59
N MET B 351 -13.24 5.22 -23.92
CA MET B 351 -14.17 6.16 -24.55
C MET B 351 -15.59 5.92 -24.07
N LEU B 352 -15.97 4.64 -23.99
CA LEU B 352 -17.31 4.27 -23.55
C LEU B 352 -17.61 4.75 -22.13
N PHE B 353 -16.63 4.65 -21.24
CA PHE B 353 -16.81 5.09 -19.86
C PHE B 353 -17.20 6.56 -19.82
N GLY B 354 -16.43 7.38 -20.52
CA GLY B 354 -16.71 8.81 -20.55
C GLY B 354 -18.02 9.12 -21.25
N TYR B 355 -18.32 8.37 -22.30
CA TYR B 355 -19.55 8.59 -23.03
C TYR B 355 -20.76 8.33 -22.15
N LEU B 356 -20.76 7.19 -21.47
CA LEU B 356 -21.88 6.84 -20.62
C LEU B 356 -22.01 7.78 -19.42
N LEU B 357 -20.92 8.45 -19.07
CA LEU B 357 -20.96 9.37 -17.95
C LEU B 357 -21.35 10.79 -18.37
N THR B 358 -21.25 11.09 -19.67
CA THR B 358 -21.56 12.44 -20.16
C THR B 358 -22.54 12.57 -21.33
N ASN B 359 -22.78 11.48 -22.05
CA ASN B 359 -23.65 11.50 -23.23
C ASN B 359 -23.07 12.38 -24.34
N THR B 360 -21.73 12.54 -24.36
CA THR B 360 -21.06 13.36 -25.35
C THR B 360 -19.92 12.64 -26.06
N ALA B 361 -19.73 12.95 -27.34
CA ALA B 361 -18.67 12.33 -28.15
C ALA B 361 -17.33 12.35 -27.44
N GLN B 362 -16.54 11.31 -27.68
CA GLN B 362 -15.22 11.19 -27.06
C GLN B 362 -14.15 11.16 -28.16
N ILE B 363 -13.00 11.77 -27.90
CA ILE B 363 -11.93 11.84 -28.89
C ILE B 363 -10.84 10.80 -28.73
N PHE B 364 -10.71 9.95 -29.74
CA PHE B 364 -9.68 8.92 -29.76
C PHE B 364 -8.39 9.68 -30.08
N ALA B 365 -7.28 9.34 -29.45
CA ALA B 365 -6.04 10.07 -29.74
C ALA B 365 -4.74 9.41 -29.29
N ASP B 366 -3.67 9.72 -30.02
CA ASP B 366 -2.33 9.23 -29.72
C ASP B 366 -1.65 10.25 -28.82
N VAL B 367 -0.88 9.78 -27.85
CA VAL B 367 -0.13 10.68 -26.98
C VAL B 367 1.18 10.75 -27.77
N ARG B 368 1.25 11.70 -28.70
CA ARG B 368 2.36 11.85 -29.62
C ARG B 368 3.67 12.54 -29.20
N THR B 369 3.57 13.73 -28.63
CA THR B 369 4.79 14.44 -28.26
C THR B 369 4.67 15.30 -27.02
N TYR B 370 5.74 15.31 -26.23
CA TYR B 370 5.78 16.15 -25.04
C TYR B 370 6.64 17.37 -25.43
N TRP B 371 6.03 18.54 -25.42
CA TRP B 371 6.73 19.77 -25.77
C TRP B 371 7.12 20.57 -24.53
N SER B 372 8.41 20.56 -24.21
CA SER B 372 8.92 21.28 -23.05
C SER B 372 9.04 22.76 -23.35
N PRO B 373 8.97 23.61 -22.32
CA PRO B 373 9.09 25.04 -22.59
C PRO B 373 10.39 25.29 -23.38
N GLU B 374 11.42 24.53 -23.06
CA GLU B 374 12.71 24.67 -23.72
C GLU B 374 12.66 24.32 -25.20
N ALA B 375 11.98 23.23 -25.54
CA ALA B 375 11.90 22.79 -26.93
C ALA B 375 11.06 23.72 -27.81
N VAL B 376 9.97 24.25 -27.28
CA VAL B 376 9.10 25.15 -28.04
C VAL B 376 9.88 26.43 -28.32
N LYS B 377 10.75 26.80 -27.38
CA LYS B 377 11.58 28.00 -27.48
C LYS B 377 12.68 27.80 -28.52
N ARG B 378 13.33 26.65 -28.45
CA ARG B 378 14.40 26.32 -29.37
C ARG B 378 13.90 26.24 -30.81
N VAL B 379 12.71 25.67 -30.98
CA VAL B 379 12.15 25.49 -32.31
C VAL B 379 11.38 26.66 -32.90
N THR B 380 10.59 27.35 -32.08
CA THR B 380 9.80 28.46 -32.58
C THR B 380 10.24 29.83 -32.08
N GLY B 381 11.06 29.86 -31.03
CA GLY B 381 11.51 31.11 -30.48
C GLY B 381 10.48 31.67 -29.50
N TYR B 382 9.32 31.02 -29.42
CA TYR B 382 8.26 31.48 -28.54
C TYR B 382 8.32 30.86 -27.14
N THR B 383 7.97 31.67 -26.15
CA THR B 383 7.97 31.24 -24.75
C THR B 383 6.54 30.93 -24.34
N LEU B 384 6.29 29.67 -23.95
CA LEU B 384 4.96 29.25 -23.54
C LEU B 384 4.46 30.14 -22.40
N GLU B 385 3.17 30.46 -22.41
CA GLU B 385 2.58 31.32 -21.38
C GLU B 385 1.33 30.67 -20.83
N GLY B 386 0.76 31.29 -19.79
CA GLY B 386 -0.46 30.79 -19.18
C GLY B 386 -0.43 29.34 -18.73
N ARG B 387 -1.48 28.60 -19.06
CA ARG B 387 -1.57 27.18 -18.69
C ARG B 387 -0.50 26.34 -19.39
N ALA B 388 0.04 26.87 -20.48
CA ALA B 388 1.05 26.14 -21.24
C ALA B 388 2.47 26.46 -20.78
N ALA B 389 2.60 27.37 -19.83
CA ALA B 389 3.91 27.80 -19.34
C ALA B 389 4.85 26.70 -18.85
N ASN B 390 4.31 25.53 -18.53
CA ASN B 390 5.15 24.43 -18.03
C ASN B 390 5.29 23.29 -19.01
N GLY B 391 4.88 23.51 -20.26
CA GLY B 391 4.97 22.46 -21.26
C GLY B 391 3.60 22.00 -21.70
N ILE B 392 3.53 21.34 -22.84
CA ILE B 392 2.26 20.86 -23.36
C ILE B 392 2.39 19.47 -23.94
N ILE B 393 1.26 18.78 -24.06
CA ILE B 393 1.23 17.43 -24.63
C ILE B 393 0.43 17.45 -25.94
N HIS B 394 1.01 16.91 -27.00
CA HIS B 394 0.36 16.88 -28.30
C HIS B 394 -0.46 15.61 -28.46
N LEU B 395 -1.78 15.75 -28.45
CA LEU B 395 -2.68 14.62 -28.64
C LEU B 395 -3.16 14.68 -30.07
N ILE B 396 -2.92 13.61 -30.82
CA ILE B 396 -3.30 13.58 -32.22
C ILE B 396 -3.39 12.16 -32.77
N ASN B 397 -4.61 11.67 -32.98
CA ASN B 397 -4.79 10.34 -33.51
C ASN B 397 -4.23 10.28 -34.93
N SER B 398 -3.95 9.08 -35.42
CA SER B 398 -3.38 8.94 -36.75
C SER B 398 -4.35 9.19 -37.91
N GLY B 399 -5.27 10.13 -37.74
CA GLY B 399 -6.19 10.43 -38.83
C GLY B 399 -7.68 10.54 -38.58
N ALA B 400 -8.19 9.91 -37.52
CA ALA B 400 -9.61 9.97 -37.24
C ALA B 400 -9.93 10.59 -35.88
N ALA B 401 -10.97 11.42 -35.84
CA ALA B 401 -11.37 12.05 -34.59
C ALA B 401 -12.73 12.68 -34.76
N ALA B 402 -13.59 12.50 -33.76
CA ALA B 402 -14.94 13.06 -33.81
C ALA B 402 -14.92 14.56 -34.12
N LEU B 403 -15.75 14.98 -35.07
CA LEU B 403 -15.82 16.38 -35.46
C LEU B 403 -16.13 17.25 -34.24
N ASP B 404 -16.65 16.62 -33.19
CA ASP B 404 -16.95 17.34 -31.95
C ASP B 404 -15.64 17.83 -31.35
N GLY B 405 -14.55 17.17 -31.73
CA GLY B 405 -13.23 17.53 -31.22
C GLY B 405 -12.71 18.88 -31.66
N THR B 406 -13.38 19.50 -32.62
CA THR B 406 -12.96 20.81 -33.10
C THR B 406 -13.12 21.81 -31.98
N GLY B 407 -14.06 21.54 -31.09
CA GLY B 407 -14.31 22.44 -29.97
C GLY B 407 -15.11 23.66 -30.42
N GLU B 408 -15.73 23.57 -31.59
CA GLU B 408 -16.53 24.67 -32.14
C GLU B 408 -17.91 24.78 -31.47
N GLN B 409 -18.37 23.69 -30.86
CA GLN B 409 -19.66 23.72 -30.20
C GLN B 409 -19.55 24.73 -29.07
N THR B 410 -20.54 25.61 -28.95
CA THR B 410 -20.47 26.66 -27.94
C THR B 410 -21.66 26.77 -26.99
N LYS B 411 -21.34 27.07 -25.74
CA LYS B 411 -22.33 27.26 -24.68
C LYS B 411 -21.83 28.42 -23.82
N ASP B 412 -22.63 29.48 -23.69
CA ASP B 412 -22.24 30.64 -22.91
C ASP B 412 -20.93 31.23 -23.42
N GLY B 413 -20.72 31.16 -24.73
CA GLY B 413 -19.52 31.70 -25.34
C GLY B 413 -18.22 30.93 -25.10
N LYS B 414 -18.31 29.76 -24.49
CA LYS B 414 -17.12 28.94 -24.23
C LYS B 414 -17.13 27.68 -25.07
N PRO B 415 -15.94 27.17 -25.45
CA PRO B 415 -15.81 25.96 -26.26
C PRO B 415 -16.17 24.72 -25.43
N VAL B 416 -17.04 23.88 -25.98
CA VAL B 416 -17.46 22.68 -25.27
C VAL B 416 -17.83 21.58 -26.24
N ILE B 417 -18.24 20.46 -25.67
CA ILE B 417 -18.73 19.34 -26.47
C ILE B 417 -20.02 19.01 -25.75
N LYS B 418 -21.13 19.12 -26.46
CA LYS B 418 -22.43 18.88 -25.87
C LYS B 418 -23.06 17.56 -26.34
N PRO B 419 -24.08 17.08 -25.62
CA PRO B 419 -24.74 15.84 -26.02
C PRO B 419 -25.44 16.22 -27.32
N TYR B 420 -25.55 15.29 -28.27
CA TYR B 420 -26.18 15.59 -29.55
C TYR B 420 -27.53 16.31 -29.39
N TYR B 421 -28.32 15.90 -28.41
CA TYR B 421 -29.63 16.51 -28.23
C TYR B 421 -29.63 17.97 -27.79
N GLU B 422 -28.45 18.56 -27.58
CA GLU B 422 -28.40 19.97 -27.19
C GLU B 422 -27.78 20.81 -28.30
N LEU B 423 -27.40 20.14 -29.38
CA LEU B 423 -26.77 20.81 -30.52
C LEU B 423 -27.66 21.80 -31.26
N THR B 424 -27.06 22.88 -31.76
CA THR B 424 -27.79 23.87 -32.54
C THR B 424 -27.26 23.75 -33.95
N ASP B 425 -28.05 24.20 -34.93
CA ASP B 425 -27.63 24.11 -36.32
C ASP B 425 -26.29 24.78 -36.52
N GLU B 426 -26.03 25.84 -35.75
CA GLU B 426 -24.78 26.56 -35.88
C GLU B 426 -23.62 25.78 -35.29
N ASP B 427 -23.86 25.04 -34.20
CA ASP B 427 -22.78 24.25 -33.62
C ASP B 427 -22.26 23.31 -34.70
N ILE B 428 -23.17 22.54 -35.30
CA ILE B 428 -22.83 21.58 -36.34
C ILE B 428 -22.09 22.21 -37.52
N LYS B 429 -22.64 23.28 -38.06
CA LYS B 429 -22.01 23.93 -39.20
C LYS B 429 -20.60 24.41 -38.90
N LYS B 430 -20.39 24.96 -37.71
CA LYS B 430 -19.07 25.45 -37.32
C LYS B 430 -18.05 24.33 -37.18
N CYS B 431 -18.47 23.17 -36.69
CA CYS B 431 -17.57 22.03 -36.55
C CYS B 431 -17.09 21.60 -37.93
N LEU B 432 -18.06 21.49 -38.85
CA LEU B 432 -17.79 21.08 -40.22
C LEU B 432 -16.90 22.08 -40.95
N GLU B 433 -17.14 23.36 -40.73
CA GLU B 433 -16.34 24.39 -41.41
C GLU B 433 -14.91 24.48 -40.87
N ALA B 434 -14.73 24.11 -39.61
CA ALA B 434 -13.42 24.17 -38.98
C ALA B 434 -12.62 22.92 -39.26
N THR B 435 -13.20 22.03 -40.05
CA THR B 435 -12.56 20.78 -40.38
C THR B 435 -12.16 20.73 -41.85
N GLN B 436 -11.09 20.00 -42.14
CA GLN B 436 -10.59 19.85 -43.50
C GLN B 436 -10.19 18.40 -43.71
N PHE B 437 -10.77 17.76 -44.71
CA PHE B 437 -10.42 16.38 -44.99
C PHE B 437 -9.27 16.36 -45.97
N ARG B 438 -8.21 15.66 -45.61
CA ARG B 438 -7.01 15.58 -46.43
C ARG B 438 -6.78 14.18 -46.97
N PRO B 439 -6.25 14.07 -48.20
CA PRO B 439 -5.98 12.77 -48.79
C PRO B 439 -5.03 12.02 -47.86
N ALA B 440 -5.27 10.74 -47.64
CA ALA B 440 -4.42 9.97 -46.75
C ALA B 440 -2.98 9.93 -47.27
N SER B 441 -2.03 9.85 -46.33
CA SER B 441 -0.60 9.76 -46.68
C SER B 441 -0.37 8.34 -47.21
N THR B 442 -0.39 8.18 -48.54
CA THR B 442 -0.23 6.86 -49.13
C THR B 442 1.03 6.09 -48.70
N GLU B 443 2.02 6.78 -48.16
CA GLU B 443 3.22 6.06 -47.75
C GLU B 443 2.84 5.16 -46.56
N TYR B 444 1.84 5.59 -45.80
CA TYR B 444 1.36 4.83 -44.65
C TYR B 444 0.10 4.02 -45.04
N PHE B 445 -0.78 4.67 -45.79
CA PHE B 445 -2.03 4.07 -46.22
C PHE B 445 -2.12 3.98 -47.74
N ARG B 446 -1.51 2.95 -48.30
CA ARG B 446 -1.50 2.75 -49.75
C ARG B 446 -2.88 2.73 -50.39
N GLY B 447 -3.89 2.26 -49.66
CA GLY B 447 -5.23 2.19 -50.21
C GLY B 447 -5.97 3.52 -50.36
N GLY B 448 -5.44 4.57 -49.73
CA GLY B 448 -6.09 5.87 -49.83
C GLY B 448 -6.96 6.20 -48.64
N GLY B 449 -7.78 7.24 -48.77
CA GLY B 449 -8.65 7.64 -47.69
C GLY B 449 -8.56 9.13 -47.40
N TYR B 450 -9.32 9.60 -46.43
CA TYR B 450 -9.33 11.02 -46.07
C TYR B 450 -9.24 11.17 -44.56
N SER B 451 -8.18 11.85 -44.11
CA SER B 451 -7.97 12.07 -42.69
C SER B 451 -8.66 13.34 -42.22
N THR B 452 -9.01 13.37 -40.94
CA THR B 452 -9.68 14.52 -40.35
C THR B 452 -8.65 15.50 -39.83
N ASP B 453 -8.63 16.70 -40.41
CA ASP B 453 -7.67 17.72 -40.00
C ASP B 453 -8.32 18.92 -39.34
N PHE B 454 -8.10 19.08 -38.03
CA PHE B 454 -8.64 20.23 -37.30
C PHE B 454 -7.77 20.58 -36.09
N LEU B 455 -8.01 21.75 -35.52
CA LEU B 455 -7.28 22.22 -34.34
C LEU B 455 -8.27 22.56 -33.24
N THR B 456 -8.22 21.80 -32.16
CA THR B 456 -9.15 22.00 -31.05
C THR B 456 -9.00 23.39 -30.44
N LYS B 457 -10.13 24.06 -30.23
CA LYS B 457 -10.09 25.37 -29.62
C LYS B 457 -9.56 25.21 -28.20
N GLY B 458 -8.72 26.15 -27.78
CA GLY B 458 -8.16 26.08 -26.45
C GLY B 458 -9.05 26.62 -25.34
N GLY B 459 -8.60 26.47 -24.10
CA GLY B 459 -9.33 26.95 -22.95
C GLY B 459 -10.47 26.06 -22.49
N MET B 460 -10.62 24.92 -23.14
CA MET B 460 -11.69 23.98 -22.80
C MET B 460 -11.23 22.95 -21.78
N PRO B 461 -12.00 22.77 -20.70
CA PRO B 461 -11.61 21.77 -19.69
C PRO B 461 -11.83 20.37 -20.25
N VAL B 462 -10.84 19.50 -20.08
CA VAL B 462 -10.95 18.15 -20.59
C VAL B 462 -10.39 17.12 -19.62
N THR B 463 -10.65 15.86 -19.92
CA THR B 463 -10.18 14.76 -19.10
C THR B 463 -9.73 13.65 -20.03
N ILE B 464 -8.48 13.24 -19.93
CA ILE B 464 -8.00 12.13 -20.76
C ILE B 464 -7.89 10.94 -19.82
N SER B 465 -8.13 9.75 -20.35
CA SER B 465 -8.07 8.55 -19.54
C SER B 465 -7.71 7.36 -20.38
N ARG B 466 -7.37 6.26 -19.71
CA ARG B 466 -6.99 5.06 -20.41
C ARG B 466 -7.05 3.83 -19.52
N LEU B 467 -7.72 2.81 -20.03
CA LEU B 467 -7.85 1.55 -19.33
C LEU B 467 -6.77 0.63 -19.89
N ASN B 468 -6.05 -0.05 -19.00
CA ASN B 468 -5.00 -0.97 -19.43
C ASN B 468 -5.18 -2.29 -18.70
N ILE B 469 -4.62 -3.35 -19.26
CA ILE B 469 -4.70 -4.65 -18.63
C ILE B 469 -3.27 -5.11 -18.37
N VAL B 470 -2.95 -5.27 -17.09
CA VAL B 470 -1.61 -5.67 -16.70
C VAL B 470 -1.57 -7.05 -16.10
N LYS B 471 -0.69 -7.89 -16.64
CA LYS B 471 -0.54 -9.26 -16.15
C LYS B 471 -0.32 -9.22 -14.64
N GLY B 472 -1.00 -10.09 -13.91
CA GLY B 472 -0.85 -10.14 -12.47
C GLY B 472 -1.65 -9.10 -11.71
N LEU B 473 -2.38 -8.25 -12.43
CA LEU B 473 -3.20 -7.21 -11.80
C LEU B 473 -4.58 -7.14 -12.42
N GLY B 474 -4.65 -7.25 -13.74
CA GLY B 474 -5.93 -7.19 -14.43
C GLY B 474 -6.12 -5.82 -15.04
N PRO B 475 -7.37 -5.33 -15.14
CA PRO B 475 -7.64 -4.01 -15.71
C PRO B 475 -7.34 -2.90 -14.71
N VAL B 476 -6.77 -1.80 -15.20
CA VAL B 476 -6.43 -0.66 -14.35
C VAL B 476 -6.61 0.64 -15.13
N LEU B 477 -7.13 1.67 -14.46
CA LEU B 477 -7.42 2.95 -15.10
C LEU B 477 -6.57 4.15 -14.65
N GLN B 478 -6.14 4.97 -15.62
CA GLN B 478 -5.38 6.18 -15.33
C GLN B 478 -6.18 7.36 -15.89
N ILE B 479 -6.22 8.44 -15.10
CA ILE B 479 -6.97 9.64 -15.45
C ILE B 479 -6.13 10.91 -15.35
N ALA B 480 -6.41 11.88 -16.21
CA ALA B 480 -5.68 13.13 -16.17
C ALA B 480 -6.57 14.30 -16.60
N GLU B 481 -7.05 15.06 -15.61
CA GLU B 481 -7.90 16.22 -15.88
C GLU B 481 -7.02 17.38 -16.26
N GLY B 482 -7.52 18.24 -17.15
CA GLY B 482 -6.74 19.39 -17.57
C GLY B 482 -7.51 20.26 -18.54
N TYR B 483 -6.77 21.04 -19.34
CA TYR B 483 -7.38 21.92 -20.30
C TYR B 483 -6.70 21.87 -21.68
N THR B 484 -7.43 22.35 -22.67
CA THR B 484 -6.90 22.44 -24.02
C THR B 484 -6.30 23.84 -24.09
N VAL B 485 -5.25 24.03 -24.87
CA VAL B 485 -4.66 25.36 -24.96
C VAL B 485 -4.52 25.87 -26.39
N ASP B 486 -4.45 27.19 -26.51
CA ASP B 486 -4.28 27.86 -27.80
C ASP B 486 -2.86 28.37 -27.88
N LEU B 487 -2.18 28.10 -28.98
CA LEU B 487 -0.83 28.60 -29.18
C LEU B 487 -0.97 29.65 -30.26
N PRO B 488 0.02 30.55 -30.40
CA PRO B 488 -0.15 31.54 -31.46
C PRO B 488 -0.17 30.77 -32.79
N GLU B 489 -0.89 31.29 -33.78
CA GLU B 489 -0.97 30.63 -35.08
C GLU B 489 0.36 30.17 -35.70
N GLU B 490 1.37 31.03 -35.69
CA GLU B 490 2.68 30.70 -36.25
C GLU B 490 3.39 29.58 -35.50
N VAL B 491 3.21 29.52 -34.19
CA VAL B 491 3.85 28.50 -33.37
C VAL B 491 3.22 27.14 -33.68
N HIS B 492 1.89 27.12 -33.70
CA HIS B 492 1.17 25.89 -34.00
C HIS B 492 1.69 25.37 -35.35
N ASP B 493 1.66 26.22 -36.36
CA ASP B 493 2.10 25.80 -37.69
C ASP B 493 3.47 25.14 -37.68
N VAL B 494 4.42 25.68 -36.91
CA VAL B 494 5.74 25.10 -36.88
C VAL B 494 5.77 23.73 -36.21
N LEU B 495 5.09 23.61 -35.07
CA LEU B 495 5.07 22.34 -34.38
C LEU B 495 4.26 21.33 -35.18
N ASP B 496 3.16 21.80 -35.76
CA ASP B 496 2.29 20.95 -36.55
C ASP B 496 2.93 20.41 -37.83
N LYS B 497 3.57 21.28 -38.61
CA LYS B 497 4.16 20.85 -39.87
C LYS B 497 5.25 19.77 -39.72
N ARG B 498 5.94 19.76 -38.58
CA ARG B 498 7.00 18.79 -38.37
C ARG B 498 6.53 17.49 -37.71
N THR B 499 5.23 17.36 -37.51
CA THR B 499 4.65 16.17 -36.91
C THR B 499 3.81 15.49 -37.98
N ASP B 500 2.51 15.79 -37.99
CA ASP B 500 1.59 15.22 -38.99
C ASP B 500 0.40 16.16 -39.15
N PRO B 501 0.61 17.25 -39.90
CA PRO B 501 -0.38 18.30 -40.19
C PRO B 501 -1.70 17.90 -40.85
N THR B 502 -1.83 16.65 -41.28
CA THR B 502 -3.08 16.25 -41.91
C THR B 502 -3.97 15.48 -40.94
N TRP B 503 -3.50 15.36 -39.70
CA TRP B 503 -4.25 14.66 -38.65
C TRP B 503 -4.80 15.66 -37.66
N PRO B 504 -5.81 15.25 -36.87
CA PRO B 504 -6.43 16.13 -35.87
C PRO B 504 -5.52 16.48 -34.69
N THR B 505 -5.50 17.74 -34.29
CA THR B 505 -4.64 18.19 -33.19
C THR B 505 -5.34 18.79 -31.97
N THR B 506 -4.84 18.43 -30.80
CA THR B 506 -5.32 18.93 -29.52
C THR B 506 -4.09 19.18 -28.64
N TRP B 507 -3.94 20.42 -28.17
CA TRP B 507 -2.84 20.78 -27.30
C TRP B 507 -3.39 20.67 -25.87
N PHE B 508 -2.83 19.74 -25.12
CA PHE B 508 -3.28 19.44 -23.77
C PHE B 508 -2.32 19.75 -22.63
N VAL B 509 -2.86 20.36 -21.57
CA VAL B 509 -2.07 20.64 -20.38
C VAL B 509 -2.85 20.00 -19.23
N PRO B 510 -2.22 19.07 -18.50
CA PRO B 510 -2.87 18.40 -17.37
C PRO B 510 -2.71 19.20 -16.09
N ASN B 511 -3.69 19.14 -15.20
CA ASN B 511 -3.58 19.85 -13.94
C ASN B 511 -2.50 19.16 -13.14
N LEU B 512 -1.55 19.93 -12.62
CA LEU B 512 -0.46 19.37 -11.84
C LEU B 512 -0.81 19.40 -10.36
N THR B 513 -0.16 18.54 -9.58
CA THR B 513 -0.40 18.46 -8.14
C THR B 513 0.91 18.49 -7.39
N GLY B 514 2.02 18.43 -8.13
CA GLY B 514 3.33 18.43 -7.51
C GLY B 514 3.60 17.17 -6.71
N GLU B 515 2.90 16.09 -7.07
CA GLU B 515 3.07 14.81 -6.38
C GLU B 515 2.77 13.67 -7.35
N GLY B 516 3.15 12.47 -6.95
CA GLY B 516 2.91 11.31 -7.79
C GLY B 516 3.47 11.49 -9.19
N ALA B 517 2.63 11.24 -10.20
CA ALA B 517 3.03 11.36 -11.59
C ALA B 517 2.56 12.69 -12.17
N PHE B 518 2.13 13.60 -11.29
CA PHE B 518 1.65 14.90 -11.72
C PHE B 518 2.54 16.04 -11.22
N LYS B 519 3.79 15.71 -10.93
CA LYS B 519 4.77 16.65 -10.47
C LYS B 519 5.04 17.68 -11.58
N ASP B 520 5.04 17.21 -12.83
CA ASP B 520 5.27 18.08 -13.97
C ASP B 520 4.61 17.50 -15.21
N VAL B 521 4.51 18.32 -16.27
CA VAL B 521 3.88 17.87 -17.51
C VAL B 521 4.52 16.61 -18.07
N TYR B 522 5.85 16.57 -18.09
CA TYR B 522 6.61 15.42 -18.61
C TYR B 522 6.21 14.10 -17.95
N SER B 523 6.06 14.12 -16.63
CA SER B 523 5.72 12.93 -15.86
C SER B 523 4.35 12.38 -16.20
N VAL B 524 3.44 13.27 -16.55
CA VAL B 524 2.10 12.82 -16.89
C VAL B 524 2.20 11.92 -18.11
N MET B 525 2.97 12.33 -19.11
CA MET B 525 3.12 11.54 -20.31
C MET B 525 4.03 10.35 -20.07
N ASN B 526 5.12 10.58 -19.33
CA ASN B 526 6.06 9.49 -19.08
C ASN B 526 5.36 8.32 -18.38
N ASN B 527 4.30 8.62 -17.62
CA ASN B 527 3.57 7.57 -16.92
C ASN B 527 2.39 6.99 -17.69
N TRP B 528 2.04 7.60 -18.82
CA TRP B 528 0.90 7.07 -19.58
C TRP B 528 1.23 5.64 -19.99
N GLY B 529 0.30 4.73 -19.69
CA GLY B 529 0.51 3.31 -19.97
C GLY B 529 0.26 2.76 -21.35
N ALA B 530 -0.04 3.63 -22.31
CA ALA B 530 -0.29 3.19 -23.68
C ALA B 530 -0.10 4.36 -24.64
N ASN B 531 -0.04 4.06 -25.92
CA ASN B 531 0.14 5.09 -26.94
C ASN B 531 -1.15 5.90 -27.10
N HIS B 532 -2.27 5.29 -26.76
CA HIS B 532 -3.57 5.94 -26.91
C HIS B 532 -4.17 6.41 -25.61
N CYS B 533 -5.16 7.29 -25.74
CA CYS B 533 -5.90 7.82 -24.61
C CYS B 533 -7.25 8.28 -25.15
N SER B 534 -8.17 8.63 -24.27
CA SER B 534 -9.48 9.10 -24.68
C SER B 534 -9.69 10.49 -24.11
N ILE B 535 -10.13 11.42 -24.95
CA ILE B 535 -10.37 12.78 -24.49
C ILE B 535 -11.86 13.03 -24.35
N SER B 536 -12.26 13.53 -23.18
CA SER B 536 -13.66 13.85 -22.96
C SER B 536 -13.77 15.28 -22.50
N TYR B 537 -14.80 15.98 -22.98
CA TYR B 537 -15.00 17.35 -22.55
C TYR B 537 -15.33 17.33 -21.05
N GLY B 538 -15.01 18.40 -20.35
CA GLY B 538 -15.30 18.49 -18.93
C GLY B 538 -14.27 17.82 -18.02
N HIS B 539 -14.50 17.95 -16.71
CA HIS B 539 -13.64 17.34 -15.69
C HIS B 539 -14.43 16.24 -15.01
N ILE B 540 -14.47 15.08 -15.66
CA ILE B 540 -15.21 13.92 -15.20
C ILE B 540 -14.36 12.91 -14.41
N GLY B 541 -13.20 13.35 -13.96
CA GLY B 541 -12.33 12.47 -13.20
C GLY B 541 -12.97 11.87 -11.96
N ALA B 542 -13.63 12.69 -11.16
CA ALA B 542 -14.28 12.20 -9.94
C ALA B 542 -15.31 11.17 -10.34
N ASP B 543 -16.02 11.43 -11.44
CA ASP B 543 -17.02 10.51 -11.95
C ASP B 543 -16.39 9.18 -12.35
N LEU B 544 -15.28 9.26 -13.08
CA LEU B 544 -14.57 8.06 -13.53
C LEU B 544 -14.10 7.22 -12.36
N ILE B 545 -13.64 7.87 -11.30
CA ILE B 545 -13.16 7.18 -10.12
C ILE B 545 -14.27 6.38 -9.47
N THR B 546 -15.44 6.99 -9.36
CA THR B 546 -16.59 6.32 -8.77
C THR B 546 -16.95 5.09 -9.60
N LEU B 547 -17.07 5.29 -10.90
CA LEU B 547 -17.41 4.21 -11.83
C LEU B 547 -16.41 3.04 -11.68
N ALA B 548 -15.12 3.35 -11.69
CA ALA B 548 -14.09 2.33 -11.56
C ALA B 548 -14.25 1.51 -10.26
N SER B 549 -14.46 2.19 -9.14
CA SER B 549 -14.64 1.50 -7.87
C SER B 549 -15.80 0.50 -7.96
N ILE B 550 -16.86 0.89 -8.67
CA ILE B 550 -18.02 0.02 -8.84
C ILE B 550 -17.62 -1.23 -9.63
N LEU B 551 -16.84 -1.02 -10.69
CA LEU B 551 -16.39 -2.11 -11.53
C LEU B 551 -15.27 -2.91 -10.89
N ARG B 552 -14.74 -2.42 -9.78
CA ARG B 552 -13.66 -3.10 -9.05
C ARG B 552 -12.33 -2.98 -9.80
N ILE B 553 -12.18 -1.89 -10.55
CA ILE B 553 -10.99 -1.61 -11.33
C ILE B 553 -10.21 -0.51 -10.62
N PRO B 554 -9.04 -0.85 -10.06
CA PRO B 554 -8.24 0.17 -9.35
C PRO B 554 -7.74 1.28 -10.29
N VAL B 555 -7.46 2.45 -9.71
CA VAL B 555 -6.99 3.60 -10.46
C VAL B 555 -5.54 3.90 -10.12
N ASN B 556 -4.63 3.49 -11.00
CA ASN B 556 -3.20 3.68 -10.77
C ASN B 556 -2.68 5.10 -10.86
N MET B 557 -3.46 5.99 -11.47
CA MET B 557 -3.00 7.36 -11.65
C MET B 557 -4.15 8.30 -11.97
N HIS B 558 -4.21 9.42 -11.26
CA HIS B 558 -5.25 10.42 -11.46
C HIS B 558 -4.87 11.66 -10.66
N ASN B 559 -5.39 12.82 -11.08
CA ASN B 559 -5.09 14.07 -10.41
C ASN B 559 -6.37 14.75 -9.92
N VAL B 560 -7.29 13.93 -9.38
CA VAL B 560 -8.55 14.44 -8.83
C VAL B 560 -8.29 14.79 -7.36
N PRO B 561 -8.79 15.94 -6.90
CA PRO B 561 -8.55 16.29 -5.50
C PRO B 561 -9.12 15.18 -4.61
N GLU B 562 -8.39 14.83 -3.55
CA GLU B 562 -8.81 13.76 -2.65
C GLU B 562 -10.21 13.91 -2.04
N GLU B 563 -10.69 15.13 -1.87
CA GLU B 563 -12.01 15.34 -1.28
C GLU B 563 -13.15 14.93 -2.21
N LYS B 564 -12.87 14.83 -3.51
CA LYS B 564 -13.88 14.44 -4.48
C LYS B 564 -13.98 12.92 -4.66
N ILE B 565 -12.95 12.20 -4.21
CA ILE B 565 -12.93 10.75 -4.32
C ILE B 565 -14.15 10.18 -3.59
N PHE B 566 -15.02 9.50 -4.32
CA PHE B 566 -16.22 8.91 -3.75
C PHE B 566 -16.23 7.42 -4.14
N ARG B 567 -16.01 6.57 -3.15
CA ARG B 567 -15.96 5.12 -3.35
C ARG B 567 -16.80 4.40 -2.31
N PRO B 568 -17.16 3.13 -2.56
CA PRO B 568 -17.98 2.36 -1.62
C PRO B 568 -17.40 2.46 -0.22
N ASP B 569 -18.28 2.46 0.79
CA ASP B 569 -17.87 2.55 2.18
C ASP B 569 -16.76 1.55 2.54
N ALA B 570 -16.87 0.35 1.98
CA ALA B 570 -15.89 -0.70 2.25
C ALA B 570 -14.44 -0.28 1.99
N TRP B 571 -14.20 0.57 1.01
CA TRP B 571 -12.82 0.98 0.74
C TRP B 571 -12.10 1.55 1.97
N SER B 572 -12.77 2.40 2.74
CA SER B 572 -12.14 2.99 3.92
C SER B 572 -11.60 1.96 4.91
N MET B 573 -12.20 0.77 4.94
CA MET B 573 -11.74 -0.28 5.84
C MET B 573 -10.41 -0.87 5.38
N PHE B 574 -10.05 -0.64 4.13
CA PHE B 574 -8.79 -1.15 3.60
C PHE B 574 -7.70 -0.11 3.67
N GLY B 575 -7.99 1.01 4.33
CA GLY B 575 -7.02 2.07 4.48
C GLY B 575 -7.62 3.45 4.30
N THR B 576 -7.16 4.41 5.10
CA THR B 576 -7.66 5.78 5.02
C THR B 576 -6.55 6.81 4.83
N LYS B 577 -5.31 6.43 5.11
CA LYS B 577 -4.20 7.35 4.92
C LYS B 577 -3.68 7.27 3.49
N ASP B 578 -3.73 6.07 2.92
CA ASP B 578 -3.27 5.88 1.55
C ASP B 578 -4.37 5.27 0.69
N LEU B 579 -5.19 6.14 0.13
CA LEU B 579 -6.31 5.71 -0.69
C LEU B 579 -5.91 4.85 -1.89
N GLU B 580 -4.78 5.16 -2.51
CA GLU B 580 -4.34 4.37 -3.65
C GLU B 580 -4.10 2.93 -3.18
N GLY B 581 -3.40 2.80 -2.04
CA GLY B 581 -3.12 1.48 -1.52
C GLY B 581 -4.40 0.73 -1.17
N ALA B 582 -5.33 1.45 -0.54
CA ALA B 582 -6.60 0.87 -0.15
C ALA B 582 -7.42 0.47 -1.39
N ASP B 583 -7.28 1.26 -2.46
CA ASP B 583 -8.00 0.97 -3.68
C ASP B 583 -7.58 -0.41 -4.20
N TYR B 584 -6.28 -0.64 -4.30
CA TYR B 584 -5.81 -1.94 -4.75
C TYR B 584 -6.25 -3.07 -3.82
N ARG B 585 -6.09 -2.88 -2.51
CA ARG B 585 -6.48 -3.91 -1.57
C ARG B 585 -7.98 -4.22 -1.62
N ALA B 586 -8.80 -3.19 -1.74
CA ALA B 586 -10.26 -3.37 -1.78
C ALA B 586 -10.71 -4.05 -3.07
N CYS B 587 -10.16 -3.63 -4.21
CA CYS B 587 -10.53 -4.21 -5.50
C CYS B 587 -10.21 -5.71 -5.58
N LYS B 588 -9.00 -6.08 -5.15
CA LYS B 588 -8.58 -7.47 -5.21
C LYS B 588 -9.38 -8.37 -4.28
N LYS B 589 -9.49 -7.96 -3.02
CA LYS B 589 -10.22 -8.73 -2.01
C LYS B 589 -11.72 -8.86 -2.26
N LEU B 590 -12.38 -7.74 -2.56
CA LEU B 590 -13.82 -7.76 -2.82
C LEU B 590 -14.12 -8.30 -4.21
N ALA C 2 34.02 -10.94 -24.35
CA ALA C 2 35.27 -11.12 -23.55
C ALA C 2 35.15 -12.32 -22.61
N LYS C 3 36.21 -13.13 -22.55
CA LYS C 3 36.20 -14.29 -21.67
C LYS C 3 36.31 -13.84 -20.21
N ASP C 4 35.52 -14.42 -19.32
CA ASP C 4 35.58 -14.07 -17.91
C ASP C 4 36.89 -14.59 -17.35
N PRO C 5 37.72 -13.70 -16.79
CA PRO C 5 39.02 -14.06 -16.23
C PRO C 5 39.01 -14.96 -14.98
N ARG C 6 37.85 -15.15 -14.38
CA ARG C 6 37.80 -15.97 -13.17
C ARG C 6 36.76 -17.07 -13.19
N TYR C 7 35.67 -16.85 -13.92
CA TYR C 7 34.61 -17.84 -13.94
C TYR C 7 34.36 -18.48 -15.30
N VAL C 8 33.68 -19.62 -15.30
CA VAL C 8 33.38 -20.32 -16.54
C VAL C 8 32.52 -19.49 -17.48
N GLY C 9 32.85 -19.53 -18.76
CA GLY C 9 32.08 -18.80 -19.76
C GLY C 9 32.63 -17.43 -20.07
N ASN C 10 31.80 -16.62 -20.71
CA ASN C 10 32.18 -15.26 -21.08
C ASN C 10 31.38 -14.24 -20.28
N LEU C 11 31.81 -12.99 -20.34
CA LEU C 11 31.13 -11.91 -19.65
C LEU C 11 29.88 -11.52 -20.45
N PRO C 12 28.80 -11.17 -19.74
CA PRO C 12 27.54 -10.79 -20.38
C PRO C 12 27.70 -9.66 -21.39
N LYS C 13 26.97 -9.75 -22.49
CA LYS C 13 27.00 -8.72 -23.52
C LYS C 13 25.64 -8.02 -23.59
N ILE C 14 25.66 -6.78 -24.05
CA ILE C 14 24.44 -6.00 -24.15
C ILE C 14 23.92 -5.99 -25.59
N GLY C 15 22.70 -6.49 -25.78
CA GLY C 15 22.12 -6.52 -27.11
C GLY C 15 21.37 -5.23 -27.44
N ILE C 16 21.61 -4.69 -28.62
CA ILE C 16 20.94 -3.46 -29.06
C ILE C 16 19.99 -3.82 -30.20
N ARG C 17 18.71 -3.53 -30.00
CA ARG C 17 17.67 -3.83 -30.99
C ARG C 17 17.06 -2.59 -31.61
N PRO C 18 17.43 -2.30 -32.87
CA PRO C 18 16.90 -1.15 -33.59
C PRO C 18 15.62 -1.54 -34.33
N THR C 19 14.47 -1.07 -33.83
CA THR C 19 13.21 -1.40 -34.47
C THR C 19 12.76 -0.30 -35.41
N ILE C 20 12.01 -0.67 -36.44
CA ILE C 20 11.58 0.28 -37.45
C ILE C 20 10.20 -0.07 -38.00
N ASP C 21 9.62 0.86 -38.77
CA ASP C 21 8.31 0.66 -39.38
C ASP C 21 8.46 -0.34 -40.53
N GLY C 22 7.64 -1.38 -40.52
CA GLY C 22 7.71 -2.41 -41.55
C GLY C 22 7.40 -1.98 -42.98
N ARG C 23 6.61 -0.93 -43.14
CA ARG C 23 6.21 -0.44 -44.47
C ARG C 23 7.36 -0.03 -45.39
N ARG C 24 7.54 -0.79 -46.46
CA ARG C 24 8.60 -0.48 -47.42
C ARG C 24 8.08 0.44 -48.53
N LYS C 25 8.91 0.68 -49.53
CA LYS C 25 8.56 1.54 -50.65
C LYS C 25 8.30 2.98 -50.20
N GLY C 26 8.96 3.38 -49.11
CA GLY C 26 8.78 4.73 -48.62
C GLY C 26 9.31 4.97 -47.21
N VAL C 27 8.50 4.61 -46.22
CA VAL C 27 8.84 4.80 -44.82
C VAL C 27 10.11 4.11 -44.33
N ARG C 28 10.16 2.77 -44.40
CA ARG C 28 11.33 2.05 -43.91
C ARG C 28 12.65 2.53 -44.51
N GLU C 29 12.70 2.62 -45.83
CA GLU C 29 13.92 3.05 -46.51
C GLU C 29 14.48 4.39 -46.02
N SER C 30 13.62 5.25 -45.51
CA SER C 30 14.08 6.56 -45.04
C SER C 30 14.46 6.56 -43.55
N LEU C 31 14.38 5.39 -42.91
CA LEU C 31 14.69 5.33 -41.49
C LEU C 31 15.74 4.26 -41.16
N GLU C 32 16.21 3.55 -42.17
CA GLU C 32 17.21 2.49 -41.97
C GLU C 32 18.48 2.98 -41.29
N GLU C 33 19.06 4.04 -41.85
CA GLU C 33 20.29 4.61 -41.32
C GLU C 33 20.09 5.31 -39.99
N THR C 34 19.04 6.13 -39.90
CA THR C 34 18.77 6.85 -38.65
C THR C 34 18.63 5.90 -37.47
N THR C 35 17.81 4.88 -37.64
CA THR C 35 17.58 3.90 -36.60
C THR C 35 18.83 3.12 -36.26
N MET C 36 19.54 2.65 -37.28
CA MET C 36 20.75 1.90 -37.06
C MET C 36 21.80 2.76 -36.36
N ASN C 37 21.93 4.01 -36.79
CA ASN C 37 22.88 4.94 -36.19
C ASN C 37 22.54 5.15 -34.73
N MET C 38 21.26 5.26 -34.45
CA MET C 38 20.78 5.45 -33.09
C MET C 38 21.32 4.29 -32.25
N ALA C 39 21.17 3.08 -32.78
CA ALA C 39 21.63 1.87 -32.11
C ALA C 39 23.13 1.93 -31.83
N LYS C 40 23.90 2.32 -32.83
CA LYS C 40 25.34 2.42 -32.68
C LYS C 40 25.68 3.47 -31.63
N ALA C 41 24.92 4.57 -31.62
CA ALA C 41 25.19 5.63 -30.65
C ALA C 41 25.06 5.09 -29.21
N VAL C 42 24.10 4.18 -28.99
CA VAL C 42 23.93 3.62 -27.65
C VAL C 42 25.10 2.68 -27.34
N ALA C 43 25.52 1.91 -28.34
CA ALA C 43 26.65 0.99 -28.17
C ALA C 43 27.88 1.80 -27.77
N LYS C 44 28.00 2.98 -28.36
CA LYS C 44 29.12 3.86 -28.07
C LYS C 44 29.07 4.36 -26.63
N LEU C 45 27.95 4.98 -26.25
CA LEU C 45 27.79 5.51 -24.90
C LEU C 45 28.06 4.46 -23.82
N LEU C 46 27.50 3.26 -24.01
CA LEU C 46 27.68 2.21 -23.02
C LEU C 46 29.12 1.75 -22.86
N GLU C 47 29.84 1.63 -23.98
CA GLU C 47 31.22 1.20 -23.97
C GLU C 47 32.13 2.18 -23.24
N GLU C 48 31.79 3.46 -23.28
CA GLU C 48 32.59 4.48 -22.62
C GLU C 48 32.22 4.69 -21.17
N ASN C 49 31.14 4.07 -20.73
CA ASN C 49 30.65 4.26 -19.38
C ASN C 49 30.33 3.04 -18.54
N VAL C 50 30.33 1.86 -19.15
CA VAL C 50 30.03 0.66 -18.40
C VAL C 50 31.15 -0.35 -18.61
N PHE C 51 31.80 -0.75 -17.51
CA PHE C 51 32.90 -1.69 -17.62
C PHE C 51 32.69 -2.94 -16.78
N TYR C 52 33.26 -4.05 -17.25
CA TYR C 52 33.14 -5.30 -16.52
C TYR C 52 34.03 -5.15 -15.30
N TYR C 53 33.94 -6.09 -14.36
CA TYR C 53 34.75 -6.00 -13.14
C TYR C 53 36.25 -6.03 -13.36
N ASN C 54 36.70 -6.44 -14.54
CA ASN C 54 38.12 -6.50 -14.82
C ASN C 54 38.63 -5.26 -15.56
N GLY C 55 37.79 -4.24 -15.64
CA GLY C 55 38.18 -3.01 -16.30
C GLY C 55 37.78 -2.92 -17.77
N GLN C 56 37.66 -4.05 -18.44
CA GLN C 56 37.30 -4.05 -19.85
C GLN C 56 35.91 -3.45 -20.02
N PRO C 57 35.72 -2.64 -21.07
CA PRO C 57 34.42 -2.03 -21.31
C PRO C 57 33.40 -3.08 -21.73
N VAL C 58 32.14 -2.89 -21.34
CA VAL C 58 31.08 -3.82 -21.68
C VAL C 58 31.03 -3.90 -23.21
N GLU C 59 30.72 -5.08 -23.73
CA GLU C 59 30.64 -5.27 -25.16
C GLU C 59 29.19 -5.36 -25.62
N CYS C 60 28.88 -4.72 -26.74
CA CYS C 60 27.53 -4.72 -27.27
C CYS C 60 27.39 -5.47 -28.57
N VAL C 61 26.20 -6.00 -28.81
CA VAL C 61 25.92 -6.72 -30.04
C VAL C 61 24.72 -6.02 -30.68
N ILE C 62 24.78 -5.80 -31.98
CA ILE C 62 23.69 -5.13 -32.68
C ILE C 62 23.04 -6.07 -33.69
N ALA C 63 21.70 -6.12 -33.69
CA ALA C 63 20.97 -6.97 -34.62
C ALA C 63 21.47 -6.69 -36.04
N ASP C 64 21.55 -7.73 -36.86
CA ASP C 64 22.05 -7.58 -38.23
C ASP C 64 21.22 -6.67 -39.13
N THR C 65 19.96 -6.44 -38.76
CA THR C 65 19.10 -5.58 -39.56
C THR C 65 18.09 -4.96 -38.63
N CYS C 66 17.48 -3.85 -39.05
CA CYS C 66 16.44 -3.22 -38.23
C CYS C 66 15.29 -4.20 -38.13
N ILE C 67 14.64 -4.23 -36.98
CA ILE C 67 13.52 -5.13 -36.72
C ILE C 67 12.18 -4.48 -37.06
N GLY C 68 11.53 -4.97 -38.11
CA GLY C 68 10.24 -4.42 -38.51
C GLY C 68 9.11 -5.43 -38.39
N GLY C 69 9.45 -6.64 -37.96
CA GLY C 69 8.45 -7.67 -37.82
C GLY C 69 9.01 -8.88 -37.07
N VAL C 70 8.15 -9.88 -36.86
CA VAL C 70 8.53 -11.08 -36.13
C VAL C 70 9.75 -11.82 -36.72
N LYS C 71 9.84 -11.88 -38.03
CA LYS C 71 10.95 -12.57 -38.67
C LYS C 71 12.31 -12.03 -38.24
N GLU C 72 12.48 -10.72 -38.33
CA GLU C 72 13.73 -10.06 -37.96
C GLU C 72 13.94 -10.08 -36.45
N ALA C 73 12.85 -10.12 -35.69
CA ALA C 73 12.92 -10.17 -34.24
C ALA C 73 13.46 -11.54 -33.87
N ALA C 74 12.96 -12.57 -34.56
CA ALA C 74 13.40 -13.94 -34.30
C ALA C 74 14.89 -14.00 -34.66
N GLU C 75 15.25 -13.40 -35.78
CA GLU C 75 16.64 -13.37 -36.23
C GLU C 75 17.49 -12.72 -35.14
N ALA C 76 16.98 -11.64 -34.56
CA ALA C 76 17.68 -10.93 -33.51
C ALA C 76 17.83 -11.80 -32.26
N ALA C 77 16.78 -12.54 -31.93
CA ALA C 77 16.81 -13.40 -30.75
C ALA C 77 17.85 -14.49 -30.92
N GLU C 78 17.91 -15.06 -32.13
CA GLU C 78 18.86 -16.11 -32.44
C GLU C 78 20.29 -15.59 -32.31
N LYS C 79 20.57 -14.48 -32.96
CA LYS C 79 21.90 -13.90 -32.91
C LYS C 79 22.36 -13.63 -31.48
N PHE C 80 21.53 -12.94 -30.72
CA PHE C 80 21.87 -12.61 -29.34
C PHE C 80 22.13 -13.83 -28.48
N ALA C 81 21.28 -14.84 -28.63
CA ALA C 81 21.43 -16.05 -27.84
C ALA C 81 22.80 -16.65 -28.04
N ARG C 82 23.24 -16.75 -29.29
CA ARG C 82 24.54 -17.34 -29.55
C ARG C 82 25.71 -16.38 -29.33
N GLU C 83 25.43 -15.09 -29.26
CA GLU C 83 26.47 -14.09 -29.04
C GLU C 83 26.70 -13.84 -27.54
N GLY C 84 25.90 -14.48 -26.70
CA GLY C 84 26.04 -14.32 -25.27
C GLY C 84 25.48 -13.02 -24.70
N VAL C 85 24.38 -12.54 -25.27
CA VAL C 85 23.76 -11.32 -24.78
C VAL C 85 22.97 -11.61 -23.51
N GLY C 86 23.16 -10.78 -22.49
CA GLY C 86 22.45 -10.96 -21.22
C GLY C 86 21.53 -9.81 -20.85
N VAL C 87 21.66 -8.70 -21.57
CA VAL C 87 20.85 -7.51 -21.34
C VAL C 87 20.44 -6.98 -22.71
N SER C 88 19.19 -6.53 -22.85
CA SER C 88 18.77 -6.02 -24.15
C SER C 88 18.21 -4.60 -24.09
N ILE C 89 18.48 -3.84 -25.14
CA ILE C 89 18.00 -2.46 -25.25
C ILE C 89 17.44 -2.21 -26.64
N THR C 90 16.17 -1.82 -26.69
CA THR C 90 15.52 -1.53 -27.97
C THR C 90 15.53 -0.03 -28.23
N VAL C 91 15.78 0.38 -29.47
CA VAL C 91 15.81 1.81 -29.81
C VAL C 91 15.10 2.10 -31.12
N THR C 92 14.43 3.24 -31.19
CA THR C 92 13.74 3.60 -32.42
C THR C 92 13.30 5.05 -32.44
N PRO C 93 13.23 5.65 -33.65
CA PRO C 93 12.82 7.04 -33.85
C PRO C 93 11.45 7.09 -34.52
N CYS C 94 10.89 5.92 -34.80
CA CYS C 94 9.61 5.85 -35.49
C CYS C 94 8.64 4.83 -34.90
N TRP C 95 7.50 4.69 -35.56
CA TRP C 95 6.48 3.75 -35.14
C TRP C 95 6.83 2.35 -35.62
N CYS C 96 6.58 1.36 -34.77
CA CYS C 96 6.84 -0.03 -35.09
C CYS C 96 5.65 -0.87 -34.62
N TYR C 97 5.56 -2.10 -35.11
CA TYR C 97 4.43 -2.95 -34.77
C TYR C 97 4.53 -3.70 -33.45
N GLY C 98 4.46 -2.94 -32.36
CA GLY C 98 4.53 -3.48 -31.01
C GLY C 98 4.95 -4.92 -30.84
N THR C 99 4.01 -5.75 -30.39
CA THR C 99 4.27 -7.17 -30.14
C THR C 99 5.05 -7.90 -31.23
N GLU C 100 4.94 -7.43 -32.47
CA GLU C 100 5.65 -8.05 -33.60
C GLU C 100 7.16 -7.83 -33.51
N THR C 101 7.57 -6.81 -32.78
CA THR C 101 8.98 -6.47 -32.64
C THR C 101 9.56 -6.65 -31.23
N MET C 102 8.71 -7.02 -30.27
CA MET C 102 9.13 -7.21 -28.88
C MET C 102 10.23 -8.25 -28.71
N ASP C 103 10.94 -8.13 -27.60
CA ASP C 103 12.00 -9.08 -27.23
C ASP C 103 11.25 -9.97 -26.25
N MET C 104 10.95 -11.20 -26.67
CA MET C 104 10.18 -12.12 -25.84
C MET C 104 10.96 -12.95 -24.83
N ASP C 105 12.25 -12.69 -24.68
CA ASP C 105 13.04 -13.45 -23.71
C ASP C 105 12.76 -12.88 -22.32
N PRO C 106 12.04 -13.66 -21.48
CA PRO C 106 11.69 -13.24 -20.12
C PRO C 106 12.84 -13.25 -19.12
N HIS C 107 13.93 -13.91 -19.48
CA HIS C 107 15.06 -14.04 -18.59
C HIS C 107 16.18 -13.00 -18.69
N ILE C 108 15.91 -11.88 -19.33
CA ILE C 108 16.95 -10.86 -19.39
C ILE C 108 16.36 -9.47 -19.23
N PRO C 109 17.07 -8.60 -18.50
CA PRO C 109 16.60 -7.23 -18.29
C PRO C 109 16.49 -6.57 -19.66
N LYS C 110 15.42 -5.81 -19.87
CA LYS C 110 15.24 -5.16 -21.14
C LYS C 110 14.73 -3.74 -20.98
N ALA C 111 15.18 -2.86 -21.85
CA ALA C 111 14.76 -1.47 -21.81
C ALA C 111 14.42 -1.03 -23.22
N VAL C 112 13.70 0.08 -23.32
CA VAL C 112 13.31 0.62 -24.62
C VAL C 112 13.53 2.12 -24.62
N TRP C 113 14.08 2.62 -25.73
CA TRP C 113 14.33 4.04 -25.87
C TRP C 113 13.63 4.57 -27.11
N GLY C 114 12.66 5.45 -26.88
CA GLY C 114 11.94 6.05 -27.98
C GLY C 114 12.44 7.45 -28.20
N PHE C 115 13.04 7.67 -29.35
CA PHE C 115 13.58 8.98 -29.71
C PHE C 115 12.48 10.03 -29.62
N ASN C 116 12.76 11.14 -28.95
CA ASN C 116 11.76 12.20 -28.83
C ASN C 116 11.82 13.10 -30.06
N GLY C 117 11.27 12.59 -31.15
CA GLY C 117 11.27 13.33 -32.40
C GLY C 117 9.83 13.54 -32.83
N THR C 118 9.60 14.50 -33.70
CA THR C 118 8.25 14.81 -34.15
C THR C 118 7.84 14.23 -35.49
N GLU C 119 8.79 14.02 -36.39
CA GLU C 119 8.46 13.50 -37.72
C GLU C 119 7.85 12.09 -37.73
N ARG C 120 8.19 11.27 -36.73
CA ARG C 120 7.65 9.91 -36.64
C ARG C 120 7.14 9.60 -35.23
N PRO C 121 6.22 8.64 -35.10
CA PRO C 121 5.68 8.29 -33.78
C PRO C 121 6.61 7.40 -32.94
N GLY C 122 7.83 7.88 -32.68
CA GLY C 122 8.77 7.10 -31.88
C GLY C 122 8.29 6.90 -30.45
N ALA C 123 7.83 7.98 -29.81
CA ALA C 123 7.34 7.94 -28.45
C ALA C 123 6.05 7.12 -28.38
N VAL C 124 5.37 7.01 -29.52
CA VAL C 124 4.13 6.25 -29.58
C VAL C 124 4.47 4.75 -29.57
N TYR C 125 5.59 4.39 -30.20
CA TYR C 125 6.00 3.00 -30.21
C TYR C 125 6.36 2.59 -28.78
N LEU C 126 7.15 3.45 -28.14
CA LEU C 126 7.60 3.24 -26.77
C LEU C 126 6.43 2.89 -25.84
N ALA C 127 5.42 3.77 -25.83
CA ALA C 127 4.25 3.55 -24.99
C ALA C 127 3.48 2.31 -25.42
N ALA C 128 3.37 2.09 -26.73
CA ALA C 128 2.62 0.93 -27.24
C ALA C 128 3.30 -0.39 -26.94
N VAL C 129 4.62 -0.45 -27.10
CA VAL C 129 5.33 -1.69 -26.85
C VAL C 129 5.38 -1.96 -25.34
N LEU C 130 5.54 -0.91 -24.54
CA LEU C 130 5.57 -1.09 -23.09
C LEU C 130 4.24 -1.67 -22.63
N ALA C 131 3.14 -1.19 -23.20
CA ALA C 131 1.81 -1.70 -22.85
C ALA C 131 1.82 -3.20 -23.09
N GLY C 132 2.48 -3.62 -24.17
CA GLY C 132 2.57 -5.03 -24.49
C GLY C 132 3.37 -5.78 -23.45
N TYR C 133 4.44 -5.17 -22.96
CA TYR C 133 5.26 -5.81 -21.95
C TYR C 133 4.51 -5.92 -20.63
N ASN C 134 3.70 -4.91 -20.33
CA ASN C 134 2.92 -4.93 -19.09
C ASN C 134 1.76 -5.92 -19.21
N GLN C 135 1.22 -6.06 -20.42
CA GLN C 135 0.11 -6.97 -20.64
C GLN C 135 0.57 -8.41 -20.62
N LYS C 136 1.74 -8.66 -21.20
CA LYS C 136 2.28 -10.01 -21.27
C LYS C 136 3.07 -10.43 -20.03
N GLY C 137 3.31 -9.49 -19.13
CA GLY C 137 4.04 -9.78 -17.90
C GLY C 137 5.55 -9.88 -18.05
N LEU C 138 6.11 -9.14 -19.00
CA LEU C 138 7.55 -9.13 -19.25
C LEU C 138 8.11 -7.75 -18.92
N PRO C 139 8.61 -7.57 -17.69
CA PRO C 139 9.18 -6.30 -17.24
C PRO C 139 10.14 -5.68 -18.26
N ALA C 140 10.05 -4.36 -18.41
CA ALA C 140 10.92 -3.63 -19.35
C ALA C 140 10.93 -2.17 -18.96
N PHE C 141 12.08 -1.52 -19.06
CA PHE C 141 12.19 -0.11 -18.72
C PHE C 141 11.90 0.79 -19.92
N GLY C 142 11.36 1.97 -19.64
CA GLY C 142 11.04 2.91 -20.69
C GLY C 142 11.87 4.17 -20.53
N ILE C 143 12.48 4.61 -21.62
CA ILE C 143 13.31 5.80 -21.59
C ILE C 143 12.81 6.81 -22.62
N TYR C 144 12.39 7.98 -22.13
CA TYR C 144 11.87 9.04 -22.99
C TYR C 144 12.50 10.39 -22.62
N GLY C 145 13.21 10.99 -23.56
CA GLY C 145 13.83 12.28 -23.31
C GLY C 145 12.80 13.36 -23.12
N LYS C 146 13.14 14.39 -22.35
CA LYS C 146 12.22 15.48 -22.07
C LYS C 146 12.26 16.61 -23.10
N ASP C 147 13.29 16.61 -23.94
CA ASP C 147 13.43 17.66 -24.94
C ASP C 147 13.41 17.16 -26.38
N VAL C 148 12.48 17.69 -27.15
CA VAL C 148 12.34 17.32 -28.55
C VAL C 148 13.66 17.52 -29.27
N GLN C 149 14.16 16.45 -29.87
CA GLN C 149 15.40 16.49 -30.63
C GLN C 149 15.04 16.52 -32.10
N ASP C 150 15.91 17.08 -32.93
CA ASP C 150 15.63 17.14 -34.36
C ASP C 150 15.96 15.82 -35.04
N ALA C 151 15.28 15.54 -36.14
CA ALA C 151 15.50 14.30 -36.87
C ALA C 151 16.99 14.12 -37.21
N GLY C 152 17.54 12.97 -36.83
CA GLY C 152 18.93 12.70 -37.13
C GLY C 152 19.94 13.04 -36.05
N ASP C 153 19.54 13.86 -35.08
CA ASP C 153 20.46 14.22 -34.00
C ASP C 153 20.99 12.91 -33.43
N THR C 154 22.31 12.76 -33.43
CA THR C 154 22.93 11.54 -32.93
C THR C 154 23.34 11.69 -31.47
N ASN C 155 23.30 12.91 -30.96
CA ASN C 155 23.65 13.14 -29.56
C ASN C 155 22.58 12.57 -28.67
N ILE C 156 22.98 12.07 -27.52
CA ILE C 156 22.03 11.51 -26.57
C ILE C 156 21.92 12.48 -25.40
N PRO C 157 20.71 12.99 -25.14
CA PRO C 157 20.48 13.94 -24.03
C PRO C 157 21.00 13.38 -22.71
N GLU C 158 21.20 14.27 -21.74
CA GLU C 158 21.70 13.87 -20.42
C GLU C 158 20.71 13.03 -19.63
N ASP C 159 19.41 13.33 -19.73
CA ASP C 159 18.43 12.56 -18.99
C ASP C 159 18.31 11.15 -19.55
N VAL C 160 18.52 11.02 -20.86
CA VAL C 160 18.44 9.73 -21.52
C VAL C 160 19.69 8.94 -21.16
N LYS C 161 20.85 9.60 -21.19
CA LYS C 161 22.11 8.95 -20.85
C LYS C 161 22.05 8.30 -19.47
N GLU C 162 21.66 9.10 -18.47
CA GLU C 162 21.57 8.62 -17.10
C GLU C 162 20.74 7.35 -17.01
N LYS C 163 19.60 7.33 -17.69
CA LYS C 163 18.71 6.16 -17.66
C LYS C 163 19.32 4.96 -18.38
N LEU C 164 19.94 5.20 -19.53
CA LEU C 164 20.55 4.12 -20.30
C LEU C 164 21.67 3.49 -19.46
N ILE C 165 22.54 4.36 -18.93
CA ILE C 165 23.68 3.93 -18.13
C ILE C 165 23.28 3.18 -16.85
N ARG C 166 22.27 3.67 -16.15
CA ARG C 166 21.82 3.03 -14.93
C ARG C 166 21.27 1.66 -15.29
N PHE C 167 20.44 1.62 -16.32
CA PHE C 167 19.85 0.36 -16.74
C PHE C 167 20.96 -0.66 -17.07
N ALA C 168 21.92 -0.23 -17.89
CA ALA C 168 23.02 -1.10 -18.29
C ALA C 168 23.78 -1.63 -17.08
N LYS C 169 24.20 -0.73 -16.20
CA LYS C 169 24.93 -1.16 -15.02
C LYS C 169 24.12 -2.16 -14.21
N ALA C 170 22.85 -1.84 -13.93
CA ALA C 170 21.99 -2.73 -13.17
C ALA C 170 21.77 -4.05 -13.92
N GLY C 171 21.43 -3.97 -15.19
CA GLY C 171 21.22 -5.17 -15.99
C GLY C 171 22.44 -6.06 -15.99
N LEU C 172 23.62 -5.48 -16.17
CA LEU C 172 24.88 -6.22 -16.20
C LEU C 172 25.20 -6.89 -14.87
N ALA C 173 24.91 -6.22 -13.77
CA ALA C 173 25.18 -6.76 -12.44
C ALA C 173 24.35 -8.03 -12.30
N VAL C 174 23.12 -7.97 -12.78
CA VAL C 174 22.18 -9.11 -12.73
C VAL C 174 22.67 -10.26 -13.60
N ALA C 175 23.08 -9.93 -14.82
CA ALA C 175 23.58 -10.94 -15.75
C ALA C 175 24.81 -11.65 -15.17
N MET C 176 25.66 -10.87 -14.50
CA MET C 176 26.89 -11.38 -13.88
C MET C 176 26.69 -12.50 -12.88
N MET C 177 25.62 -12.44 -12.08
CA MET C 177 25.39 -13.46 -11.07
C MET C 177 24.88 -14.80 -11.58
N LYS C 178 24.11 -14.79 -12.65
CA LYS C 178 23.58 -16.04 -13.19
C LYS C 178 24.64 -17.09 -13.51
N GLY C 179 24.40 -18.32 -13.05
CA GLY C 179 25.33 -19.41 -13.28
C GLY C 179 26.49 -19.50 -12.31
N LYS C 180 26.69 -18.46 -11.50
CA LYS C 180 27.78 -18.42 -10.53
C LYS C 180 27.35 -19.09 -9.23
N SER C 181 28.32 -19.38 -8.37
CA SER C 181 28.04 -20.05 -7.10
C SER C 181 28.34 -19.23 -5.86
N TYR C 182 27.62 -19.54 -4.78
CA TYR C 182 27.89 -18.93 -3.49
C TYR C 182 28.54 -20.09 -2.75
N LEU C 183 29.74 -19.87 -2.22
CA LEU C 183 30.43 -20.93 -1.52
C LEU C 183 30.31 -20.76 -0.02
N SER C 184 29.65 -21.71 0.63
CA SER C 184 29.49 -21.67 2.07
C SER C 184 30.62 -22.47 2.69
N ILE C 185 31.48 -21.82 3.47
CA ILE C 185 32.58 -22.50 4.13
C ILE C 185 32.20 -22.53 5.60
N GLY C 186 31.80 -23.70 6.07
CA GLY C 186 31.35 -23.84 7.44
C GLY C 186 29.84 -23.78 7.39
N SER C 187 29.18 -23.56 8.53
CA SER C 187 27.73 -23.50 8.54
C SER C 187 27.26 -22.21 9.21
N VAL C 188 26.17 -22.30 9.97
CA VAL C 188 25.65 -21.14 10.66
C VAL C 188 26.69 -20.63 11.66
N SER C 189 26.71 -19.33 11.90
CA SER C 189 27.64 -18.74 12.86
C SER C 189 26.88 -18.07 13.99
N MET C 190 27.06 -18.59 15.20
CA MET C 190 26.42 -18.03 16.38
C MET C 190 24.94 -17.66 16.20
N GLY C 191 24.19 -18.53 15.55
CA GLY C 191 22.77 -18.31 15.36
C GLY C 191 22.35 -17.10 14.56
N ILE C 192 23.27 -16.58 13.75
CA ILE C 192 22.98 -15.42 12.89
C ILE C 192 22.10 -15.83 11.71
N ALA C 193 20.88 -15.30 11.68
CA ALA C 193 19.92 -15.62 10.63
C ALA C 193 20.44 -15.56 9.20
N GLY C 194 21.34 -14.61 8.93
CA GLY C 194 21.88 -14.49 7.58
C GLY C 194 22.86 -15.58 7.21
N SER C 195 23.29 -16.39 8.18
CA SER C 195 24.26 -17.45 7.90
C SER C 195 23.56 -18.76 7.52
N VAL C 196 22.23 -18.73 7.51
CA VAL C 196 21.44 -19.90 7.10
C VAL C 196 21.32 -19.73 5.58
N VAL C 197 21.59 -20.79 4.83
CA VAL C 197 21.51 -20.72 3.37
C VAL C 197 20.14 -21.13 2.85
N GLN C 198 19.40 -20.19 2.28
CA GLN C 198 18.09 -20.51 1.71
C GLN C 198 18.28 -20.60 0.20
N GLU C 199 18.50 -21.82 -0.27
CA GLU C 199 18.75 -22.08 -1.68
C GLU C 199 17.72 -21.52 -2.66
N ASP C 200 16.47 -21.48 -2.25
CA ASP C 200 15.40 -20.95 -3.10
C ASP C 200 15.75 -19.55 -3.57
N PHE C 201 16.30 -18.74 -2.67
CA PHE C 201 16.65 -17.38 -3.02
C PHE C 201 17.73 -17.35 -4.10
N PHE C 202 18.88 -17.95 -3.80
CA PHE C 202 19.98 -17.99 -4.76
C PHE C 202 19.54 -18.55 -6.11
N GLN C 203 18.80 -19.65 -6.08
CA GLN C 203 18.34 -20.29 -7.31
C GLN C 203 17.26 -19.53 -8.09
N ASN C 204 16.20 -19.11 -7.40
CA ASN C 204 15.10 -18.42 -8.08
C ASN C 204 15.23 -16.91 -8.31
N TYR C 205 15.86 -16.20 -7.39
CA TYR C 205 16.02 -14.76 -7.57
C TYR C 205 17.33 -14.38 -8.27
N LEU C 206 18.38 -15.15 -8.05
CA LEU C 206 19.66 -14.82 -8.64
C LEU C 206 20.19 -15.77 -9.71
N GLY C 207 19.58 -16.95 -9.82
CA GLY C 207 20.03 -17.92 -10.80
C GLY C 207 21.42 -18.42 -10.47
N MET C 208 21.69 -18.53 -9.17
CA MET C 208 22.98 -18.99 -8.68
C MET C 208 22.94 -20.40 -8.13
N ARG C 209 24.12 -20.99 -7.97
CA ARG C 209 24.25 -22.33 -7.42
C ARG C 209 24.78 -22.20 -5.99
N ASN C 210 24.60 -23.25 -5.19
CA ASN C 210 25.08 -23.26 -3.81
C ASN C 210 26.04 -24.41 -3.54
N GLU C 211 27.25 -24.06 -3.15
CA GLU C 211 28.29 -25.04 -2.86
C GLU C 211 28.62 -25.00 -1.38
N TYR C 212 28.82 -26.18 -0.79
CA TYR C 212 29.12 -26.27 0.63
C TYR C 212 30.38 -27.07 0.95
N VAL C 213 31.16 -26.56 1.91
CA VAL C 213 32.39 -27.23 2.33
C VAL C 213 32.64 -26.94 3.80
N ASP C 214 32.79 -27.99 4.60
CA ASP C 214 33.02 -27.84 6.04
C ASP C 214 34.41 -27.25 6.27
N MET C 215 34.57 -26.51 7.36
CA MET C 215 35.86 -25.88 7.66
C MET C 215 37.01 -26.87 7.90
N SER C 216 36.68 -28.13 8.21
CA SER C 216 37.73 -29.13 8.44
C SER C 216 38.59 -29.25 7.18
N GLU C 217 38.06 -28.76 6.06
CA GLU C 217 38.77 -28.80 4.79
C GLU C 217 40.05 -27.97 4.94
N PHE C 218 39.93 -26.85 5.65
CA PHE C 218 41.08 -25.97 5.89
C PHE C 218 42.13 -26.69 6.72
N VAL C 219 41.69 -27.56 7.61
CA VAL C 219 42.62 -28.32 8.43
C VAL C 219 43.40 -29.30 7.57
N ARG C 220 42.73 -29.87 6.56
CA ARG C 220 43.35 -30.82 5.67
C ARG C 220 44.36 -30.20 4.72
N ARG C 221 44.06 -29.05 4.15
CA ARG C 221 44.99 -28.45 3.20
C ARG C 221 46.20 -27.86 3.90
N ILE C 222 46.01 -27.41 5.13
CA ILE C 222 47.13 -26.84 5.88
C ILE C 222 48.08 -27.98 6.26
N GLU C 223 47.55 -29.00 6.93
CA GLU C 223 48.36 -30.14 7.36
C GLU C 223 49.07 -30.84 6.20
N LEU C 224 48.37 -31.01 5.08
CA LEU C 224 48.94 -31.69 3.92
C LEU C 224 49.66 -30.78 2.94
N GLY C 225 49.62 -29.48 3.21
CA GLY C 225 50.29 -28.51 2.35
C GLY C 225 49.63 -28.35 0.99
N ILE C 226 48.29 -28.39 0.98
CA ILE C 226 47.52 -28.27 -0.26
C ILE C 226 47.25 -26.82 -0.65
N TYR C 227 48.29 -26.19 -1.21
CA TYR C 227 48.24 -24.81 -1.65
C TYR C 227 49.58 -24.53 -2.34
N ASP C 228 49.68 -23.40 -3.04
CA ASP C 228 50.90 -23.04 -3.73
C ASP C 228 51.96 -22.62 -2.70
N LYS C 229 52.94 -23.47 -2.46
CA LYS C 229 53.98 -23.16 -1.49
C LYS C 229 54.91 -22.02 -1.87
N GLU C 230 55.10 -21.79 -3.16
CA GLU C 230 55.96 -20.69 -3.59
C GLU C 230 55.21 -19.39 -3.31
N GLU C 231 53.91 -19.38 -3.60
CA GLU C 231 53.11 -18.20 -3.34
C GLU C 231 53.06 -17.92 -1.85
N TYR C 232 52.89 -18.97 -1.06
CA TYR C 232 52.84 -18.81 0.39
C TYR C 232 54.05 -18.06 0.93
N GLU C 233 55.25 -18.52 0.59
CA GLU C 233 56.48 -17.88 1.08
C GLU C 233 56.58 -16.41 0.66
N ARG C 234 56.17 -16.10 -0.56
CA ARG C 234 56.21 -14.72 -1.04
C ARG C 234 55.20 -13.90 -0.24
N ALA C 235 54.04 -14.50 0.01
CA ALA C 235 52.97 -13.85 0.76
C ALA C 235 53.39 -13.56 2.19
N LEU C 236 53.99 -14.56 2.83
CA LEU C 236 54.44 -14.43 4.21
C LEU C 236 55.37 -13.22 4.33
N LYS C 237 56.35 -13.16 3.44
CA LYS C 237 57.30 -12.04 3.47
C LYS C 237 56.58 -10.70 3.25
N TRP C 238 55.68 -10.65 2.27
CA TRP C 238 54.94 -9.43 1.97
C TRP C 238 54.16 -8.94 3.20
N VAL C 239 53.52 -9.87 3.91
CA VAL C 239 52.76 -9.50 5.09
C VAL C 239 53.70 -8.94 6.15
N LYS C 240 54.82 -9.62 6.34
CA LYS C 240 55.79 -9.19 7.34
C LYS C 240 56.37 -7.81 6.99
N GLU C 241 56.49 -7.52 5.70
CA GLU C 241 57.04 -6.25 5.25
C GLU C 241 56.03 -5.10 5.15
N ASN C 242 54.75 -5.40 4.93
CA ASN C 242 53.77 -4.33 4.77
C ASN C 242 52.65 -4.24 5.80
N CYS C 243 52.38 -5.34 6.51
CA CYS C 243 51.34 -5.36 7.52
C CYS C 243 51.97 -5.14 8.88
N LYS C 244 51.95 -3.89 9.33
CA LYS C 244 52.54 -3.53 10.60
C LYS C 244 51.70 -3.97 11.80
N VAL C 245 52.31 -4.71 12.71
CA VAL C 245 51.63 -5.21 13.92
C VAL C 245 51.45 -4.09 14.94
N GLY C 246 50.23 -3.94 15.44
CA GLY C 246 49.95 -2.90 16.41
C GLY C 246 50.08 -3.39 17.84
N PRO C 247 49.87 -2.52 18.83
CA PRO C 247 49.97 -2.90 20.24
C PRO C 247 49.01 -4.02 20.59
N ASP C 248 49.41 -4.90 21.49
CA ASP C 248 48.57 -6.02 21.91
C ASP C 248 47.69 -5.58 23.07
N ASN C 249 46.37 -5.61 22.87
CA ASN C 249 45.44 -5.20 23.90
C ASN C 249 44.94 -6.29 24.84
N ASN C 250 45.42 -7.52 24.67
CA ASN C 250 45.03 -8.61 25.55
C ASN C 250 45.73 -8.37 26.88
N ARG C 251 45.00 -8.49 28.00
CA ARG C 251 45.63 -8.26 29.29
C ARG C 251 46.36 -9.48 29.88
N ASP C 252 47.57 -9.23 30.36
CA ASP C 252 48.45 -10.22 30.96
C ASP C 252 48.19 -11.70 30.67
N GLY C 253 47.19 -12.28 31.34
CA GLY C 253 46.88 -13.67 31.12
C GLY C 253 46.05 -13.95 29.88
N PHE C 254 46.17 -13.09 28.88
CA PHE C 254 45.42 -13.26 27.64
C PHE C 254 46.29 -13.09 26.40
N LYS C 255 47.55 -12.74 26.60
CA LYS C 255 48.46 -12.56 25.46
C LYS C 255 49.03 -13.91 25.03
N ARG C 256 49.29 -14.04 23.74
CA ARG C 256 49.85 -15.27 23.18
C ARG C 256 51.36 -15.11 23.05
N THR C 257 52.10 -16.22 23.14
CA THR C 257 53.55 -16.17 23.06
C THR C 257 54.04 -15.66 21.72
N GLU C 258 55.32 -15.31 21.66
CA GLU C 258 55.92 -14.81 20.44
C GLU C 258 55.84 -15.88 19.37
N GLU C 259 56.09 -17.13 19.77
CA GLU C 259 56.04 -18.24 18.85
C GLU C 259 54.63 -18.43 18.29
N GLN C 260 53.62 -18.29 19.15
CA GLN C 260 52.23 -18.45 18.72
C GLN C 260 51.84 -17.41 17.68
N LYS C 261 52.24 -16.16 17.93
CA LYS C 261 51.92 -15.06 17.02
C LYS C 261 52.55 -15.24 15.65
N GLU C 262 53.68 -15.94 15.59
CA GLU C 262 54.32 -16.18 14.31
C GLU C 262 53.49 -17.22 13.55
N LYS C 263 53.01 -18.22 14.27
CA LYS C 263 52.20 -19.25 13.64
C LYS C 263 50.86 -18.66 13.22
N ASP C 264 50.30 -17.79 14.06
CA ASP C 264 49.03 -17.17 13.74
C ASP C 264 49.13 -16.47 12.37
N TRP C 265 50.26 -15.81 12.13
CA TRP C 265 50.47 -15.13 10.87
C TRP C 265 50.58 -16.13 9.74
N GLU C 266 51.26 -17.24 10.00
CA GLU C 266 51.45 -18.29 9.00
C GLU C 266 50.12 -18.93 8.60
N ILE C 267 49.32 -19.31 9.60
CA ILE C 267 48.02 -19.92 9.33
C ILE C 267 47.08 -18.92 8.66
N SER C 268 47.14 -17.67 9.11
CA SER C 268 46.29 -16.64 8.54
C SER C 268 46.54 -16.50 7.04
N VAL C 269 47.80 -16.54 6.64
CA VAL C 269 48.13 -16.43 5.22
C VAL C 269 47.63 -17.67 4.47
N LYS C 270 47.83 -18.85 5.05
CA LYS C 270 47.38 -20.09 4.40
C LYS C 270 45.87 -20.12 4.20
N MET C 271 45.14 -19.66 5.20
CA MET C 271 43.69 -19.61 5.11
C MET C 271 43.26 -18.76 3.92
N ALA C 272 43.97 -17.66 3.69
CA ALA C 272 43.66 -16.78 2.57
C ALA C 272 43.85 -17.47 1.23
N LEU C 273 44.96 -18.19 1.09
CA LEU C 273 45.23 -18.89 -0.16
C LEU C 273 44.17 -19.97 -0.38
N ILE C 274 43.92 -20.78 0.65
CA ILE C 274 42.94 -21.85 0.58
C ILE C 274 41.54 -21.33 0.24
N ALA C 275 41.10 -20.25 0.89
CA ALA C 275 39.78 -19.68 0.63
C ALA C 275 39.66 -19.30 -0.84
N ARG C 276 40.64 -18.56 -1.33
CA ARG C 276 40.64 -18.13 -2.73
C ARG C 276 40.70 -19.35 -3.66
N ASP C 277 41.53 -20.33 -3.32
CA ASP C 277 41.64 -21.53 -4.16
C ASP C 277 40.31 -22.24 -4.26
N LEU C 278 39.55 -22.21 -3.18
CA LEU C 278 38.24 -22.84 -3.14
C LEU C 278 37.27 -22.07 -4.05
N MET C 279 37.35 -20.74 -4.01
CA MET C 279 36.47 -19.89 -4.80
C MET C 279 36.67 -19.95 -6.30
N VAL C 280 37.90 -19.81 -6.78
CA VAL C 280 38.15 -19.80 -8.21
C VAL C 280 39.14 -20.85 -8.72
N GLY C 281 39.51 -21.79 -7.87
CA GLY C 281 40.45 -22.81 -8.31
C GLY C 281 41.88 -22.31 -8.44
N ASN C 282 42.79 -23.24 -8.69
CA ASN C 282 44.21 -22.92 -8.84
C ASN C 282 44.86 -24.05 -9.61
N LYS C 283 45.29 -23.78 -10.83
CA LYS C 283 45.94 -24.77 -11.68
C LYS C 283 47.19 -25.33 -11.04
N LYS C 284 47.78 -24.55 -10.12
CA LYS C 284 48.98 -24.95 -9.42
C LYS C 284 48.72 -26.24 -8.64
N LEU C 285 47.53 -26.33 -8.05
CA LEU C 285 47.16 -27.51 -7.29
C LEU C 285 47.18 -28.74 -8.17
N GLU C 286 46.76 -28.59 -9.43
CA GLU C 286 46.75 -29.70 -10.35
C GLU C 286 48.14 -30.26 -10.61
N GLU C 287 49.11 -29.37 -10.81
CA GLU C 287 50.48 -29.80 -11.04
C GLU C 287 51.02 -30.56 -9.82
N MET C 288 50.49 -30.22 -8.64
CA MET C 288 50.92 -30.84 -7.39
C MET C 288 50.28 -32.21 -7.14
N GLY C 289 49.23 -32.52 -7.90
CA GLY C 289 48.57 -33.80 -7.71
C GLY C 289 47.20 -33.73 -7.08
N TYR C 290 46.61 -32.54 -7.05
CA TYR C 290 45.27 -32.36 -6.48
C TYR C 290 44.35 -31.78 -7.55
N GLY C 291 44.02 -32.63 -8.53
CA GLY C 291 43.19 -32.23 -9.65
C GLY C 291 41.77 -31.79 -9.31
N GLU C 292 41.12 -32.47 -8.37
CA GLU C 292 39.77 -32.10 -8.01
C GLU C 292 39.79 -30.72 -7.36
N GLU C 293 40.68 -30.55 -6.38
CA GLU C 293 40.80 -29.29 -5.65
C GLU C 293 41.16 -28.12 -6.53
N ALA C 294 41.90 -28.39 -7.60
CA ALA C 294 42.34 -27.35 -8.53
C ALA C 294 41.22 -26.72 -9.35
N LEU C 295 40.10 -27.41 -9.46
CA LEU C 295 38.98 -26.89 -10.27
C LEU C 295 38.32 -25.67 -9.66
N GLY C 296 38.09 -25.70 -8.35
CA GLY C 296 37.44 -24.58 -7.70
C GLY C 296 35.94 -24.82 -7.67
N ARG C 297 35.20 -23.93 -7.02
CA ARG C 297 33.76 -24.04 -6.91
C ARG C 297 33.03 -22.97 -7.72
N ASN C 298 33.77 -22.32 -8.63
CA ASN C 298 33.24 -21.27 -9.50
C ASN C 298 32.39 -20.27 -8.72
N ALA C 299 32.92 -19.79 -7.59
CA ALA C 299 32.21 -18.85 -6.73
C ALA C 299 32.61 -17.39 -6.85
N ILE C 300 31.62 -16.54 -7.14
CA ILE C 300 31.85 -15.11 -7.28
C ILE C 300 31.60 -14.46 -5.92
N VAL C 301 31.21 -15.28 -4.95
CA VAL C 301 30.98 -14.79 -3.60
C VAL C 301 31.03 -15.96 -2.62
N ALA C 302 31.56 -15.72 -1.43
CA ALA C 302 31.67 -16.79 -0.43
C ALA C 302 31.54 -16.28 1.00
N GLY C 303 31.56 -17.22 1.93
CA GLY C 303 31.47 -16.88 3.35
C GLY C 303 32.29 -17.86 4.19
N PHE C 304 32.73 -17.43 5.36
CA PHE C 304 33.50 -18.28 6.27
C PHE C 304 32.86 -18.19 7.66
N GLN C 305 32.29 -19.30 8.14
CA GLN C 305 31.65 -19.31 9.46
C GLN C 305 32.57 -18.70 10.55
N GLY C 306 33.83 -19.15 10.72
CA GLY C 306 34.73 -18.58 11.76
C GLY C 306 34.29 -19.01 13.16
N GLN C 307 33.70 -18.09 13.89
CA GLN C 307 33.22 -18.41 15.24
C GLN C 307 32.04 -19.38 15.10
N ARG C 308 31.84 -20.27 16.05
CA ARG C 308 32.69 -20.40 17.23
C ARG C 308 33.70 -21.54 17.06
N GLN C 309 33.27 -22.64 16.43
CA GLN C 309 34.08 -23.84 16.16
C GLN C 309 35.53 -23.61 15.78
N TRP C 310 35.76 -22.94 14.66
CA TRP C 310 37.11 -22.69 14.18
C TRP C 310 37.93 -21.80 15.09
N THR C 311 37.43 -20.59 15.32
CA THR C 311 38.13 -19.63 16.15
C THR C 311 38.43 -20.09 17.57
N ASP C 312 37.67 -21.05 18.08
CA ASP C 312 37.90 -21.56 19.43
C ASP C 312 39.19 -22.38 19.51
N TYR C 313 39.87 -22.54 18.38
CA TYR C 313 41.10 -23.33 18.37
C TYR C 313 42.16 -22.90 17.35
N PHE C 314 41.72 -22.27 16.26
CA PHE C 314 42.65 -21.82 15.23
C PHE C 314 42.56 -20.31 15.13
N PRO C 315 43.56 -19.68 14.48
CA PRO C 315 43.54 -18.21 14.34
C PRO C 315 42.27 -17.82 13.58
N ASN C 316 41.66 -16.69 13.94
CA ASN C 316 40.44 -16.27 13.26
C ASN C 316 40.69 -15.93 11.79
N GLY C 317 39.61 -15.68 11.06
CA GLY C 317 39.73 -15.36 9.66
C GLY C 317 39.77 -13.88 9.35
N ASP C 318 40.11 -13.07 10.35
CA ASP C 318 40.19 -11.63 10.17
C ASP C 318 41.10 -11.24 9.01
N PHE C 319 42.33 -11.74 9.01
CA PHE C 319 43.23 -11.39 7.95
C PHE C 319 42.73 -11.88 6.60
N MET C 320 42.25 -13.12 6.58
CA MET C 320 41.75 -13.72 5.36
C MET C 320 40.60 -12.90 4.78
N GLU C 321 39.63 -12.58 5.62
CA GLU C 321 38.47 -11.79 5.21
C GLU C 321 38.85 -10.36 4.81
N THR C 322 39.95 -9.87 5.36
CA THR C 322 40.42 -8.51 5.09
C THR C 322 41.11 -8.40 3.72
N ILE C 323 42.03 -9.30 3.45
CA ILE C 323 42.80 -9.27 2.22
C ILE C 323 42.01 -9.68 0.96
N LEU C 324 41.16 -10.69 1.06
CA LEU C 324 40.37 -11.10 -0.10
C LEU C 324 39.46 -9.97 -0.57
N ASN C 325 38.77 -9.34 0.37
CA ASN C 325 37.86 -8.25 0.05
C ASN C 325 38.60 -7.02 -0.45
N SER C 326 39.90 -6.99 -0.15
CA SER C 326 40.76 -5.87 -0.56
C SER C 326 41.03 -5.86 -2.05
N SER C 327 41.47 -4.70 -2.56
CA SER C 327 41.75 -4.56 -3.98
C SER C 327 43.21 -4.81 -4.35
N PHE C 328 43.95 -5.48 -3.47
CA PHE C 328 45.36 -5.78 -3.70
C PHE C 328 45.90 -6.70 -2.63
N ASP C 329 47.05 -7.30 -2.91
CA ASP C 329 47.74 -8.19 -1.98
C ASP C 329 49.17 -8.41 -2.46
N TRP C 330 49.80 -9.49 -1.98
CA TRP C 330 51.17 -9.78 -2.37
C TRP C 330 51.37 -9.98 -3.87
N ASN C 331 50.28 -10.09 -4.62
CA ASN C 331 50.36 -10.27 -6.07
C ASN C 331 50.03 -9.00 -6.84
N GLY C 332 49.89 -7.89 -6.12
CA GLY C 332 49.58 -6.62 -6.75
C GLY C 332 48.11 -6.29 -6.75
N LYS C 333 47.72 -5.25 -7.47
CA LYS C 333 46.31 -4.90 -7.52
C LYS C 333 45.50 -6.00 -8.21
N ARG C 334 44.23 -6.13 -7.85
CA ARG C 334 43.37 -7.16 -8.42
C ARG C 334 41.93 -6.97 -8.01
N ALA C 335 41.01 -7.62 -8.71
CA ALA C 335 39.60 -7.51 -8.37
C ALA C 335 39.38 -8.15 -7.00
N PRO C 336 38.52 -7.54 -6.19
CA PRO C 336 38.27 -8.08 -4.85
C PRO C 336 37.60 -9.46 -4.95
N TYR C 337 37.61 -10.19 -3.84
CA TYR C 337 36.95 -11.50 -3.79
C TYR C 337 35.88 -11.32 -2.71
N ILE C 338 34.64 -11.06 -3.13
CA ILE C 338 33.55 -10.86 -2.17
C ILE C 338 33.50 -12.05 -1.22
N PHE C 339 33.93 -11.82 0.02
CA PHE C 339 34.00 -12.86 1.02
C PHE C 339 33.29 -12.39 2.30
N ALA C 340 32.25 -13.13 2.71
CA ALA C 340 31.48 -12.75 3.88
C ALA C 340 31.99 -13.28 5.22
N THR C 341 31.97 -12.40 6.21
CA THR C 341 32.39 -12.73 7.56
C THR C 341 31.27 -13.55 8.17
N GLU C 342 31.61 -14.41 9.12
CA GLU C 342 30.62 -15.24 9.81
C GLU C 342 29.66 -15.99 8.89
N ASN C 343 30.07 -16.16 7.63
CA ASN C 343 29.27 -16.89 6.66
C ASN C 343 27.89 -16.26 6.45
N ASP C 344 27.80 -14.96 6.70
CA ASP C 344 26.55 -14.24 6.53
C ASP C 344 26.34 -14.05 5.02
N ASN C 345 25.78 -15.07 4.37
CA ASN C 345 25.57 -15.02 2.92
C ASN C 345 24.68 -13.88 2.46
N LEU C 346 23.74 -13.45 3.29
CA LEU C 346 22.87 -12.35 2.90
C LEU C 346 23.69 -11.06 2.83
N ASN C 347 24.68 -10.92 3.71
CA ASN C 347 25.51 -9.72 3.69
C ASN C 347 26.51 -9.86 2.54
N GLY C 348 26.81 -11.11 2.18
CA GLY C 348 27.73 -11.35 1.09
C GLY C 348 27.09 -10.87 -0.19
N ILE C 349 25.80 -11.16 -0.35
CA ILE C 349 25.07 -10.74 -1.54
C ILE C 349 24.84 -9.24 -1.49
N SER C 350 24.70 -8.67 -0.29
CA SER C 350 24.52 -7.22 -0.18
C SER C 350 25.81 -6.59 -0.73
N MET C 351 26.94 -7.16 -0.33
CA MET C 351 28.24 -6.69 -0.76
C MET C 351 28.38 -6.87 -2.27
N LEU C 352 27.96 -8.03 -2.77
CA LEU C 352 28.04 -8.34 -4.19
C LEU C 352 27.27 -7.36 -5.08
N PHE C 353 26.05 -7.02 -4.67
CA PHE C 353 25.23 -6.08 -5.44
C PHE C 353 26.04 -4.80 -5.64
N GLY C 354 26.57 -4.28 -4.53
CA GLY C 354 27.35 -3.06 -4.57
C GLY C 354 28.61 -3.21 -5.38
N TYR C 355 29.23 -4.38 -5.31
CA TYR C 355 30.45 -4.61 -6.04
C TYR C 355 30.21 -4.65 -7.55
N LEU C 356 29.29 -5.49 -8.00
CA LEU C 356 29.01 -5.58 -9.41
C LEU C 356 28.54 -4.26 -10.02
N LEU C 357 28.00 -3.37 -9.19
CA LEU C 357 27.52 -2.09 -9.68
C LEU C 357 28.59 -1.00 -9.75
N THR C 358 29.75 -1.25 -9.13
CA THR C 358 30.82 -0.25 -9.09
C THR C 358 32.24 -0.77 -9.32
N ASN C 359 32.43 -2.08 -9.23
CA ASN C 359 33.74 -2.69 -9.40
C ASN C 359 34.68 -2.29 -8.26
N THR C 360 34.11 -1.84 -7.14
CA THR C 360 34.92 -1.44 -5.99
C THR C 360 34.74 -2.36 -4.79
N ALA C 361 35.76 -2.43 -3.95
CA ALA C 361 35.72 -3.26 -2.76
C ALA C 361 34.58 -2.75 -1.87
N GLN C 362 33.93 -3.67 -1.19
CA GLN C 362 32.81 -3.33 -0.32
C GLN C 362 33.19 -3.64 1.11
N ILE C 363 32.77 -2.78 2.04
CA ILE C 363 33.11 -2.98 3.44
C ILE C 363 32.04 -3.73 4.24
N PHE C 364 32.46 -4.78 4.93
CA PHE C 364 31.59 -5.60 5.78
C PHE C 364 31.63 -4.89 7.14
N ALA C 365 30.49 -4.74 7.81
CA ALA C 365 30.48 -4.05 9.10
C ALA C 365 29.32 -4.39 10.02
N ASP C 366 29.46 -4.00 11.28
CA ASP C 366 28.45 -4.21 12.32
C ASP C 366 27.84 -2.84 12.58
N VAL C 367 26.53 -2.75 12.71
CA VAL C 367 25.92 -1.46 13.04
C VAL C 367 26.02 -1.52 14.56
N ARG C 368 27.22 -1.18 15.05
CA ARG C 368 27.56 -1.24 16.45
C ARG C 368 26.90 -0.27 17.43
N THR C 369 27.01 1.02 17.17
CA THR C 369 26.47 2.00 18.09
C THR C 369 25.89 3.27 17.45
N TYR C 370 24.82 3.78 18.06
CA TYR C 370 24.21 5.02 17.61
C TYR C 370 24.60 6.04 18.66
N TRP C 371 25.41 7.02 18.27
CA TRP C 371 25.83 8.04 19.21
C TRP C 371 25.03 9.33 18.98
N SER C 372 24.12 9.62 19.89
CA SER C 372 23.32 10.83 19.78
C SER C 372 24.18 12.01 20.20
N PRO C 373 23.77 13.23 19.84
CA PRO C 373 24.56 14.40 20.22
C PRO C 373 24.77 14.47 21.74
N GLU C 374 23.70 14.17 22.49
CA GLU C 374 23.74 14.21 23.94
C GLU C 374 24.73 13.21 24.52
N ALA C 375 24.75 12.01 23.97
CA ALA C 375 25.66 10.96 24.45
C ALA C 375 27.12 11.32 24.23
N VAL C 376 27.45 11.85 23.06
CA VAL C 376 28.82 12.23 22.79
C VAL C 376 29.22 13.36 23.71
N LYS C 377 28.33 14.35 23.84
CA LYS C 377 28.59 15.51 24.69
C LYS C 377 28.81 15.08 26.14
N ARG C 378 28.05 14.09 26.59
CA ARG C 378 28.18 13.61 27.96
C ARG C 378 29.50 12.87 28.22
N VAL C 379 29.90 12.03 27.27
CA VAL C 379 31.12 11.25 27.41
C VAL C 379 32.40 11.97 27.01
N THR C 380 32.29 12.95 26.10
CA THR C 380 33.49 13.66 25.65
C THR C 380 33.47 15.17 25.86
N GLY C 381 32.32 15.71 26.27
CA GLY C 381 32.24 17.15 26.46
C GLY C 381 32.32 17.89 25.14
N TYR C 382 32.32 17.13 24.04
CA TYR C 382 32.39 17.72 22.70
C TYR C 382 31.02 17.78 22.02
N THR C 383 30.76 18.87 21.32
CA THR C 383 29.50 19.05 20.61
C THR C 383 29.68 18.66 19.14
N LEU C 384 28.84 17.75 18.66
CA LEU C 384 28.93 17.31 17.26
C LEU C 384 28.63 18.48 16.33
N GLU C 385 29.45 18.62 15.28
CA GLU C 385 29.29 19.69 14.30
C GLU C 385 29.09 19.14 12.89
N GLY C 386 28.84 20.04 11.95
CA GLY C 386 28.65 19.65 10.56
C GLY C 386 27.66 18.53 10.36
N ARG C 387 27.92 17.67 9.37
CA ARG C 387 27.05 16.55 9.08
C ARG C 387 26.82 15.67 10.30
N ALA C 388 27.76 15.72 11.24
CA ALA C 388 27.68 14.91 12.45
C ALA C 388 26.79 15.53 13.53
N ALA C 389 26.41 16.80 13.32
CA ALA C 389 25.59 17.54 14.28
C ALA C 389 24.35 16.82 14.82
N ASN C 390 23.68 16.03 13.99
CA ASN C 390 22.49 15.33 14.43
C ASN C 390 22.71 13.90 14.92
N GLY C 391 23.98 13.57 15.19
CA GLY C 391 24.30 12.23 15.66
C GLY C 391 25.04 11.46 14.59
N ILE C 392 25.71 10.38 15.00
CA ILE C 392 26.48 9.54 14.08
C ILE C 392 26.28 8.08 14.43
N ILE C 393 26.55 7.19 13.48
CA ILE C 393 26.41 5.75 13.70
C ILE C 393 27.79 5.08 13.56
N HIS C 394 28.11 4.20 14.51
CA HIS C 394 29.38 3.49 14.52
C HIS C 394 29.33 2.18 13.74
N LEU C 395 29.96 2.18 12.56
CA LEU C 395 30.02 1.00 11.71
C LEU C 395 31.37 0.35 11.97
N ILE C 396 31.36 -0.89 12.45
CA ILE C 396 32.61 -1.57 12.77
C ILE C 396 32.47 -3.09 12.86
N ASN C 397 33.00 -3.80 11.87
CA ASN C 397 32.95 -5.25 11.86
C ASN C 397 33.86 -5.79 12.96
N SER C 398 33.57 -7.01 13.42
CA SER C 398 34.35 -7.63 14.48
C SER C 398 35.77 -8.06 14.12
N GLY C 399 36.49 -7.20 13.42
CA GLY C 399 37.86 -7.53 13.08
C GLY C 399 38.33 -7.47 11.64
N ALA C 400 37.41 -7.61 10.69
CA ALA C 400 37.81 -7.57 9.28
C ALA C 400 37.12 -6.51 8.45
N ALA C 401 37.83 -6.03 7.45
CA ALA C 401 37.34 -5.02 6.53
C ALA C 401 38.39 -4.79 5.45
N ALA C 402 37.92 -4.62 4.21
CA ALA C 402 38.83 -4.38 3.10
C ALA C 402 39.73 -3.20 3.44
N LEU C 403 41.00 -3.26 3.07
CA LEU C 403 41.91 -2.18 3.38
C LEU C 403 41.51 -0.91 2.63
N ASP C 404 40.69 -1.05 1.60
CA ASP C 404 40.23 0.09 0.84
C ASP C 404 39.39 0.94 1.78
N GLY C 405 38.88 0.30 2.82
CA GLY C 405 38.03 0.99 3.79
C GLY C 405 38.70 2.12 4.53
N THR C 406 40.01 2.23 4.40
CA THR C 406 40.75 3.29 5.07
C THR C 406 40.38 4.65 4.48
N GLY C 407 39.97 4.64 3.21
CA GLY C 407 39.61 5.88 2.55
C GLY C 407 40.87 6.63 2.16
N GLU C 408 42.01 5.94 2.19
CA GLU C 408 43.28 6.56 1.84
C GLU C 408 43.44 6.80 0.34
N GLN C 409 42.77 5.98 -0.48
CA GLN C 409 42.84 6.15 -1.93
C GLN C 409 42.30 7.53 -2.27
N THR C 410 42.90 8.21 -3.23
CA THR C 410 42.47 9.56 -3.57
C THR C 410 42.23 9.84 -5.05
N LYS C 411 41.25 10.71 -5.30
CA LYS C 411 40.89 11.14 -6.64
C LYS C 411 40.53 12.61 -6.58
N ASP C 412 41.25 13.43 -7.34
CA ASP C 412 41.01 14.87 -7.37
C ASP C 412 41.04 15.41 -5.94
N GLY C 413 42.02 14.95 -5.17
CA GLY C 413 42.19 15.39 -3.81
C GLY C 413 41.11 15.00 -2.83
N LYS C 414 40.29 14.03 -3.19
CA LYS C 414 39.20 13.58 -2.32
C LYS C 414 39.33 12.08 -2.01
N PRO C 415 38.95 11.69 -0.79
CA PRO C 415 39.02 10.29 -0.37
C PRO C 415 37.95 9.47 -1.11
N VAL C 416 38.34 8.31 -1.62
CA VAL C 416 37.42 7.46 -2.35
C VAL C 416 37.86 6.01 -2.27
N ILE C 417 37.15 5.17 -3.00
CA ILE C 417 37.49 3.75 -3.12
C ILE C 417 37.26 3.53 -4.60
N LYS C 418 38.34 3.35 -5.34
CA LYS C 418 38.25 3.16 -6.78
C LYS C 418 38.45 1.72 -7.19
N PRO C 419 38.06 1.37 -8.43
CA PRO C 419 38.24 0.00 -8.89
C PRO C 419 39.74 -0.27 -8.86
N TYR C 420 40.13 -1.51 -8.56
CA TYR C 420 41.54 -1.87 -8.48
C TYR C 420 42.35 -1.45 -9.71
N TYR C 421 41.73 -1.41 -10.88
CA TYR C 421 42.45 -1.04 -12.09
C TYR C 421 42.72 0.45 -12.23
N GLU C 422 42.43 1.22 -11.19
CA GLU C 422 42.68 2.66 -11.19
C GLU C 422 43.60 3.04 -10.04
N LEU C 423 44.00 2.05 -9.25
CA LEU C 423 44.88 2.29 -8.11
C LEU C 423 46.28 2.71 -8.53
N THR C 424 46.89 3.58 -7.71
CA THR C 424 48.25 4.02 -7.97
C THR C 424 49.08 3.41 -6.85
N ASP C 425 50.38 3.21 -7.08
CA ASP C 425 51.22 2.62 -6.05
C ASP C 425 51.08 3.40 -4.75
N GLU C 426 50.76 4.68 -4.88
CA GLU C 426 50.58 5.57 -3.73
C GLU C 426 49.31 5.18 -2.96
N ASP C 427 48.21 4.96 -3.68
CA ASP C 427 46.95 4.57 -3.05
C ASP C 427 47.14 3.33 -2.21
N ILE C 428 47.67 2.28 -2.82
CA ILE C 428 47.92 1.03 -2.13
C ILE C 428 48.80 1.26 -0.90
N LYS C 429 49.94 1.92 -1.13
CA LYS C 429 50.89 2.21 -0.08
C LYS C 429 50.25 2.90 1.13
N LYS C 430 49.52 3.98 0.87
CA LYS C 430 48.88 4.72 1.97
C LYS C 430 47.82 3.89 2.68
N CYS C 431 47.13 3.04 1.94
CA CYS C 431 46.10 2.20 2.54
C CYS C 431 46.75 1.28 3.57
N LEU C 432 47.93 0.77 3.24
CA LEU C 432 48.66 -0.10 4.15
C LEU C 432 49.20 0.67 5.36
N GLU C 433 49.68 1.89 5.14
CA GLU C 433 50.21 2.70 6.23
C GLU C 433 49.11 3.07 7.23
N ALA C 434 47.91 3.32 6.72
CA ALA C 434 46.78 3.71 7.56
C ALA C 434 46.22 2.59 8.43
N THR C 435 46.76 1.39 8.27
CA THR C 435 46.26 0.25 9.03
C THR C 435 47.28 -0.42 9.95
N GLN C 436 46.77 -1.00 11.03
CA GLN C 436 47.59 -1.73 12.00
C GLN C 436 46.89 -3.07 12.27
N PHE C 437 47.67 -4.15 12.28
CA PHE C 437 47.11 -5.46 12.52
C PHE C 437 47.30 -5.81 13.99
N ARG C 438 46.20 -5.78 14.73
CA ARG C 438 46.24 -6.03 16.15
C ARG C 438 45.97 -7.48 16.52
N PRO C 439 46.70 -8.02 17.52
CA PRO C 439 46.53 -9.40 17.95
C PRO C 439 45.09 -9.64 18.40
N ALA C 440 44.45 -10.66 17.84
CA ALA C 440 43.06 -10.98 18.18
C ALA C 440 42.83 -11.02 19.69
N SER C 441 41.63 -10.63 20.10
CA SER C 441 41.26 -10.64 21.51
C SER C 441 40.95 -12.08 21.87
N THR C 442 41.91 -12.74 22.54
CA THR C 442 41.75 -14.14 22.88
C THR C 442 40.50 -14.54 23.66
N GLU C 443 39.86 -13.61 24.36
CA GLU C 443 38.66 -13.98 25.10
C GLU C 443 37.53 -14.28 24.11
N TYR C 444 37.62 -13.71 22.91
CA TYR C 444 36.64 -13.94 21.85
C TYR C 444 37.19 -14.95 20.86
N PHE C 445 38.44 -14.72 20.45
CA PHE C 445 39.12 -15.55 19.47
C PHE C 445 40.31 -16.29 20.08
N ARG C 446 39.99 -17.35 20.82
CA ARG C 446 40.98 -18.16 21.52
C ARG C 446 42.13 -18.68 20.66
N GLY C 447 41.86 -18.92 19.39
CA GLY C 447 42.89 -19.44 18.50
C GLY C 447 43.89 -18.42 18.02
N GLY C 448 43.66 -17.14 18.31
CA GLY C 448 44.57 -16.10 17.88
C GLY C 448 44.14 -15.42 16.59
N GLY C 449 45.09 -14.78 15.92
CA GLY C 449 44.79 -14.10 14.69
C GLY C 449 45.16 -12.62 14.77
N TYR C 450 44.73 -11.85 13.77
CA TYR C 450 45.01 -10.43 13.73
C TYR C 450 43.85 -9.67 13.16
N SER C 451 43.40 -8.64 13.88
CA SER C 451 42.27 -7.85 13.43
C SER C 451 42.77 -6.64 12.67
N THR C 452 41.91 -6.08 11.82
CA THR C 452 42.27 -4.91 11.06
C THR C 452 41.88 -3.65 11.82
N ASP C 453 42.86 -2.79 12.09
CA ASP C 453 42.59 -1.55 12.82
C ASP C 453 42.90 -0.32 11.96
N PHE C 454 41.84 0.41 11.61
CA PHE C 454 41.99 1.63 10.83
C PHE C 454 40.80 2.55 11.05
N LEU C 455 40.93 3.79 10.59
CA LEU C 455 39.86 4.78 10.73
C LEU C 455 39.56 5.36 9.35
N THR C 456 38.34 5.15 8.88
CA THR C 456 37.92 5.66 7.57
C THR C 456 37.97 7.17 7.55
N LYS C 457 38.58 7.73 6.51
CA LYS C 457 38.65 9.18 6.40
C LYS C 457 37.25 9.77 6.17
N GLY C 458 36.94 10.85 6.87
CA GLY C 458 35.63 11.45 6.73
C GLY C 458 35.43 12.31 5.51
N GLY C 459 34.16 12.61 5.21
CA GLY C 459 33.80 13.44 4.08
C GLY C 459 33.52 12.66 2.82
N MET C 460 33.66 11.34 2.90
CA MET C 460 33.46 10.46 1.76
C MET C 460 32.02 9.99 1.59
N PRO C 461 31.41 10.23 0.42
CA PRO C 461 30.02 9.78 0.21
C PRO C 461 29.97 8.25 0.16
N VAL C 462 28.98 7.66 0.82
CA VAL C 462 28.87 6.20 0.85
C VAL C 462 27.42 5.73 0.88
N THR C 463 27.23 4.44 0.62
CA THR C 463 25.91 3.84 0.64
C THR C 463 25.97 2.53 1.43
N ILE C 464 25.17 2.42 2.49
CA ILE C 464 25.14 1.18 3.24
C ILE C 464 23.85 0.49 2.82
N SER C 465 23.88 -0.84 2.71
CA SER C 465 22.70 -1.58 2.31
C SER C 465 22.69 -2.94 2.97
N ARG C 466 21.51 -3.56 2.98
CA ARG C 466 21.36 -4.86 3.59
C ARG C 466 20.14 -5.59 3.03
N LEU C 467 20.37 -6.83 2.65
CA LEU C 467 19.33 -7.69 2.13
C LEU C 467 18.99 -8.66 3.23
N ASN C 468 17.70 -8.77 3.56
CA ASN C 468 17.24 -9.69 4.59
C ASN C 468 16.18 -10.55 3.96
N ILE C 469 15.90 -11.70 4.58
CA ILE C 469 14.85 -12.59 4.10
C ILE C 469 13.81 -12.68 5.20
N VAL C 470 12.61 -12.20 4.90
CA VAL C 470 11.51 -12.18 5.87
C VAL C 470 10.41 -13.17 5.54
N LYS C 471 10.06 -14.01 6.50
CA LYS C 471 9.00 -15.02 6.30
C LYS C 471 7.69 -14.37 5.89
N GLY C 472 7.10 -14.86 4.81
CA GLY C 472 5.86 -14.30 4.32
C GLY C 472 6.10 -13.20 3.32
N LEU C 473 7.37 -12.87 3.09
CA LEU C 473 7.73 -11.83 2.15
C LEU C 473 8.78 -12.31 1.17
N GLY C 474 9.86 -12.86 1.72
CA GLY C 474 10.95 -13.33 0.89
C GLY C 474 12.06 -12.29 0.96
N PRO C 475 12.90 -12.19 -0.08
CA PRO C 475 13.99 -11.19 -0.03
C PRO C 475 13.46 -9.76 -0.05
N VAL C 476 14.13 -8.89 0.70
CA VAL C 476 13.77 -7.46 0.78
C VAL C 476 15.04 -6.66 1.04
N LEU C 477 15.13 -5.47 0.44
CA LEU C 477 16.34 -4.67 0.57
C LEU C 477 16.17 -3.29 1.16
N GLN C 478 17.11 -2.89 2.03
CA GLN C 478 17.10 -1.56 2.65
C GLN C 478 18.38 -0.82 2.27
N ILE C 479 18.25 0.48 2.02
CA ILE C 479 19.35 1.32 1.60
C ILE C 479 19.45 2.65 2.35
N ALA C 480 20.68 3.06 2.65
CA ALA C 480 20.92 4.33 3.33
C ALA C 480 22.14 5.02 2.71
N GLU C 481 21.89 6.14 2.02
CA GLU C 481 22.97 6.90 1.42
C GLU C 481 23.42 7.93 2.46
N GLY C 482 24.71 8.19 2.51
CA GLY C 482 25.21 9.15 3.48
C GLY C 482 26.67 9.46 3.25
N TYR C 483 27.36 9.84 4.33
CA TYR C 483 28.78 10.16 4.26
C TYR C 483 29.52 9.68 5.49
N THR C 484 30.83 9.54 5.35
CA THR C 484 31.67 9.16 6.47
C THR C 484 32.05 10.52 7.06
N VAL C 485 32.37 10.57 8.34
CA VAL C 485 32.74 11.84 8.96
C VAL C 485 34.01 11.69 9.80
N ASP C 486 34.68 12.81 10.01
CA ASP C 486 35.89 12.83 10.82
C ASP C 486 35.50 13.40 12.18
N LEU C 487 36.11 12.87 13.23
CA LEU C 487 35.86 13.36 14.58
C LEU C 487 37.20 13.88 15.10
N PRO C 488 37.17 14.83 16.05
CA PRO C 488 38.45 15.32 16.55
C PRO C 488 39.18 14.09 17.09
N GLU C 489 40.47 13.95 16.80
CA GLU C 489 41.20 12.78 17.28
C GLU C 489 40.91 12.46 18.73
N GLU C 490 40.93 13.48 19.57
CA GLU C 490 40.65 13.36 20.99
C GLU C 490 39.29 12.72 21.22
N VAL C 491 38.30 13.14 20.43
CA VAL C 491 36.94 12.61 20.54
C VAL C 491 36.83 11.17 20.03
N HIS C 492 37.51 10.87 18.93
CA HIS C 492 37.47 9.52 18.38
C HIS C 492 38.04 8.52 19.39
N ASP C 493 39.16 8.87 20.01
CA ASP C 493 39.80 7.98 20.99
C ASP C 493 38.89 7.56 22.14
N VAL C 494 38.19 8.54 22.71
CA VAL C 494 37.31 8.26 23.84
C VAL C 494 36.15 7.32 23.47
N LEU C 495 35.58 7.52 22.27
CA LEU C 495 34.49 6.67 21.83
C LEU C 495 35.01 5.32 21.37
N ASP C 496 36.19 5.34 20.76
CA ASP C 496 36.80 4.13 20.24
C ASP C 496 37.35 3.21 21.33
N LYS C 497 38.07 3.78 22.29
CA LYS C 497 38.65 2.97 23.37
C LYS C 497 37.62 2.22 24.20
N ARG C 498 36.40 2.77 24.32
CA ARG C 498 35.37 2.12 25.11
C ARG C 498 34.42 1.19 24.31
N THR C 499 34.79 0.94 23.06
CA THR C 499 34.00 0.07 22.19
C THR C 499 34.86 -1.15 21.85
N ASP C 500 35.69 -1.02 20.83
CA ASP C 500 36.59 -2.10 20.40
C ASP C 500 37.68 -1.50 19.50
N PRO C 501 38.69 -0.86 20.12
CA PRO C 501 39.81 -0.22 19.41
C PRO C 501 40.72 -1.06 18.52
N THR C 502 40.56 -2.38 18.52
CA THR C 502 41.40 -3.23 17.67
C THR C 502 40.65 -3.62 16.41
N TRP C 503 39.44 -3.08 16.26
CA TRP C 503 38.62 -3.36 15.08
C TRP C 503 38.59 -2.12 14.20
N PRO C 504 38.16 -2.27 12.93
CA PRO C 504 38.11 -1.11 12.03
C PRO C 504 36.88 -0.24 12.22
N THR C 505 37.09 1.06 12.28
CA THR C 505 36.01 2.02 12.48
C THR C 505 35.66 2.90 11.28
N THR C 506 34.38 3.22 11.17
CA THR C 506 33.87 4.11 10.15
C THR C 506 32.73 4.91 10.79
N TRP C 507 32.85 6.23 10.77
CA TRP C 507 31.81 7.06 11.35
C TRP C 507 30.85 7.41 10.23
N PHE C 508 29.62 6.94 10.38
CA PHE C 508 28.59 7.12 9.36
C PHE C 508 27.46 8.09 9.72
N VAL C 509 26.99 8.81 8.71
CA VAL C 509 25.88 9.74 8.85
C VAL C 509 24.98 9.56 7.64
N PRO C 510 23.73 9.16 7.85
CA PRO C 510 22.82 8.97 6.72
C PRO C 510 22.12 10.28 6.35
N ASN C 511 21.82 10.48 5.07
CA ASN C 511 21.10 11.69 4.67
C ASN C 511 19.71 11.53 5.28
N LEU C 512 19.14 12.62 5.79
CA LEU C 512 17.81 12.54 6.37
C LEU C 512 16.80 13.06 5.37
N THR C 513 15.53 12.74 5.57
CA THR C 513 14.48 13.17 4.66
C THR C 513 13.29 13.75 5.41
N GLY C 514 13.32 13.62 6.73
CA GLY C 514 12.23 14.13 7.55
C GLY C 514 11.02 13.23 7.49
N GLU C 515 11.10 12.14 6.72
CA GLU C 515 9.98 11.20 6.61
C GLU C 515 10.47 9.77 6.85
N GLY C 516 9.54 8.82 6.84
CA GLY C 516 9.86 7.43 7.04
C GLY C 516 10.85 7.07 8.15
N ALA C 517 11.81 6.22 7.81
CA ALA C 517 12.85 5.76 8.73
C ALA C 517 14.06 6.69 8.69
N PHE C 518 13.88 7.86 8.10
CA PHE C 518 14.96 8.83 7.98
C PHE C 518 14.63 10.21 8.56
N LYS C 519 13.77 10.24 9.57
CA LYS C 519 13.42 11.51 10.21
C LYS C 519 14.58 11.98 11.08
N ASP C 520 15.39 11.03 11.54
CA ASP C 520 16.55 11.32 12.38
C ASP C 520 17.53 10.15 12.34
N VAL C 521 18.79 10.40 12.68
CA VAL C 521 19.82 9.36 12.67
C VAL C 521 19.44 8.14 13.51
N TYR C 522 18.80 8.35 14.65
CA TYR C 522 18.41 7.22 15.50
C TYR C 522 17.53 6.23 14.74
N SER C 523 16.54 6.73 14.02
CA SER C 523 15.61 5.90 13.27
C SER C 523 16.26 5.08 12.16
N VAL C 524 17.29 5.64 11.54
CA VAL C 524 17.96 4.91 10.48
C VAL C 524 18.50 3.60 11.06
N MET C 525 19.03 3.65 12.27
CA MET C 525 19.56 2.45 12.88
C MET C 525 18.47 1.60 13.51
N ASN C 526 17.52 2.25 14.18
CA ASN C 526 16.47 1.49 14.84
C ASN C 526 15.68 0.70 13.81
N ASN C 527 15.78 1.10 12.55
CA ASN C 527 15.07 0.44 11.47
C ASN C 527 15.94 -0.52 10.65
N TRP C 528 17.23 -0.58 10.95
CA TRP C 528 18.08 -1.52 10.21
C TRP C 528 17.63 -2.92 10.63
N GLY C 529 17.39 -3.78 9.65
CA GLY C 529 16.90 -5.12 9.90
C GLY C 529 17.86 -6.25 10.25
N ALA C 530 19.11 -5.93 10.52
CA ALA C 530 20.09 -6.94 10.87
C ALA C 530 21.29 -6.27 11.48
N ASN C 531 22.15 -7.06 12.11
CA ASN C 531 23.36 -6.53 12.76
C ASN C 531 24.44 -6.09 11.77
N HIS C 532 24.36 -6.58 10.54
CA HIS C 532 25.34 -6.25 9.52
C HIS C 532 24.81 -5.37 8.41
N CYS C 533 25.74 -4.83 7.62
CA CYS C 533 25.42 -3.99 6.47
C CYS C 533 26.66 -4.00 5.60
N SER C 534 26.55 -3.47 4.40
CA SER C 534 27.69 -3.41 3.49
C SER C 534 27.89 -1.98 3.02
N ILE C 535 29.08 -1.45 3.24
CA ILE C 535 29.38 -0.09 2.82
C ILE C 535 30.06 -0.07 1.45
N SER C 536 29.53 0.79 0.57
CA SER C 536 30.05 0.96 -0.76
C SER C 536 30.36 2.44 -0.89
N TYR C 537 31.43 2.79 -1.61
CA TYR C 537 31.77 4.19 -1.81
C TYR C 537 30.81 4.80 -2.84
N GLY C 538 30.44 6.06 -2.63
CA GLY C 538 29.55 6.73 -3.55
C GLY C 538 28.09 6.57 -3.16
N HIS C 539 27.21 7.27 -3.87
CA HIS C 539 25.77 7.19 -3.63
C HIS C 539 25.17 6.36 -4.76
N ILE C 540 24.98 5.07 -4.49
CA ILE C 540 24.46 4.13 -5.47
C ILE C 540 23.04 3.65 -5.16
N GLY C 541 22.33 4.40 -4.32
CA GLY C 541 20.97 4.01 -3.98
C GLY C 541 20.13 3.84 -5.24
N ALA C 542 20.18 4.82 -6.13
CA ALA C 542 19.43 4.74 -7.38
C ALA C 542 19.80 3.48 -8.17
N ASP C 543 21.08 3.12 -8.18
CA ASP C 543 21.53 1.93 -8.89
C ASP C 543 21.06 0.64 -8.21
N LEU C 544 20.99 0.65 -6.88
CA LEU C 544 20.54 -0.53 -6.16
C LEU C 544 19.04 -0.70 -6.36
N ILE C 545 18.32 0.42 -6.44
CA ILE C 545 16.88 0.35 -6.63
C ILE C 545 16.54 -0.26 -8.00
N THR C 546 17.19 0.23 -9.05
CA THR C 546 16.94 -0.30 -10.38
C THR C 546 17.25 -1.79 -10.40
N LEU C 547 18.35 -2.17 -9.75
CA LEU C 547 18.76 -3.57 -9.69
C LEU C 547 17.74 -4.40 -8.93
N ALA C 548 17.28 -3.87 -7.80
CA ALA C 548 16.31 -4.56 -6.97
C ALA C 548 15.03 -4.85 -7.75
N SER C 549 14.56 -3.89 -8.54
CA SER C 549 13.33 -4.08 -9.31
C SER C 549 13.51 -5.13 -10.41
N ILE C 550 14.73 -5.26 -10.93
CA ILE C 550 14.96 -6.25 -11.96
C ILE C 550 14.87 -7.64 -11.35
N LEU C 551 15.31 -7.76 -10.09
CA LEU C 551 15.28 -9.02 -9.36
C LEU C 551 13.96 -9.23 -8.64
N ARG C 552 13.09 -8.23 -8.76
CA ARG C 552 11.77 -8.27 -8.12
C ARG C 552 11.91 -8.37 -6.62
N ILE C 553 12.88 -7.65 -6.08
CA ILE C 553 13.14 -7.62 -4.65
C ILE C 553 12.67 -6.25 -4.17
N PRO C 554 11.60 -6.21 -3.35
CA PRO C 554 11.10 -4.93 -2.85
C PRO C 554 12.09 -4.20 -1.95
N VAL C 555 12.01 -2.88 -1.95
CA VAL C 555 12.89 -2.06 -1.12
C VAL C 555 12.06 -1.45 -0.01
N ASN C 556 12.15 -2.03 1.19
CA ASN C 556 11.37 -1.58 2.33
C ASN C 556 11.83 -0.26 2.95
N MET C 557 13.07 0.14 2.67
CA MET C 557 13.60 1.35 3.27
C MET C 557 14.76 1.90 2.45
N HIS C 558 14.69 3.18 2.08
CA HIS C 558 15.75 3.82 1.31
C HIS C 558 15.55 5.32 1.37
N ASN C 559 16.61 6.08 1.12
CA ASN C 559 16.52 7.54 1.16
C ASN C 559 16.97 8.19 -0.14
N VAL C 560 16.65 7.54 -1.25
CA VAL C 560 16.99 8.06 -2.58
C VAL C 560 15.89 9.01 -3.02
N PRO C 561 16.26 10.17 -3.58
CA PRO C 561 15.24 11.12 -4.03
C PRO C 561 14.27 10.41 -4.97
N GLU C 562 12.98 10.69 -4.82
CA GLU C 562 11.96 10.06 -5.65
C GLU C 562 12.15 10.27 -7.16
N GLU C 563 12.75 11.38 -7.56
CA GLU C 563 12.96 11.64 -8.98
C GLU C 563 14.03 10.75 -9.58
N LYS C 564 14.79 10.07 -8.72
CA LYS C 564 15.84 9.18 -9.17
C LYS C 564 15.42 7.72 -9.30
N ILE C 565 14.25 7.38 -8.74
CA ILE C 565 13.75 6.00 -8.82
C ILE C 565 13.51 5.62 -10.28
N PHE C 566 14.12 4.52 -10.71
CA PHE C 566 13.98 4.04 -12.09
C PHE C 566 13.68 2.55 -12.08
N ARG C 567 12.43 2.23 -12.39
CA ARG C 567 11.97 0.85 -12.38
C ARG C 567 11.19 0.56 -13.66
N PRO C 568 10.87 -0.72 -13.92
CA PRO C 568 10.13 -1.11 -15.12
C PRO C 568 8.82 -0.33 -15.20
N ASP C 569 8.37 -0.06 -16.43
CA ASP C 569 7.14 0.69 -16.63
C ASP C 569 5.97 0.06 -15.88
N ALA C 570 5.96 -1.26 -15.76
CA ALA C 570 4.89 -1.97 -15.09
C ALA C 570 4.68 -1.51 -13.65
N TRP C 571 5.74 -1.08 -12.98
CA TRP C 571 5.61 -0.64 -11.59
C TRP C 571 4.60 0.49 -11.41
N SER C 572 4.56 1.43 -12.35
CA SER C 572 3.62 2.54 -12.23
C SER C 572 2.19 2.04 -12.33
N MET C 573 2.01 0.94 -13.04
CA MET C 573 0.67 0.35 -13.19
C MET C 573 0.09 -0.10 -11.85
N PHE C 574 0.94 -0.33 -10.86
CA PHE C 574 0.49 -0.75 -9.53
C PHE C 574 0.40 0.41 -8.55
N GLY C 575 0.54 1.63 -9.06
CA GLY C 575 0.45 2.81 -8.19
C GLY C 575 1.49 3.89 -8.49
N THR C 576 1.05 5.15 -8.49
CA THR C 576 1.94 6.27 -8.74
C THR C 576 2.06 7.20 -7.53
N LYS C 577 1.09 7.14 -6.61
CA LYS C 577 1.13 8.00 -5.43
C LYS C 577 1.99 7.42 -4.32
N ASP C 578 1.92 6.12 -4.13
CA ASP C 578 2.71 5.45 -3.09
C ASP C 578 3.62 4.42 -3.73
N LEU C 579 4.77 4.88 -4.21
CA LEU C 579 5.73 4.01 -4.89
C LEU C 579 6.19 2.83 -4.06
N GLU C 580 6.34 2.99 -2.75
CA GLU C 580 6.75 1.88 -1.90
C GLU C 580 5.70 0.77 -1.99
N GLY C 581 4.45 1.13 -1.72
CA GLY C 581 3.38 0.15 -1.79
C GLY C 581 3.34 -0.49 -3.16
N ALA C 582 3.49 0.31 -4.21
CA ALA C 582 3.46 -0.22 -5.57
C ALA C 582 4.60 -1.21 -5.77
N ASP C 583 5.77 -0.89 -5.23
CA ASP C 583 6.93 -1.76 -5.36
C ASP C 583 6.58 -3.13 -4.82
N TYR C 584 5.96 -3.19 -3.64
CA TYR C 584 5.57 -4.46 -3.06
C TYR C 584 4.56 -5.18 -3.95
N ARG C 585 3.56 -4.46 -4.44
CA ARG C 585 2.55 -5.06 -5.30
C ARG C 585 3.12 -5.63 -6.59
N ALA C 586 4.00 -4.88 -7.24
CA ALA C 586 4.61 -5.34 -8.48
C ALA C 586 5.49 -6.57 -8.26
N CYS C 587 6.39 -6.51 -7.29
CA CYS C 587 7.28 -7.64 -7.02
C CYS C 587 6.52 -8.93 -6.75
N LYS C 588 5.43 -8.81 -6.02
CA LYS C 588 4.60 -9.96 -5.68
C LYS C 588 3.90 -10.54 -6.90
N LYS C 589 3.11 -9.71 -7.58
CA LYS C 589 2.34 -10.13 -8.75
C LYS C 589 3.10 -10.45 -10.04
N LEU C 590 4.29 -9.88 -10.21
CA LEU C 590 5.07 -10.14 -11.42
C LEU C 590 6.12 -11.23 -11.20
#